data_2MNI
#
_entry.id   2MNI
#
_entity_poly.entity_id   1
_entity_poly.type   'polypeptide(L)'
_entity_poly.pdbx_seq_one_letter_code
;GSAMGHMPAVDVEIHFPLKRIAAEGYAEDELLLNQMGKVNDTPEEEGMPLRAWVIKCAHEALEKNPKIREVYLKPRAVKN
SSVQFHVIFDEE
;
_entity_poly.pdbx_strand_id   A
#
# COMPACT_ATOMS: atom_id res chain seq x y z
N GLY A 1 -20.42 -16.09 -8.71
CA GLY A 1 -21.45 -17.07 -9.11
C GLY A 1 -21.31 -18.37 -8.37
N SER A 2 -22.02 -19.39 -8.83
CA SER A 2 -22.00 -20.70 -8.18
C SER A 2 -20.81 -21.54 -8.66
N ALA A 3 -19.62 -20.94 -8.62
CA ALA A 3 -18.41 -21.62 -9.03
C ALA A 3 -17.23 -21.12 -8.21
N MET A 4 -17.16 -21.58 -6.97
CA MET A 4 -16.15 -21.11 -6.04
C MET A 4 -14.82 -21.85 -6.24
N GLY A 5 -14.27 -21.73 -7.43
CA GLY A 5 -12.99 -22.34 -7.71
C GLY A 5 -11.86 -21.54 -7.10
N HIS A 6 -11.40 -20.52 -7.82
CA HIS A 6 -10.40 -19.60 -7.31
C HIS A 6 -10.61 -18.22 -7.90
N MET A 7 -10.48 -17.20 -7.06
CA MET A 7 -10.57 -15.83 -7.54
C MET A 7 -9.17 -15.24 -7.64
N PRO A 8 -8.64 -15.10 -8.86
CA PRO A 8 -7.26 -14.68 -9.10
C PRO A 8 -7.02 -13.20 -8.82
N ALA A 9 -8.08 -12.45 -8.58
CA ALA A 9 -7.96 -11.04 -8.29
C ALA A 9 -7.69 -10.83 -6.81
N VAL A 10 -6.47 -10.42 -6.50
CA VAL A 10 -6.06 -10.23 -5.13
C VAL A 10 -6.02 -8.76 -4.76
N ASP A 11 -6.84 -8.40 -3.79
CA ASP A 11 -6.83 -7.04 -3.27
C ASP A 11 -6.24 -7.04 -1.87
N VAL A 12 -5.15 -6.33 -1.68
CA VAL A 12 -4.52 -6.24 -0.37
C VAL A 12 -4.66 -4.83 0.17
N GLU A 13 -5.32 -4.69 1.31
CA GLU A 13 -5.62 -3.38 1.85
C GLU A 13 -4.64 -3.02 2.95
N ILE A 14 -3.82 -2.03 2.66
CA ILE A 14 -2.83 -1.57 3.62
C ILE A 14 -3.36 -0.34 4.35
N HIS A 15 -2.91 -0.14 5.58
CA HIS A 15 -3.35 1.01 6.35
C HIS A 15 -2.17 1.87 6.76
N PHE A 16 -2.25 3.15 6.44
CA PHE A 16 -1.20 4.10 6.78
C PHE A 16 -1.74 5.16 7.74
N PRO A 17 -1.09 5.36 8.89
CA PRO A 17 -1.41 6.48 9.78
C PRO A 17 -1.22 7.81 9.06
N LEU A 18 -2.34 8.46 8.75
CA LEU A 18 -2.38 9.67 7.94
C LEU A 18 -1.39 10.73 8.44
N LYS A 19 -1.23 10.81 9.76
CA LYS A 19 -0.36 11.83 10.34
C LYS A 19 1.11 11.55 10.04
N ARG A 20 1.50 10.29 10.07
CA ARG A 20 2.91 9.92 9.96
C ARG A 20 3.33 9.79 8.50
N ILE A 21 2.42 9.29 7.67
CA ILE A 21 2.72 9.17 6.24
C ILE A 21 2.87 10.55 5.63
N ALA A 22 2.28 11.55 6.28
CA ALA A 22 2.36 12.93 5.84
C ALA A 22 3.47 13.68 6.56
N ALA A 23 4.47 12.95 7.05
CA ALA A 23 5.56 13.55 7.78
C ALA A 23 6.89 12.97 7.34
N GLU A 24 7.97 13.58 7.81
CA GLU A 24 9.31 13.08 7.55
C GLU A 24 9.78 12.32 8.78
N GLY A 25 10.39 11.18 8.56
CA GLY A 25 10.67 10.27 9.66
C GLY A 25 9.54 9.27 9.82
N TYR A 26 8.85 9.03 8.71
CA TYR A 26 7.69 8.14 8.69
C TYR A 26 8.08 6.71 9.04
N ALA A 27 9.33 6.34 8.73
CA ALA A 27 9.81 4.98 8.96
C ALA A 27 10.00 4.71 10.46
N GLU A 28 9.79 5.73 11.28
CA GLU A 28 9.86 5.57 12.72
C GLU A 28 8.48 5.26 13.30
N ASP A 29 7.45 5.36 12.47
CA ASP A 29 6.10 5.03 12.92
C ASP A 29 5.90 3.53 12.90
N GLU A 30 5.69 2.99 14.09
CA GLU A 30 5.72 1.56 14.30
C GLU A 30 4.60 0.89 13.53
N LEU A 31 3.48 1.60 13.42
CA LEU A 31 2.34 1.09 12.71
C LEU A 31 2.61 1.01 11.22
N LEU A 32 3.24 2.04 10.69
CA LEU A 32 3.48 2.12 9.28
C LEU A 32 4.41 0.99 8.87
N LEU A 33 5.38 0.75 9.72
CA LEU A 33 6.34 -0.30 9.50
C LEU A 33 5.70 -1.68 9.69
N ASN A 34 4.91 -1.84 10.74
CA ASN A 34 4.32 -3.15 11.05
C ASN A 34 3.18 -3.48 10.08
N GLN A 35 2.53 -2.45 9.54
CA GLN A 35 1.45 -2.66 8.57
C GLN A 35 2.04 -3.09 7.23
N MET A 36 3.09 -2.39 6.82
CA MET A 36 3.76 -2.74 5.58
C MET A 36 4.56 -4.02 5.76
N GLY A 37 5.03 -4.26 6.98
CA GLY A 37 5.70 -5.51 7.29
C GLY A 37 4.74 -6.67 7.31
N LYS A 38 3.48 -6.37 7.63
CA LYS A 38 2.41 -7.35 7.61
C LYS A 38 2.16 -7.82 6.18
N VAL A 39 2.18 -6.88 5.25
CA VAL A 39 2.10 -7.23 3.84
C VAL A 39 3.45 -6.99 3.16
N ASN A 40 4.38 -7.90 3.39
CA ASN A 40 5.72 -7.71 2.89
C ASN A 40 6.43 -9.02 2.60
N ASP A 41 6.01 -10.08 3.27
CA ASP A 41 6.71 -11.36 3.12
C ASP A 41 6.11 -12.18 1.99
N THR A 42 4.82 -12.04 1.78
CA THR A 42 4.14 -12.73 0.69
C THR A 42 3.04 -11.84 0.09
N PRO A 43 3.43 -10.70 -0.50
CA PRO A 43 2.50 -9.73 -1.06
C PRO A 43 2.22 -9.95 -2.55
N GLU A 44 2.61 -11.12 -3.06
CA GLU A 44 2.36 -11.52 -4.45
C GLU A 44 3.31 -10.80 -5.43
N GLU A 45 3.58 -9.53 -5.20
CA GLU A 45 4.51 -8.80 -6.07
C GLU A 45 5.96 -9.03 -5.62
N GLU A 46 6.58 -8.04 -4.97
CA GLU A 46 7.95 -8.18 -4.50
C GLU A 46 7.97 -8.47 -2.99
N GLY A 47 8.04 -7.40 -2.21
CA GLY A 47 8.09 -7.54 -0.77
C GLY A 47 8.56 -6.27 -0.11
N MET A 48 9.75 -6.32 0.47
CA MET A 48 10.34 -5.16 1.11
C MET A 48 10.50 -4.00 0.11
N PRO A 49 10.98 -4.24 -1.12
CA PRO A 49 11.06 -3.20 -2.15
C PRO A 49 9.71 -2.58 -2.44
N LEU A 50 8.68 -3.40 -2.52
CA LEU A 50 7.34 -2.90 -2.78
C LEU A 50 6.91 -1.95 -1.67
N ARG A 51 7.23 -2.31 -0.43
CA ARG A 51 6.98 -1.42 0.70
C ARG A 51 7.62 -0.06 0.47
N ALA A 52 8.87 -0.07 0.03
CA ALA A 52 9.58 1.16 -0.26
C ALA A 52 8.85 2.00 -1.32
N TRP A 53 8.46 1.39 -2.43
CA TRP A 53 7.81 2.15 -3.50
C TRP A 53 6.40 2.56 -3.12
N VAL A 54 5.68 1.65 -2.46
CA VAL A 54 4.31 1.92 -2.03
C VAL A 54 4.29 3.09 -1.06
N ILE A 55 5.13 3.02 -0.03
CA ILE A 55 5.22 4.09 0.95
C ILE A 55 5.58 5.42 0.28
N LYS A 56 6.53 5.39 -0.65
CA LYS A 56 6.91 6.61 -1.37
C LYS A 56 5.74 7.15 -2.20
N CYS A 57 5.12 6.28 -2.98
CA CYS A 57 4.01 6.67 -3.84
C CYS A 57 2.84 7.20 -3.02
N ALA A 58 2.49 6.50 -1.95
CA ALA A 58 1.40 6.91 -1.08
C ALA A 58 1.74 8.22 -0.38
N HIS A 59 3.00 8.37 0.02
CA HIS A 59 3.48 9.58 0.67
C HIS A 59 3.24 10.78 -0.25
N GLU A 60 3.70 10.67 -1.47
CA GLU A 60 3.57 11.75 -2.44
C GLU A 60 2.11 11.93 -2.86
N ALA A 61 1.40 10.82 -3.04
CA ALA A 61 0.00 10.87 -3.42
C ALA A 61 -0.83 11.64 -2.39
N LEU A 62 -0.56 11.41 -1.12
CA LEU A 62 -1.26 12.09 -0.06
C LEU A 62 -0.87 13.56 0.00
N GLU A 63 0.42 13.84 -0.09
CA GLU A 63 0.94 15.20 0.08
C GLU A 63 0.50 16.12 -1.06
N LYS A 64 0.36 15.58 -2.26
CA LYS A 64 0.03 16.42 -3.42
C LYS A 64 -1.47 16.73 -3.47
N ASN A 65 -2.25 15.88 -2.81
CA ASN A 65 -3.68 16.12 -2.67
C ASN A 65 -4.13 15.70 -1.26
N PRO A 66 -3.71 16.45 -0.24
CA PRO A 66 -3.86 16.06 1.17
C PRO A 66 -5.26 16.29 1.71
N LYS A 67 -6.25 15.80 0.98
CA LYS A 67 -7.65 15.90 1.37
C LYS A 67 -8.38 14.61 1.00
N ILE A 68 -7.63 13.53 0.96
CA ILE A 68 -8.18 12.24 0.57
C ILE A 68 -8.27 11.29 1.75
N ARG A 69 -8.61 10.05 1.44
CA ARG A 69 -8.86 9.04 2.47
C ARG A 69 -8.12 7.75 2.17
N GLU A 70 -8.07 7.37 0.90
CA GLU A 70 -7.44 6.13 0.49
C GLU A 70 -7.18 6.11 -1.01
N VAL A 71 -6.22 5.30 -1.43
CA VAL A 71 -5.87 5.18 -2.83
C VAL A 71 -5.70 3.71 -3.20
N TYR A 72 -5.86 3.41 -4.47
CA TYR A 72 -5.63 2.06 -4.96
C TYR A 72 -4.39 2.03 -5.83
N LEU A 73 -3.44 1.20 -5.44
CA LEU A 73 -2.15 1.17 -6.09
C LEU A 73 -1.98 -0.07 -6.96
N LYS A 74 -1.42 0.15 -8.14
CA LYS A 74 -1.11 -0.91 -9.07
C LYS A 74 0.38 -1.21 -9.00
N PRO A 75 0.74 -2.44 -8.60
CA PRO A 75 2.13 -2.91 -8.57
C PRO A 75 2.94 -2.46 -9.77
N ARG A 76 4.16 -2.00 -9.51
CA ARG A 76 5.08 -1.58 -10.56
C ARG A 76 5.39 -2.76 -11.45
N ALA A 77 5.28 -3.96 -10.89
CA ALA A 77 5.31 -5.18 -11.66
C ALA A 77 3.91 -5.42 -12.22
N VAL A 78 3.51 -4.55 -13.14
CA VAL A 78 2.16 -4.57 -13.71
C VAL A 78 1.86 -5.93 -14.36
N LYS A 79 2.92 -6.63 -14.73
CA LYS A 79 2.81 -7.95 -15.34
C LYS A 79 2.13 -8.94 -14.37
N ASN A 80 2.22 -8.63 -13.08
CA ASN A 80 1.62 -9.46 -12.04
C ASN A 80 0.08 -9.43 -12.16
N SER A 81 -0.40 -8.41 -12.87
CA SER A 81 -1.79 -8.31 -13.33
C SER A 81 -2.83 -8.24 -12.19
N SER A 82 -3.42 -9.37 -11.83
CA SER A 82 -4.60 -9.40 -10.96
C SER A 82 -4.23 -9.20 -9.49
N VAL A 83 -3.52 -8.13 -9.22
CA VAL A 83 -3.12 -7.79 -7.86
C VAL A 83 -3.19 -6.27 -7.68
N GLN A 84 -3.76 -5.82 -6.57
CA GLN A 84 -3.83 -4.40 -6.25
C GLN A 84 -3.56 -4.16 -4.79
N PHE A 85 -2.92 -3.05 -4.49
CA PHE A 85 -2.71 -2.64 -3.11
C PHE A 85 -3.60 -1.46 -2.79
N HIS A 86 -4.50 -1.66 -1.86
CA HIS A 86 -5.44 -0.62 -1.48
C HIS A 86 -4.93 0.08 -0.23
N VAL A 87 -4.36 1.27 -0.40
CA VAL A 87 -3.74 1.99 0.70
C VAL A 87 -4.76 2.91 1.34
N ILE A 88 -5.12 2.59 2.56
CA ILE A 88 -6.10 3.35 3.30
C ILE A 88 -5.41 4.21 4.35
N PHE A 89 -5.88 5.44 4.50
CA PHE A 89 -5.27 6.38 5.41
C PHE A 89 -6.07 6.50 6.70
N ASP A 90 -5.54 5.92 7.77
CA ASP A 90 -6.20 5.93 9.07
C ASP A 90 -5.77 7.14 9.87
N GLU A 91 -6.72 7.80 10.51
CA GLU A 91 -6.41 8.90 11.39
C GLU A 91 -6.18 8.38 12.79
N GLU A 92 -4.95 8.48 13.25
CA GLU A 92 -4.56 7.94 14.54
C GLU A 92 -4.11 9.07 15.45
N GLY A 1 -18.54 -22.81 -19.42
CA GLY A 1 -18.66 -21.64 -20.32
C GLY A 1 -17.76 -20.51 -19.88
N SER A 2 -18.13 -19.28 -20.24
CA SER A 2 -17.40 -18.08 -19.86
C SER A 2 -16.09 -17.93 -20.65
N ALA A 3 -15.27 -18.98 -20.66
CA ALA A 3 -13.98 -18.95 -21.34
C ALA A 3 -13.13 -17.79 -20.85
N MET A 4 -12.93 -17.74 -19.55
CA MET A 4 -12.15 -16.68 -18.93
C MET A 4 -11.06 -17.28 -18.06
N GLY A 5 -9.93 -16.60 -17.98
CA GLY A 5 -8.83 -17.08 -17.19
C GLY A 5 -9.11 -16.92 -15.71
N HIS A 6 -9.04 -18.02 -14.97
CA HIS A 6 -9.32 -18.00 -13.54
C HIS A 6 -8.13 -17.43 -12.77
N MET A 7 -7.83 -16.18 -13.04
CA MET A 7 -6.77 -15.46 -12.35
C MET A 7 -7.37 -14.41 -11.44
N PRO A 8 -7.65 -14.78 -10.18
CA PRO A 8 -8.34 -13.92 -9.22
C PRO A 8 -7.60 -12.62 -8.95
N ALA A 9 -8.33 -11.52 -8.99
CA ALA A 9 -7.74 -10.21 -8.73
C ALA A 9 -7.71 -9.95 -7.23
N VAL A 10 -6.53 -9.99 -6.65
CA VAL A 10 -6.38 -9.86 -5.22
C VAL A 10 -6.06 -8.42 -4.83
N ASP A 11 -6.93 -7.83 -4.05
CA ASP A 11 -6.68 -6.51 -3.50
C ASP A 11 -6.22 -6.62 -2.05
N VAL A 12 -5.02 -6.15 -1.81
CA VAL A 12 -4.40 -6.21 -0.48
C VAL A 12 -4.65 -4.91 0.26
N GLU A 13 -4.94 -5.00 1.55
CA GLU A 13 -5.24 -3.82 2.32
C GLU A 13 -4.00 -3.28 2.96
N ILE A 14 -3.80 -1.99 2.81
CA ILE A 14 -2.70 -1.32 3.48
C ILE A 14 -3.26 -0.11 4.21
N HIS A 15 -2.88 0.07 5.46
CA HIS A 15 -3.41 1.16 6.24
C HIS A 15 -2.29 2.08 6.71
N PHE A 16 -2.43 3.36 6.41
CA PHE A 16 -1.45 4.36 6.80
C PHE A 16 -2.14 5.50 7.53
N PRO A 17 -1.83 5.70 8.82
CA PRO A 17 -2.40 6.80 9.61
C PRO A 17 -2.02 8.17 9.02
N LEU A 18 -3.07 8.92 8.69
CA LEU A 18 -3.01 10.15 7.92
C LEU A 18 -1.86 11.08 8.32
N LYS A 19 -1.66 11.27 9.62
CA LYS A 19 -0.71 12.26 10.10
C LYS A 19 0.73 11.78 9.96
N ARG A 20 0.97 10.52 10.22
CA ARG A 20 2.35 10.02 10.27
C ARG A 20 2.84 9.57 8.91
N ILE A 21 1.93 9.17 8.04
CA ILE A 21 2.29 8.82 6.67
C ILE A 21 2.67 10.07 5.90
N ALA A 22 2.18 11.22 6.37
CA ALA A 22 2.51 12.50 5.77
C ALA A 22 3.86 13.01 6.26
N ALA A 23 4.37 12.36 7.30
CA ALA A 23 5.63 12.77 7.90
C ALA A 23 6.81 12.37 7.02
N GLU A 24 7.80 13.25 6.97
CA GLU A 24 8.98 13.03 6.14
C GLU A 24 9.87 11.94 6.74
N GLY A 25 9.67 11.69 8.02
CA GLY A 25 10.33 10.57 8.66
C GLY A 25 9.38 9.39 8.80
N TYR A 26 8.82 8.97 7.67
CA TYR A 26 7.84 7.89 7.65
C TYR A 26 8.49 6.56 8.01
N ALA A 27 9.70 6.32 7.51
CA ALA A 27 10.43 5.09 7.80
C ALA A 27 11.01 5.16 9.21
N GLU A 28 10.11 5.26 10.17
CA GLU A 28 10.46 5.44 11.57
C GLU A 28 9.29 4.99 12.44
N ASP A 29 8.09 5.21 11.94
CA ASP A 29 6.87 4.86 12.66
C ASP A 29 6.64 3.36 12.63
N GLU A 30 6.61 2.75 13.81
CA GLU A 30 6.58 1.31 13.95
C GLU A 30 5.27 0.76 13.38
N LEU A 31 4.20 1.52 13.54
CA LEU A 31 2.91 1.14 13.00
C LEU A 31 2.99 0.99 11.50
N LEU A 32 3.67 1.93 10.87
CA LEU A 32 3.81 1.97 9.44
C LEU A 32 4.61 0.75 8.97
N LEU A 33 5.66 0.45 9.73
CA LEU A 33 6.54 -0.66 9.41
C LEU A 33 5.84 -1.99 9.66
N ASN A 34 5.16 -2.10 10.79
CA ASN A 34 4.47 -3.33 11.17
C ASN A 34 3.39 -3.69 10.16
N GLN A 35 2.71 -2.69 9.66
CA GLN A 35 1.63 -2.93 8.68
C GLN A 35 2.22 -3.31 7.33
N MET A 36 3.28 -2.62 6.93
CA MET A 36 3.97 -2.97 5.70
C MET A 36 5.03 -4.04 5.95
N GLY A 37 4.96 -4.63 7.13
CA GLY A 37 5.67 -5.87 7.41
C GLY A 37 4.70 -7.02 7.41
N LYS A 38 3.45 -6.70 7.73
CA LYS A 38 2.34 -7.62 7.64
C LYS A 38 2.14 -8.04 6.19
N VAL A 39 1.81 -7.08 5.34
CA VAL A 39 1.62 -7.33 3.93
C VAL A 39 2.92 -7.04 3.17
N ASN A 40 3.89 -7.91 3.37
CA ASN A 40 5.26 -7.61 2.98
C ASN A 40 6.01 -8.87 2.54
N ASP A 41 5.86 -9.94 3.30
CA ASP A 41 6.65 -11.13 3.08
C ASP A 41 6.15 -11.91 1.87
N THR A 42 4.84 -11.98 1.72
CA THR A 42 4.21 -12.62 0.57
C THR A 42 3.20 -11.70 -0.09
N PRO A 43 3.66 -10.61 -0.74
CA PRO A 43 2.80 -9.62 -1.35
C PRO A 43 2.63 -9.82 -2.86
N GLU A 44 2.82 -11.06 -3.30
CA GLU A 44 2.66 -11.45 -4.70
C GLU A 44 3.81 -10.96 -5.58
N GLU A 45 4.28 -9.73 -5.33
CA GLU A 45 5.43 -9.20 -6.05
C GLU A 45 6.75 -9.63 -5.41
N GLU A 46 7.21 -8.82 -4.46
CA GLU A 46 8.53 -8.99 -3.88
C GLU A 46 8.47 -8.91 -2.35
N GLY A 47 8.55 -7.70 -1.82
CA GLY A 47 8.49 -7.52 -0.39
C GLY A 47 9.10 -6.20 0.07
N MET A 48 10.42 -6.14 0.12
CA MET A 48 11.11 -4.97 0.62
C MET A 48 10.84 -3.73 -0.25
N PRO A 49 10.96 -3.84 -1.58
CA PRO A 49 10.64 -2.74 -2.48
C PRO A 49 9.15 -2.48 -2.48
N LEU A 50 8.40 -3.51 -2.13
CA LEU A 50 6.94 -3.44 -2.06
C LEU A 50 6.49 -2.40 -1.06
N ARG A 51 7.07 -2.44 0.13
CA ARG A 51 6.75 -1.44 1.12
C ARG A 51 7.41 -0.12 0.80
N ALA A 52 8.64 -0.17 0.30
CA ALA A 52 9.35 1.04 -0.07
C ALA A 52 8.58 1.83 -1.13
N TRP A 53 8.12 1.15 -2.18
CA TRP A 53 7.44 1.83 -3.27
C TRP A 53 6.05 2.27 -2.85
N VAL A 54 5.33 1.39 -2.15
CA VAL A 54 3.95 1.67 -1.80
C VAL A 54 3.85 2.77 -0.75
N ILE A 55 4.74 2.74 0.25
CA ILE A 55 4.78 3.75 1.28
C ILE A 55 5.19 5.10 0.68
N LYS A 56 6.23 5.08 -0.14
CA LYS A 56 6.75 6.30 -0.74
C LYS A 56 5.71 6.95 -1.66
N CYS A 57 5.11 6.16 -2.52
CA CYS A 57 4.11 6.67 -3.47
C CYS A 57 2.88 7.19 -2.75
N ALA A 58 2.41 6.46 -1.74
CA ALA A 58 1.27 6.88 -0.96
C ALA A 58 1.56 8.19 -0.23
N HIS A 59 2.79 8.29 0.29
CA HIS A 59 3.24 9.49 0.97
C HIS A 59 3.20 10.69 0.03
N GLU A 60 3.81 10.54 -1.13
CA GLU A 60 3.87 11.62 -2.12
C GLU A 60 2.46 12.01 -2.57
N ALA A 61 1.63 11.00 -2.81
CA ALA A 61 0.26 11.22 -3.27
C ALA A 61 -0.55 11.96 -2.22
N LEU A 62 -0.42 11.56 -0.96
CA LEU A 62 -1.18 12.15 0.12
C LEU A 62 -0.85 13.62 0.30
N GLU A 63 0.44 13.95 0.33
CA GLU A 63 0.85 15.34 0.54
C GLU A 63 0.53 16.19 -0.69
N LYS A 64 0.49 15.57 -1.85
CA LYS A 64 0.14 16.27 -3.09
C LYS A 64 -1.31 16.73 -3.03
N ASN A 65 -2.17 15.89 -2.49
CA ASN A 65 -3.58 16.22 -2.31
C ASN A 65 -4.05 15.78 -0.93
N PRO A 66 -3.64 16.52 0.12
CA PRO A 66 -3.92 16.15 1.52
C PRO A 66 -5.36 16.43 1.91
N LYS A 67 -6.28 15.84 1.15
CA LYS A 67 -7.70 16.02 1.35
C LYS A 67 -8.40 14.66 1.34
N ILE A 68 -7.63 13.64 1.01
CA ILE A 68 -8.17 12.30 0.75
C ILE A 68 -8.16 11.44 2.00
N ARG A 69 -8.55 10.18 1.81
CA ARG A 69 -8.60 9.23 2.90
C ARG A 69 -8.17 7.82 2.44
N GLU A 70 -8.02 7.64 1.13
CA GLU A 70 -7.44 6.40 0.61
C GLU A 70 -7.06 6.56 -0.87
N VAL A 71 -6.08 5.79 -1.31
CA VAL A 71 -5.68 5.76 -2.71
C VAL A 71 -5.65 4.33 -3.22
N TYR A 72 -5.80 4.18 -4.53
CA TYR A 72 -5.80 2.86 -5.13
C TYR A 72 -4.56 2.68 -5.97
N LEU A 73 -3.73 1.73 -5.55
CA LEU A 73 -2.44 1.51 -6.17
C LEU A 73 -2.35 0.12 -6.76
N LYS A 74 -1.64 0.00 -7.86
CA LYS A 74 -1.34 -1.30 -8.41
C LYS A 74 0.15 -1.53 -8.45
N PRO A 75 0.58 -2.70 -7.96
CA PRO A 75 1.95 -3.21 -8.02
C PRO A 75 2.81 -2.69 -9.17
N ARG A 76 4.05 -2.38 -8.81
CA ARG A 76 5.05 -1.89 -9.74
C ARG A 76 5.23 -2.85 -10.90
N ALA A 77 5.31 -4.13 -10.58
CA ALA A 77 5.37 -5.16 -11.60
C ALA A 77 3.99 -5.35 -12.21
N VAL A 78 3.67 -4.51 -13.17
CA VAL A 78 2.38 -4.56 -13.86
C VAL A 78 2.15 -5.94 -14.50
N LYS A 79 3.24 -6.66 -14.74
CA LYS A 79 3.17 -8.01 -15.30
C LYS A 79 2.47 -8.96 -14.33
N ASN A 80 2.50 -8.63 -13.05
CA ASN A 80 1.92 -9.47 -12.00
C ASN A 80 0.40 -9.59 -12.17
N SER A 81 -0.18 -8.60 -12.88
CA SER A 81 -1.55 -8.66 -13.39
C SER A 81 -2.62 -8.62 -12.29
N SER A 82 -3.04 -9.80 -11.81
CA SER A 82 -4.23 -9.91 -10.96
C SER A 82 -3.95 -9.53 -9.50
N VAL A 83 -3.33 -8.39 -9.31
CA VAL A 83 -3.00 -7.91 -7.98
C VAL A 83 -3.16 -6.40 -7.89
N GLN A 84 -3.76 -5.93 -6.80
CA GLN A 84 -3.90 -4.50 -6.56
C GLN A 84 -3.83 -4.20 -5.07
N PHE A 85 -3.43 -2.99 -4.73
CA PHE A 85 -3.29 -2.58 -3.34
C PHE A 85 -4.25 -1.45 -3.00
N HIS A 86 -4.90 -1.58 -1.86
CA HIS A 86 -5.77 -0.53 -1.37
C HIS A 86 -5.10 0.18 -0.20
N VAL A 87 -4.57 1.37 -0.46
CA VAL A 87 -3.93 2.13 0.60
C VAL A 87 -4.93 3.05 1.25
N ILE A 88 -5.25 2.75 2.49
CA ILE A 88 -6.24 3.49 3.24
C ILE A 88 -5.56 4.36 4.27
N PHE A 89 -6.03 5.58 4.40
CA PHE A 89 -5.44 6.53 5.32
C PHE A 89 -6.30 6.65 6.58
N ASP A 90 -5.80 6.11 7.67
CA ASP A 90 -6.52 6.17 8.93
C ASP A 90 -6.39 7.57 9.52
N GLU A 91 -7.51 8.24 9.74
CA GLU A 91 -7.48 9.62 10.17
C GLU A 91 -7.29 9.70 11.68
N GLU A 92 -6.16 10.27 12.08
CA GLU A 92 -5.83 10.42 13.47
C GLU A 92 -5.77 11.91 13.81
N GLY A 1 -8.98 -27.39 -21.38
CA GLY A 1 -9.68 -26.93 -20.15
C GLY A 1 -8.75 -26.88 -18.96
N SER A 2 -8.91 -27.83 -18.04
CA SER A 2 -8.07 -27.97 -16.85
C SER A 2 -8.31 -26.85 -15.83
N ALA A 3 -8.20 -25.60 -16.25
CA ALA A 3 -8.36 -24.45 -15.37
C ALA A 3 -7.34 -24.51 -14.22
N MET A 4 -6.07 -24.51 -14.60
CA MET A 4 -4.97 -24.56 -13.65
C MET A 4 -4.57 -23.15 -13.23
N GLY A 5 -4.89 -22.18 -14.06
CA GLY A 5 -4.60 -20.81 -13.75
C GLY A 5 -5.80 -20.10 -13.17
N HIS A 6 -6.25 -19.04 -13.84
CA HIS A 6 -7.44 -18.30 -13.44
C HIS A 6 -7.29 -17.81 -12.00
N MET A 7 -6.19 -17.12 -11.72
CA MET A 7 -5.95 -16.59 -10.38
C MET A 7 -6.89 -15.42 -10.11
N PRO A 8 -7.71 -15.53 -9.05
CA PRO A 8 -8.59 -14.44 -8.64
C PRO A 8 -7.80 -13.18 -8.29
N ALA A 9 -8.44 -12.03 -8.45
CA ALA A 9 -7.77 -10.77 -8.19
C ALA A 9 -7.82 -10.43 -6.71
N VAL A 10 -6.65 -10.43 -6.09
CA VAL A 10 -6.54 -10.20 -4.66
C VAL A 10 -6.28 -8.73 -4.35
N ASP A 11 -6.92 -8.25 -3.30
CA ASP A 11 -6.73 -6.88 -2.85
C ASP A 11 -5.93 -6.89 -1.56
N VAL A 12 -4.77 -6.27 -1.59
CA VAL A 12 -3.98 -6.13 -0.38
C VAL A 12 -4.24 -4.75 0.21
N GLU A 13 -4.79 -4.70 1.41
CA GLU A 13 -5.18 -3.43 1.98
C GLU A 13 -4.18 -3.01 3.04
N ILE A 14 -3.46 -1.96 2.74
CA ILE A 14 -2.47 -1.42 3.65
C ILE A 14 -2.98 -0.11 4.22
N HIS A 15 -3.05 -0.01 5.54
CA HIS A 15 -3.61 1.17 6.17
C HIS A 15 -2.51 2.08 6.69
N PHE A 16 -2.40 3.24 6.07
CA PHE A 16 -1.37 4.20 6.46
C PHE A 16 -1.96 5.29 7.34
N PRO A 17 -1.33 5.55 8.50
CA PRO A 17 -1.75 6.64 9.37
C PRO A 17 -1.46 8.00 8.72
N LEU A 18 -2.53 8.70 8.37
CA LEU A 18 -2.46 9.94 7.59
C LEU A 18 -1.48 10.95 8.17
N LYS A 19 -1.43 11.03 9.50
CA LYS A 19 -0.57 12.00 10.16
C LYS A 19 0.90 11.65 10.01
N ARG A 20 1.22 10.36 10.00
CA ARG A 20 2.61 9.93 9.98
C ARG A 20 3.09 9.68 8.55
N ILE A 21 2.18 9.26 7.67
CA ILE A 21 2.53 9.06 6.27
C ILE A 21 2.88 10.39 5.62
N ALA A 22 2.34 11.46 6.19
CA ALA A 22 2.66 12.81 5.74
C ALA A 22 4.07 13.18 6.16
N ALA A 23 4.48 12.68 7.32
CA ALA A 23 5.79 12.98 7.88
C ALA A 23 6.88 12.24 7.13
N GLU A 24 8.06 12.84 7.04
CA GLU A 24 9.16 12.23 6.32
C GLU A 24 9.90 11.26 7.24
N GLY A 25 9.74 11.46 8.53
CA GLY A 25 10.29 10.53 9.50
C GLY A 25 9.29 9.44 9.81
N TYR A 26 8.70 8.88 8.77
CA TYR A 26 7.62 7.90 8.92
C TYR A 26 8.14 6.56 9.43
N ALA A 27 9.46 6.39 9.38
CA ALA A 27 10.09 5.14 9.81
C ALA A 27 9.99 4.96 11.32
N GLU A 28 9.61 6.02 12.02
CA GLU A 28 9.48 5.97 13.47
C GLU A 28 8.08 5.56 13.88
N ASP A 29 7.19 5.42 12.89
CA ASP A 29 5.81 5.04 13.16
C ASP A 29 5.63 3.54 13.07
N GLU A 30 5.46 2.92 14.23
CA GLU A 30 5.36 1.47 14.32
C GLU A 30 4.17 0.94 13.55
N LEU A 31 3.11 1.73 13.49
CA LEU A 31 1.92 1.34 12.75
C LEU A 31 2.26 1.09 11.30
N LEU A 32 3.01 1.99 10.72
CA LEU A 32 3.31 1.94 9.33
C LEU A 32 4.27 0.80 9.04
N LEU A 33 5.23 0.66 9.92
CA LEU A 33 6.28 -0.34 9.76
C LEU A 33 5.74 -1.76 9.95
N ASN A 34 4.92 -1.96 10.99
CA ASN A 34 4.42 -3.30 11.29
C ASN A 34 3.39 -3.74 10.25
N GLN A 35 2.60 -2.80 9.74
CA GLN A 35 1.63 -3.13 8.72
C GLN A 35 2.35 -3.46 7.41
N MET A 36 3.42 -2.72 7.13
CA MET A 36 4.24 -2.98 5.97
C MET A 36 5.30 -4.04 6.29
N GLY A 37 5.22 -4.61 7.48
CA GLY A 37 5.95 -5.82 7.78
C GLY A 37 5.06 -7.03 7.63
N LYS A 38 3.77 -6.83 7.87
CA LYS A 38 2.77 -7.89 7.75
C LYS A 38 2.43 -8.20 6.29
N VAL A 39 1.73 -7.28 5.64
CA VAL A 39 1.16 -7.52 4.31
C VAL A 39 2.18 -7.19 3.23
N ASN A 40 3.43 -7.44 3.55
CA ASN A 40 4.54 -7.06 2.70
C ASN A 40 5.59 -8.16 2.63
N ASP A 41 5.41 -9.18 3.46
CA ASP A 41 6.36 -10.28 3.50
C ASP A 41 6.18 -11.17 2.28
N THR A 42 4.95 -11.24 1.82
CA THR A 42 4.63 -12.02 0.65
C THR A 42 3.64 -11.28 -0.24
N PRO A 43 4.07 -10.16 -0.85
CA PRO A 43 3.22 -9.33 -1.69
C PRO A 43 3.22 -9.77 -3.15
N GLU A 44 3.85 -10.93 -3.41
CA GLU A 44 3.96 -11.52 -4.75
C GLU A 44 4.92 -10.75 -5.65
N GLU A 45 4.73 -9.44 -5.72
CA GLU A 45 5.55 -8.59 -6.58
C GLU A 45 7.02 -8.59 -6.13
N GLU A 46 7.28 -7.97 -4.98
CA GLU A 46 8.61 -7.95 -4.39
C GLU A 46 8.49 -8.23 -2.90
N GLY A 47 9.11 -7.40 -2.09
CA GLY A 47 8.84 -7.41 -0.66
C GLY A 47 9.14 -6.06 -0.06
N MET A 48 10.34 -5.92 0.47
CA MET A 48 10.79 -4.64 1.02
C MET A 48 10.64 -3.48 0.02
N PRO A 49 10.98 -3.66 -1.28
CA PRO A 49 10.88 -2.58 -2.26
C PRO A 49 9.42 -2.27 -2.57
N LEU A 50 8.57 -3.29 -2.43
CA LEU A 50 7.13 -3.12 -2.54
C LEU A 50 6.69 -2.10 -1.50
N ARG A 51 7.21 -2.26 -0.29
CA ARG A 51 6.96 -1.32 0.79
C ARG A 51 7.47 0.07 0.42
N ALA A 52 8.70 0.12 -0.06
CA ALA A 52 9.36 1.37 -0.37
C ALA A 52 8.59 2.16 -1.43
N TRP A 53 8.21 1.51 -2.53
CA TRP A 53 7.54 2.22 -3.61
C TRP A 53 6.10 2.55 -3.25
N VAL A 54 5.45 1.64 -2.55
CA VAL A 54 4.08 1.85 -2.10
C VAL A 54 4.00 3.01 -1.11
N ILE A 55 4.84 2.97 -0.08
CA ILE A 55 4.92 4.05 0.89
C ILE A 55 5.30 5.36 0.20
N LYS A 56 6.21 5.28 -0.76
CA LYS A 56 6.64 6.47 -1.49
C LYS A 56 5.49 7.06 -2.30
N CYS A 57 4.81 6.21 -3.07
CA CYS A 57 3.71 6.66 -3.92
C CYS A 57 2.58 7.24 -3.07
N ALA A 58 2.23 6.53 -2.01
CA ALA A 58 1.18 6.99 -1.10
C ALA A 58 1.59 8.30 -0.44
N HIS A 59 2.88 8.41 -0.11
CA HIS A 59 3.40 9.62 0.49
C HIS A 59 3.25 10.79 -0.46
N GLU A 60 3.60 10.58 -1.72
CA GLU A 60 3.49 11.62 -2.74
C GLU A 60 2.04 12.05 -2.92
N ALA A 61 1.15 11.07 -3.05
CA ALA A 61 -0.27 11.34 -3.24
C ALA A 61 -0.86 12.09 -2.03
N LEU A 62 -0.50 11.63 -0.84
CA LEU A 62 -1.06 12.16 0.40
C LEU A 62 -0.47 13.53 0.73
N GLU A 63 0.79 13.75 0.46
CA GLU A 63 1.40 15.03 0.79
C GLU A 63 1.11 16.08 -0.29
N LYS A 64 0.87 15.65 -1.50
CA LYS A 64 0.57 16.58 -2.58
C LYS A 64 -0.91 16.93 -2.49
N ASN A 65 -1.67 15.91 -2.14
CA ASN A 65 -3.09 16.07 -1.88
C ASN A 65 -3.43 15.37 -0.56
N PRO A 66 -3.35 16.11 0.55
CA PRO A 66 -3.59 15.56 1.88
C PRO A 66 -5.07 15.63 2.25
N LYS A 67 -5.90 15.51 1.22
CA LYS A 67 -7.35 15.56 1.39
C LYS A 67 -8.00 14.25 0.94
N ILE A 68 -7.18 13.23 0.71
CA ILE A 68 -7.68 11.90 0.42
C ILE A 68 -7.71 11.06 1.68
N ARG A 69 -8.41 9.93 1.63
CA ARG A 69 -8.45 9.02 2.75
C ARG A 69 -8.11 7.60 2.32
N GLU A 70 -7.90 7.40 1.01
CA GLU A 70 -7.40 6.15 0.49
C GLU A 70 -6.98 6.28 -0.97
N VAL A 71 -6.09 5.38 -1.42
CA VAL A 71 -5.67 5.36 -2.82
C VAL A 71 -5.65 3.93 -3.37
N TYR A 72 -5.76 3.81 -4.67
CA TYR A 72 -5.72 2.51 -5.34
C TYR A 72 -4.43 2.35 -6.13
N LEU A 73 -3.65 1.36 -5.73
CA LEU A 73 -2.36 1.14 -6.35
C LEU A 73 -2.33 -0.15 -7.17
N LYS A 74 -1.66 -0.08 -8.29
CA LYS A 74 -1.42 -1.23 -9.13
C LYS A 74 0.08 -1.47 -9.21
N PRO A 75 0.53 -2.68 -8.84
CA PRO A 75 1.94 -3.08 -8.87
C PRO A 75 2.71 -2.55 -10.08
N ARG A 76 3.97 -2.22 -9.85
CA ARG A 76 4.86 -1.78 -10.91
C ARG A 76 5.09 -2.93 -11.86
N ALA A 77 5.04 -4.13 -11.31
CA ALA A 77 5.03 -5.34 -12.11
C ALA A 77 3.61 -5.56 -12.62
N VAL A 78 3.26 -4.78 -13.64
CA VAL A 78 1.92 -4.83 -14.24
C VAL A 78 1.58 -6.24 -14.72
N LYS A 79 2.63 -7.00 -15.01
CA LYS A 79 2.50 -8.39 -15.45
C LYS A 79 1.73 -9.23 -14.42
N ASN A 80 1.74 -8.79 -13.17
CA ASN A 80 1.10 -9.54 -12.08
C ASN A 80 -0.40 -9.65 -12.30
N SER A 81 -0.98 -8.59 -12.85
CA SER A 81 -2.38 -8.56 -13.25
C SER A 81 -3.36 -8.68 -12.07
N SER A 82 -3.51 -9.90 -11.55
CA SER A 82 -4.60 -10.21 -10.61
C SER A 82 -4.23 -9.90 -9.15
N VAL A 83 -3.48 -8.83 -8.93
CA VAL A 83 -3.19 -8.36 -7.58
C VAL A 83 -3.23 -6.84 -7.54
N GLN A 84 -3.95 -6.30 -6.58
CA GLN A 84 -4.07 -4.86 -6.43
C GLN A 84 -3.74 -4.45 -5.00
N PHE A 85 -3.23 -3.25 -4.83
CA PHE A 85 -2.94 -2.72 -3.52
C PHE A 85 -3.88 -1.57 -3.18
N HIS A 86 -4.57 -1.72 -2.07
CA HIS A 86 -5.52 -0.72 -1.64
C HIS A 86 -5.00 -0.05 -0.37
N VAL A 87 -4.46 1.14 -0.51
CA VAL A 87 -3.90 1.84 0.63
C VAL A 87 -4.91 2.80 1.21
N ILE A 88 -5.33 2.51 2.42
CA ILE A 88 -6.30 3.33 3.12
C ILE A 88 -5.59 4.22 4.13
N PHE A 89 -6.04 5.45 4.25
CA PHE A 89 -5.43 6.41 5.14
C PHE A 89 -6.25 6.59 6.40
N ASP A 90 -5.74 6.07 7.50
CA ASP A 90 -6.38 6.27 8.80
C ASP A 90 -5.72 7.45 9.49
N GLU A 91 -6.48 8.50 9.74
CA GLU A 91 -5.88 9.69 10.32
C GLU A 91 -5.91 9.63 11.84
N GLU A 92 -4.73 9.57 12.42
CA GLU A 92 -4.55 9.53 13.86
C GLU A 92 -3.37 10.40 14.25
N GLY A 1 -17.45 -23.32 -14.24
CA GLY A 1 -16.42 -22.59 -15.02
C GLY A 1 -15.19 -22.26 -14.19
N SER A 2 -15.38 -21.43 -13.17
CA SER A 2 -14.27 -20.99 -12.34
C SER A 2 -13.94 -22.03 -11.26
N ALA A 3 -13.40 -23.16 -11.70
CA ALA A 3 -13.02 -24.24 -10.79
C ALA A 3 -11.78 -23.86 -10.01
N MET A 4 -10.77 -23.39 -10.73
CA MET A 4 -9.56 -22.88 -10.11
C MET A 4 -9.54 -21.36 -10.21
N GLY A 5 -10.64 -20.82 -10.70
CA GLY A 5 -10.73 -19.40 -10.95
C GLY A 5 -10.36 -19.09 -12.38
N HIS A 6 -10.57 -17.85 -12.78
CA HIS A 6 -10.19 -17.42 -14.12
C HIS A 6 -9.74 -15.96 -14.08
N MET A 7 -10.34 -15.21 -13.17
CA MET A 7 -9.93 -13.83 -12.91
C MET A 7 -9.74 -13.62 -11.41
N PRO A 8 -8.70 -14.21 -10.81
CA PRO A 8 -8.44 -14.14 -9.38
C PRO A 8 -7.79 -12.83 -8.99
N ALA A 9 -8.59 -11.78 -8.92
CA ALA A 9 -8.08 -10.45 -8.59
C ALA A 9 -7.98 -10.28 -7.09
N VAL A 10 -6.75 -10.24 -6.60
CA VAL A 10 -6.49 -10.08 -5.18
C VAL A 10 -6.13 -8.64 -4.87
N ASP A 11 -6.92 -7.98 -4.04
CA ASP A 11 -6.63 -6.62 -3.67
C ASP A 11 -6.30 -6.55 -2.18
N VAL A 12 -5.10 -6.06 -1.89
CA VAL A 12 -4.61 -5.96 -0.53
C VAL A 12 -4.93 -4.60 0.07
N GLU A 13 -5.32 -4.57 1.33
CA GLU A 13 -5.61 -3.31 2.00
C GLU A 13 -4.48 -2.95 2.97
N ILE A 14 -3.77 -1.89 2.64
CA ILE A 14 -2.71 -1.39 3.50
C ILE A 14 -3.22 -0.15 4.24
N HIS A 15 -2.70 0.13 5.42
CA HIS A 15 -3.15 1.29 6.19
C HIS A 15 -1.96 2.11 6.66
N PHE A 16 -2.12 3.43 6.65
CA PHE A 16 -1.10 4.33 7.17
C PHE A 16 -1.76 5.50 7.90
N PRO A 17 -1.28 5.83 9.12
CA PRO A 17 -1.75 7.01 9.86
C PRO A 17 -1.54 8.30 9.06
N LEU A 18 -2.68 8.91 8.71
CA LEU A 18 -2.75 10.12 7.88
C LEU A 18 -1.69 11.15 8.29
N LYS A 19 -1.62 11.45 9.57
CA LYS A 19 -0.75 12.50 10.07
C LYS A 19 0.72 12.08 10.14
N ARG A 20 0.99 10.77 10.13
CA ARG A 20 2.36 10.31 10.29
C ARG A 20 2.99 9.93 8.96
N ILE A 21 2.21 9.37 8.03
CA ILE A 21 2.70 9.05 6.70
C ILE A 21 2.95 10.34 5.92
N ALA A 22 2.24 11.40 6.31
CA ALA A 22 2.41 12.70 5.69
C ALA A 22 3.65 13.41 6.22
N ALA A 23 4.20 12.87 7.30
CA ALA A 23 5.35 13.49 7.95
C ALA A 23 6.65 13.06 7.28
N GLU A 24 7.75 13.69 7.66
CA GLU A 24 9.04 13.39 7.07
C GLU A 24 9.52 12.03 7.56
N GLY A 25 9.52 11.87 8.88
CA GLY A 25 9.94 10.62 9.46
C GLY A 25 8.83 9.59 9.48
N TYR A 26 8.48 9.08 8.31
CA TYR A 26 7.43 8.08 8.20
C TYR A 26 7.82 6.79 8.90
N ALA A 27 9.11 6.44 8.84
CA ALA A 27 9.60 5.20 9.44
C ALA A 27 9.73 5.34 10.95
N GLU A 28 9.29 6.47 11.48
CA GLU A 28 9.27 6.69 12.92
C GLU A 28 8.02 6.03 13.51
N ASP A 29 7.01 5.89 12.66
CA ASP A 29 5.75 5.28 13.06
C ASP A 29 5.90 3.77 13.16
N GLU A 30 5.77 3.26 14.38
CA GLU A 30 5.99 1.86 14.65
C GLU A 30 4.96 1.03 13.90
N LEU A 31 3.77 1.58 13.77
CA LEU A 31 2.68 0.94 13.07
C LEU A 31 3.05 0.72 11.61
N LEU A 32 3.70 1.71 11.02
CA LEU A 32 4.15 1.64 9.64
C LEU A 32 5.01 0.41 9.45
N LEU A 33 5.89 0.19 10.41
CA LEU A 33 6.78 -0.95 10.41
C LEU A 33 6.00 -2.26 10.53
N ASN A 34 5.07 -2.31 11.48
CA ASN A 34 4.29 -3.52 11.72
C ASN A 34 3.38 -3.82 10.54
N GLN A 35 2.77 -2.78 10.00
CA GLN A 35 1.82 -2.93 8.90
C GLN A 35 2.52 -3.43 7.64
N MET A 36 3.67 -2.85 7.33
CA MET A 36 4.41 -3.22 6.14
C MET A 36 5.34 -4.39 6.41
N GLY A 37 5.35 -4.86 7.66
CA GLY A 37 5.97 -6.14 7.95
C GLY A 37 4.92 -7.24 7.90
N LYS A 38 3.68 -6.82 8.17
CA LYS A 38 2.52 -7.68 8.12
C LYS A 38 2.27 -8.18 6.71
N VAL A 39 1.91 -7.27 5.82
CA VAL A 39 1.64 -7.63 4.45
C VAL A 39 2.75 -7.12 3.54
N ASN A 40 3.69 -8.01 3.22
CA ASN A 40 4.89 -7.60 2.50
C ASN A 40 5.77 -8.80 2.19
N ASP A 41 5.67 -9.84 3.01
CA ASP A 41 6.52 -11.01 2.87
C ASP A 41 6.27 -11.71 1.54
N THR A 42 5.01 -11.85 1.18
CA THR A 42 4.63 -12.46 -0.07
C THR A 42 3.38 -11.79 -0.64
N PRO A 43 3.52 -10.57 -1.16
CA PRO A 43 2.40 -9.80 -1.68
C PRO A 43 2.18 -10.03 -3.17
N GLU A 44 2.69 -11.16 -3.67
CA GLU A 44 2.56 -11.60 -5.06
C GLU A 44 3.40 -10.74 -6.02
N GLU A 45 3.48 -9.44 -5.77
CA GLU A 45 4.29 -8.53 -6.60
C GLU A 45 5.76 -8.59 -6.18
N GLU A 46 6.18 -7.67 -5.32
CA GLU A 46 7.55 -7.61 -4.91
C GLU A 46 7.68 -7.93 -3.41
N GLY A 47 8.00 -6.95 -2.58
CA GLY A 47 8.03 -7.20 -1.14
C GLY A 47 8.68 -6.07 -0.37
N MET A 48 9.90 -6.32 0.11
CA MET A 48 10.70 -5.30 0.77
C MET A 48 10.76 -4.00 -0.07
N PRO A 49 11.06 -4.10 -1.37
CA PRO A 49 11.04 -2.94 -2.24
C PRO A 49 9.64 -2.34 -2.27
N LEU A 50 8.60 -3.19 -2.19
CA LEU A 50 7.23 -2.70 -2.14
C LEU A 50 6.98 -1.80 -0.95
N ARG A 51 7.44 -2.15 0.24
CA ARG A 51 7.18 -1.29 1.39
C ARG A 51 7.85 0.05 1.19
N ALA A 52 9.04 0.06 0.63
CA ALA A 52 9.65 1.33 0.23
C ALA A 52 8.80 2.01 -0.87
N TRP A 53 8.40 1.18 -1.82
CA TRP A 53 7.64 1.59 -3.00
C TRP A 53 6.27 2.19 -2.66
N VAL A 54 5.48 1.51 -1.85
CA VAL A 54 4.17 1.98 -1.46
C VAL A 54 4.27 3.13 -0.46
N ILE A 55 5.14 3.03 0.54
CA ILE A 55 5.28 4.11 1.51
C ILE A 55 5.67 5.41 0.81
N LYS A 56 6.54 5.31 -0.19
CA LYS A 56 6.88 6.47 -0.99
C LYS A 56 5.69 6.90 -1.86
N CYS A 57 5.08 5.94 -2.57
CA CYS A 57 3.98 6.25 -3.46
C CYS A 57 2.82 6.89 -2.70
N ALA A 58 2.49 6.33 -1.54
CA ALA A 58 1.44 6.86 -0.68
C ALA A 58 1.82 8.24 -0.15
N HIS A 59 3.07 8.40 0.26
CA HIS A 59 3.56 9.65 0.81
C HIS A 59 3.44 10.78 -0.22
N GLU A 60 3.91 10.50 -1.43
CA GLU A 60 3.85 11.47 -2.52
C GLU A 60 2.41 11.78 -2.89
N ALA A 61 1.59 10.74 -2.97
CA ALA A 61 0.20 10.87 -3.36
C ALA A 61 -0.58 11.69 -2.36
N LEU A 62 -0.35 11.43 -1.08
CA LEU A 62 -1.08 12.10 -0.02
C LEU A 62 -0.70 13.57 0.05
N GLU A 63 0.59 13.86 0.06
CA GLU A 63 1.06 15.24 0.20
C GLU A 63 0.61 16.10 -0.97
N LYS A 64 0.38 15.47 -2.11
CA LYS A 64 -0.07 16.17 -3.31
C LYS A 64 -1.52 16.63 -3.15
N ASN A 65 -2.29 15.83 -2.44
CA ASN A 65 -3.70 16.11 -2.20
C ASN A 65 -4.12 15.52 -0.85
N PRO A 66 -3.68 16.16 0.25
CA PRO A 66 -3.79 15.62 1.61
C PRO A 66 -5.20 15.74 2.20
N LYS A 67 -6.20 15.66 1.33
CA LYS A 67 -7.58 15.71 1.74
C LYS A 67 -8.31 14.45 1.27
N ILE A 68 -7.52 13.43 0.97
CA ILE A 68 -8.06 12.14 0.56
C ILE A 68 -8.15 11.19 1.74
N ARG A 69 -8.51 9.95 1.45
CA ARG A 69 -8.72 8.97 2.49
C ARG A 69 -7.97 7.67 2.17
N GLU A 70 -7.76 7.42 0.88
CA GLU A 70 -6.99 6.28 0.45
C GLU A 70 -6.59 6.43 -1.02
N VAL A 71 -5.70 5.56 -1.47
CA VAL A 71 -5.25 5.55 -2.85
C VAL A 71 -5.02 4.11 -3.26
N TYR A 72 -5.13 3.80 -4.54
CA TYR A 72 -4.94 2.43 -4.97
C TYR A 72 -3.66 2.29 -5.79
N LEU A 73 -2.89 1.27 -5.43
CA LEU A 73 -1.64 0.97 -6.09
C LEU A 73 -1.76 -0.27 -6.94
N LYS A 74 -1.08 -0.26 -8.06
CA LYS A 74 -1.02 -1.42 -8.93
C LYS A 74 0.44 -1.67 -9.27
N PRO A 75 0.93 -2.87 -8.96
CA PRO A 75 2.31 -3.32 -9.18
C PRO A 75 3.00 -2.75 -10.41
N ARG A 76 4.28 -2.45 -10.22
CA ARG A 76 5.15 -1.98 -11.29
C ARG A 76 5.18 -3.01 -12.39
N ALA A 77 5.16 -4.28 -11.98
CA ALA A 77 5.06 -5.37 -12.92
C ALA A 77 3.61 -5.61 -13.26
N VAL A 78 3.12 -4.86 -14.24
CA VAL A 78 1.76 -5.02 -14.74
C VAL A 78 1.52 -6.44 -15.26
N LYS A 79 2.60 -7.19 -15.39
CA LYS A 79 2.56 -8.59 -15.77
C LYS A 79 1.75 -9.40 -14.76
N ASN A 80 1.80 -8.96 -13.49
CA ASN A 80 1.21 -9.72 -12.40
C ASN A 80 -0.29 -9.83 -12.57
N SER A 81 -0.89 -8.75 -13.07
CA SER A 81 -2.30 -8.72 -13.46
C SER A 81 -3.26 -8.80 -12.26
N SER A 82 -3.17 -9.87 -11.48
CA SER A 82 -4.18 -10.20 -10.48
C SER A 82 -4.08 -9.37 -9.21
N VAL A 83 -2.88 -9.01 -8.79
CA VAL A 83 -2.69 -8.39 -7.49
C VAL A 83 -2.81 -6.85 -7.56
N GLN A 84 -3.59 -6.30 -6.63
CA GLN A 84 -3.74 -4.86 -6.48
C GLN A 84 -3.53 -4.47 -5.02
N PHE A 85 -3.27 -3.19 -4.78
CA PHE A 85 -3.11 -2.70 -3.42
C PHE A 85 -4.01 -1.49 -3.20
N HIS A 86 -4.67 -1.46 -2.06
CA HIS A 86 -5.41 -0.29 -1.64
C HIS A 86 -4.71 0.31 -0.44
N VAL A 87 -4.12 1.48 -0.60
CA VAL A 87 -3.46 2.13 0.50
C VAL A 87 -4.43 3.05 1.19
N ILE A 88 -4.82 2.68 2.38
CA ILE A 88 -5.82 3.39 3.12
C ILE A 88 -5.16 4.28 4.17
N PHE A 89 -5.65 5.49 4.29
CA PHE A 89 -5.09 6.44 5.21
C PHE A 89 -5.97 6.54 6.45
N ASP A 90 -5.45 6.06 7.56
CA ASP A 90 -6.18 6.14 8.82
C ASP A 90 -6.08 7.53 9.36
N GLU A 91 -7.20 8.22 9.42
CA GLU A 91 -7.19 9.57 9.94
C GLU A 91 -7.42 9.56 11.43
N GLU A 92 -6.37 9.90 12.15
CA GLU A 92 -6.45 10.15 13.58
C GLU A 92 -6.64 11.63 13.82
N GLY A 1 -21.65 -21.07 -13.46
CA GLY A 1 -21.59 -20.16 -14.62
C GLY A 1 -20.18 -19.67 -14.91
N SER A 2 -20.07 -18.47 -15.45
CA SER A 2 -18.77 -17.92 -15.81
C SER A 2 -18.05 -17.33 -14.58
N ALA A 3 -18.60 -16.25 -14.04
CA ALA A 3 -17.94 -15.56 -12.94
C ALA A 3 -18.91 -15.27 -11.79
N MET A 4 -19.78 -14.29 -12.00
CA MET A 4 -20.71 -13.83 -10.96
C MET A 4 -19.94 -13.35 -9.74
N GLY A 5 -19.23 -12.25 -9.89
CA GLY A 5 -18.47 -11.68 -8.79
C GLY A 5 -17.23 -12.49 -8.49
N HIS A 6 -16.58 -13.01 -9.53
CA HIS A 6 -15.41 -13.84 -9.37
C HIS A 6 -14.39 -13.55 -10.46
N MET A 7 -13.25 -13.01 -10.07
CA MET A 7 -12.19 -12.67 -11.01
C MET A 7 -10.85 -12.68 -10.29
N PRO A 8 -9.73 -12.87 -11.02
CA PRO A 8 -8.38 -12.94 -10.43
C PRO A 8 -7.84 -11.58 -9.99
N ALA A 9 -8.70 -10.78 -9.37
CA ALA A 9 -8.30 -9.48 -8.88
C ALA A 9 -8.24 -9.49 -7.36
N VAL A 10 -7.06 -9.28 -6.83
CA VAL A 10 -6.85 -9.37 -5.39
C VAL A 10 -6.46 -8.03 -4.81
N ASP A 11 -7.29 -7.52 -3.90
CA ASP A 11 -7.01 -6.26 -3.23
C ASP A 11 -6.30 -6.53 -1.91
N VAL A 12 -5.08 -6.03 -1.78
CA VAL A 12 -4.36 -6.10 -0.52
C VAL A 12 -4.35 -4.72 0.11
N GLU A 13 -4.90 -4.61 1.30
CA GLU A 13 -5.17 -3.30 1.87
C GLU A 13 -4.11 -2.93 2.88
N ILE A 14 -3.42 -1.84 2.61
CA ILE A 14 -2.43 -1.33 3.52
C ILE A 14 -3.03 -0.14 4.27
N HIS A 15 -2.87 -0.12 5.59
CA HIS A 15 -3.42 0.97 6.40
C HIS A 15 -2.31 1.81 6.99
N PHE A 16 -2.20 3.04 6.53
CA PHE A 16 -1.19 3.95 7.02
C PHE A 16 -1.82 5.01 7.93
N PRO A 17 -1.05 5.57 8.87
CA PRO A 17 -1.55 6.61 9.75
C PRO A 17 -1.53 7.98 9.09
N LEU A 18 -2.71 8.55 8.86
CA LEU A 18 -2.89 9.76 8.05
C LEU A 18 -1.85 10.83 8.36
N LYS A 19 -1.64 11.13 9.63
CA LYS A 19 -0.79 12.24 10.01
C LYS A 19 0.70 11.92 9.82
N ARG A 20 1.07 10.65 10.01
CA ARG A 20 2.48 10.30 10.03
C ARG A 20 2.96 9.77 8.68
N ILE A 21 2.04 9.30 7.84
CA ILE A 21 2.41 8.95 6.47
C ILE A 21 2.68 10.23 5.66
N ALA A 22 2.02 11.31 6.07
CA ALA A 22 2.25 12.62 5.47
C ALA A 22 3.55 13.22 6.00
N ALA A 23 4.11 12.58 7.01
CA ALA A 23 5.28 13.07 7.69
C ALA A 23 6.56 12.57 7.02
N GLU A 24 7.63 13.32 7.21
CA GLU A 24 8.91 13.01 6.62
C GLU A 24 9.68 12.01 7.46
N GLY A 25 9.22 11.82 8.70
CA GLY A 25 9.77 10.81 9.57
C GLY A 25 8.88 9.60 9.63
N TYR A 26 8.39 9.18 8.47
CA TYR A 26 7.47 8.05 8.37
C TYR A 26 8.09 6.76 8.91
N ALA A 27 9.42 6.68 8.83
CA ALA A 27 10.14 5.48 9.27
C ALA A 27 10.07 5.30 10.78
N GLU A 28 9.66 6.35 11.48
CA GLU A 28 9.56 6.31 12.94
C GLU A 28 8.24 5.64 13.36
N ASP A 29 7.29 5.58 12.44
CA ASP A 29 5.95 5.12 12.78
C ASP A 29 5.86 3.60 12.74
N GLU A 30 5.73 2.99 13.92
CA GLU A 30 5.70 1.54 14.04
C GLU A 30 4.47 0.99 13.35
N LEU A 31 3.42 1.78 13.33
CA LEU A 31 2.17 1.40 12.73
C LEU A 31 2.39 1.19 11.23
N LEU A 32 3.20 2.07 10.65
CA LEU A 32 3.61 1.99 9.27
C LEU A 32 4.39 0.69 9.06
N LEU A 33 5.27 0.43 10.02
CA LEU A 33 6.13 -0.74 10.01
C LEU A 33 5.29 -2.02 10.10
N ASN A 34 4.32 -2.01 11.00
CA ASN A 34 3.45 -3.18 11.20
C ASN A 34 2.73 -3.55 9.90
N GLN A 35 2.22 -2.55 9.19
CA GLN A 35 1.53 -2.81 7.94
C GLN A 35 2.49 -3.31 6.87
N MET A 36 3.63 -2.66 6.75
CA MET A 36 4.60 -3.02 5.74
C MET A 36 5.57 -4.06 6.26
N GLY A 37 5.23 -4.65 7.38
CA GLY A 37 5.89 -5.84 7.84
C GLY A 37 5.05 -7.05 7.49
N LYS A 38 3.73 -6.88 7.64
CA LYS A 38 2.78 -7.90 7.27
C LYS A 38 2.82 -8.17 5.76
N VAL A 39 2.43 -7.18 4.96
CA VAL A 39 2.39 -7.37 3.52
C VAL A 39 3.73 -6.96 2.90
N ASN A 40 4.76 -7.74 3.18
CA ASN A 40 6.09 -7.41 2.71
C ASN A 40 7.00 -8.62 2.67
N ASP A 41 6.45 -9.81 2.86
CA ASP A 41 7.24 -11.02 2.81
C ASP A 41 6.75 -11.91 1.67
N THR A 42 5.44 -11.92 1.46
CA THR A 42 4.83 -12.68 0.38
C THR A 42 3.67 -11.91 -0.26
N PRO A 43 3.93 -10.72 -0.80
CA PRO A 43 2.90 -9.84 -1.34
C PRO A 43 2.70 -9.99 -2.83
N GLU A 44 2.94 -11.21 -3.35
CA GLU A 44 2.79 -11.53 -4.77
C GLU A 44 3.92 -10.92 -5.61
N GLU A 45 4.19 -9.64 -5.36
CA GLU A 45 5.24 -8.92 -6.06
C GLU A 45 6.62 -9.25 -5.51
N GLU A 46 7.10 -8.46 -4.54
CA GLU A 46 8.44 -8.64 -3.99
C GLU A 46 8.41 -8.68 -2.47
N GLY A 47 8.57 -7.51 -1.85
CA GLY A 47 8.54 -7.45 -0.40
C GLY A 47 9.08 -6.13 0.13
N MET A 48 10.31 -6.14 0.62
CA MET A 48 10.91 -4.94 1.19
C MET A 48 10.86 -3.75 0.23
N PRO A 49 11.21 -3.93 -1.07
CA PRO A 49 11.12 -2.85 -2.06
C PRO A 49 9.68 -2.37 -2.21
N LEU A 50 8.75 -3.28 -1.99
CA LEU A 50 7.33 -2.94 -2.01
C LEU A 50 7.03 -1.88 -0.98
N ARG A 51 7.56 -2.08 0.21
CA ARG A 51 7.39 -1.12 1.28
C ARG A 51 7.97 0.22 0.89
N ALA A 52 9.19 0.19 0.38
CA ALA A 52 9.87 1.41 -0.03
C ALA A 52 9.08 2.12 -1.14
N TRP A 53 8.68 1.39 -2.18
CA TRP A 53 8.00 2.02 -3.31
C TRP A 53 6.59 2.43 -2.94
N VAL A 54 5.88 1.56 -2.20
CA VAL A 54 4.49 1.81 -1.88
C VAL A 54 4.36 2.98 -0.89
N ILE A 55 5.22 3.00 0.12
CA ILE A 55 5.23 4.10 1.08
C ILE A 55 5.58 5.42 0.41
N LYS A 56 6.62 5.43 -0.42
CA LYS A 56 7.04 6.66 -1.08
C LYS A 56 5.99 7.16 -2.08
N CYS A 57 5.41 6.24 -2.84
CA CYS A 57 4.37 6.61 -3.80
C CYS A 57 3.13 7.13 -3.10
N ALA A 58 2.70 6.43 -2.05
CA ALA A 58 1.56 6.87 -1.25
C ALA A 58 1.86 8.18 -0.54
N HIS A 59 3.10 8.35 -0.11
CA HIS A 59 3.54 9.59 0.53
C HIS A 59 3.35 10.77 -0.42
N GLU A 60 3.82 10.60 -1.64
CA GLU A 60 3.69 11.64 -2.67
C GLU A 60 2.23 11.88 -3.02
N ALA A 61 1.47 10.79 -3.13
CA ALA A 61 0.05 10.85 -3.50
C ALA A 61 -0.75 11.58 -2.42
N LEU A 62 -0.44 11.30 -1.17
CA LEU A 62 -1.15 11.90 -0.06
C LEU A 62 -0.83 13.38 0.05
N GLU A 63 0.44 13.74 -0.01
CA GLU A 63 0.86 15.13 0.13
C GLU A 63 0.35 15.99 -1.01
N LYS A 64 0.12 15.37 -2.16
CA LYS A 64 -0.43 16.08 -3.31
C LYS A 64 -1.81 16.62 -2.98
N ASN A 65 -2.59 15.80 -2.29
CA ASN A 65 -3.94 16.18 -1.89
C ASN A 65 -4.19 15.68 -0.47
N PRO A 66 -3.62 16.36 0.53
CA PRO A 66 -3.63 15.91 1.93
C PRO A 66 -5.00 16.11 2.59
N LYS A 67 -6.02 15.68 1.89
CA LYS A 67 -7.40 15.74 2.36
C LYS A 67 -8.14 14.46 1.98
N ILE A 68 -7.41 13.54 1.38
CA ILE A 68 -7.98 12.26 0.98
C ILE A 68 -7.94 11.27 2.13
N ARG A 69 -8.42 10.07 1.87
CA ARG A 69 -8.53 9.06 2.92
C ARG A 69 -8.02 7.71 2.45
N GLU A 70 -7.93 7.49 1.15
CA GLU A 70 -7.40 6.25 0.60
C GLU A 70 -7.07 6.38 -0.87
N VAL A 71 -6.15 5.54 -1.33
CA VAL A 71 -5.68 5.54 -2.71
C VAL A 71 -5.81 4.14 -3.29
N TYR A 72 -5.98 4.05 -4.61
CA TYR A 72 -6.04 2.77 -5.28
C TYR A 72 -4.79 2.60 -6.12
N LEU A 73 -4.02 1.61 -5.75
CA LEU A 73 -2.68 1.48 -6.26
C LEU A 73 -2.44 0.09 -6.85
N LYS A 74 -1.69 0.03 -7.94
CA LYS A 74 -1.40 -1.23 -8.60
C LYS A 74 0.12 -1.37 -8.77
N PRO A 75 0.70 -2.50 -8.30
CA PRO A 75 2.16 -2.71 -8.28
C PRO A 75 2.82 -2.73 -9.65
N ARG A 76 4.14 -2.74 -9.66
CA ARG A 76 4.91 -2.50 -10.87
C ARG A 76 4.73 -3.63 -11.87
N ALA A 77 5.10 -4.84 -11.48
CA ALA A 77 5.10 -5.98 -12.38
C ALA A 77 3.74 -6.20 -13.00
N VAL A 78 3.68 -6.09 -14.30
CA VAL A 78 2.44 -6.32 -15.04
C VAL A 78 2.13 -7.82 -15.08
N LYS A 79 3.08 -8.62 -14.65
CA LYS A 79 2.94 -10.08 -14.63
C LYS A 79 1.76 -10.53 -13.78
N ASN A 80 1.54 -9.87 -12.65
CA ASN A 80 0.45 -10.25 -11.75
C ASN A 80 -0.90 -9.82 -12.32
N SER A 81 -0.89 -8.77 -13.14
CA SER A 81 -2.06 -8.33 -13.90
C SER A 81 -3.10 -7.63 -13.02
N SER A 82 -3.70 -8.37 -12.09
CA SER A 82 -4.84 -7.84 -11.36
C SER A 82 -4.68 -7.92 -9.84
N VAL A 83 -3.44 -7.89 -9.36
CA VAL A 83 -3.23 -7.70 -7.92
C VAL A 83 -3.10 -6.21 -7.65
N GLN A 84 -3.76 -5.74 -6.62
CA GLN A 84 -3.77 -4.32 -6.33
C GLN A 84 -3.55 -4.07 -4.85
N PHE A 85 -2.99 -2.92 -4.55
CA PHE A 85 -2.81 -2.51 -3.18
C PHE A 85 -3.76 -1.38 -2.86
N HIS A 86 -4.63 -1.64 -1.91
CA HIS A 86 -5.61 -0.67 -1.49
C HIS A 86 -5.04 0.11 -0.31
N VAL A 87 -4.58 1.31 -0.57
CA VAL A 87 -3.90 2.08 0.45
C VAL A 87 -4.91 2.94 1.18
N ILE A 88 -5.13 2.63 2.44
CA ILE A 88 -6.11 3.35 3.23
C ILE A 88 -5.44 4.12 4.34
N PHE A 89 -5.92 5.33 4.57
CA PHE A 89 -5.31 6.22 5.52
C PHE A 89 -6.17 6.36 6.77
N ASP A 90 -5.74 5.75 7.87
CA ASP A 90 -6.46 5.87 9.13
C ASP A 90 -5.99 7.10 9.88
N GLU A 91 -6.94 7.94 10.28
CA GLU A 91 -6.62 9.15 11.01
C GLU A 91 -6.44 8.83 12.49
N GLU A 92 -5.24 9.01 12.98
CA GLU A 92 -4.97 8.82 14.40
C GLU A 92 -5.08 10.15 15.12
N GLY A 1 -21.87 -15.84 -23.36
CA GLY A 1 -20.42 -15.58 -23.26
C GLY A 1 -19.78 -16.35 -22.13
N SER A 2 -18.90 -17.28 -22.47
CA SER A 2 -18.26 -18.12 -21.48
C SER A 2 -17.13 -17.38 -20.78
N ALA A 3 -17.20 -17.33 -19.46
CA ALA A 3 -16.14 -16.74 -18.66
C ALA A 3 -15.54 -17.81 -17.76
N MET A 4 -16.41 -18.64 -17.17
CA MET A 4 -15.98 -19.78 -16.37
C MET A 4 -15.04 -19.34 -15.25
N GLY A 5 -15.59 -18.66 -14.26
CA GLY A 5 -14.78 -18.13 -13.19
C GLY A 5 -14.22 -16.77 -13.54
N HIS A 6 -13.38 -16.23 -12.66
CA HIS A 6 -12.78 -14.93 -12.89
C HIS A 6 -11.33 -14.93 -12.46
N MET A 7 -10.52 -14.13 -13.13
CA MET A 7 -9.12 -13.97 -12.75
C MET A 7 -9.05 -13.33 -11.36
N PRO A 8 -8.47 -14.06 -10.39
CA PRO A 8 -8.47 -13.63 -8.98
C PRO A 8 -7.68 -12.35 -8.75
N ALA A 9 -8.38 -11.23 -8.72
CA ALA A 9 -7.76 -9.95 -8.43
C ALA A 9 -7.71 -9.75 -6.92
N VAL A 10 -6.51 -9.73 -6.38
CA VAL A 10 -6.33 -9.65 -4.95
C VAL A 10 -6.04 -8.23 -4.51
N ASP A 11 -6.90 -7.67 -3.67
CA ASP A 11 -6.69 -6.35 -3.11
C ASP A 11 -5.89 -6.45 -1.82
N VAL A 12 -4.71 -5.84 -1.82
CA VAL A 12 -3.88 -5.79 -0.63
C VAL A 12 -4.20 -4.52 0.15
N GLU A 13 -4.66 -4.67 1.37
CA GLU A 13 -5.10 -3.52 2.15
C GLU A 13 -4.01 -3.08 3.10
N ILE A 14 -3.46 -1.92 2.84
CA ILE A 14 -2.42 -1.38 3.68
C ILE A 14 -2.97 -0.16 4.40
N HIS A 15 -2.91 -0.17 5.72
CA HIS A 15 -3.46 0.93 6.51
C HIS A 15 -2.36 1.87 6.96
N PHE A 16 -2.39 3.08 6.41
CA PHE A 16 -1.45 4.11 6.79
C PHE A 16 -2.18 5.21 7.54
N PRO A 17 -1.84 5.42 8.82
CA PRO A 17 -2.37 6.53 9.60
C PRO A 17 -1.99 7.88 9.01
N LEU A 18 -3.03 8.63 8.65
CA LEU A 18 -2.95 9.88 7.88
C LEU A 18 -1.79 10.78 8.33
N LYS A 19 -1.64 10.95 9.64
CA LYS A 19 -0.69 11.94 10.15
C LYS A 19 0.75 11.50 9.95
N ARG A 20 1.05 10.22 10.23
CA ARG A 20 2.44 9.77 10.23
C ARG A 20 2.93 9.45 8.83
N ILE A 21 2.01 9.04 7.96
CA ILE A 21 2.37 8.76 6.57
C ILE A 21 2.57 10.08 5.82
N ALA A 22 2.05 11.16 6.39
CA ALA A 22 2.24 12.49 5.83
C ALA A 22 3.59 13.06 6.26
N ALA A 23 4.18 12.42 7.26
CA ALA A 23 5.44 12.89 7.83
C ALA A 23 6.61 12.34 7.04
N GLU A 24 7.73 13.03 7.14
CA GLU A 24 8.94 12.66 6.39
C GLU A 24 9.71 11.59 7.13
N GLY A 25 9.36 11.39 8.40
CA GLY A 25 9.88 10.28 9.15
C GLY A 25 8.89 9.13 9.15
N TYR A 26 8.60 8.63 7.96
CA TYR A 26 7.59 7.61 7.79
C TYR A 26 8.15 6.22 8.10
N ALA A 27 9.37 5.96 7.63
CA ALA A 27 9.96 4.64 7.75
C ALA A 27 10.45 4.37 9.17
N GLU A 28 10.35 5.38 10.02
CA GLU A 28 10.78 5.24 11.40
C GLU A 28 9.58 5.18 12.34
N ASP A 29 8.39 5.05 11.77
CA ASP A 29 7.19 4.90 12.57
C ASP A 29 6.81 3.43 12.72
N GLU A 30 6.79 2.98 13.97
CA GLU A 30 6.63 1.57 14.29
C GLU A 30 5.29 1.03 13.79
N LEU A 31 4.28 1.89 13.77
CA LEU A 31 2.96 1.50 13.29
C LEU A 31 2.98 1.24 11.80
N LEU A 32 3.65 2.11 11.08
CA LEU A 32 3.70 2.06 9.66
C LEU A 32 4.53 0.87 9.22
N LEU A 33 5.58 0.59 9.99
CA LEU A 33 6.49 -0.50 9.69
C LEU A 33 5.82 -1.86 9.94
N ASN A 34 5.16 -2.02 11.08
CA ASN A 34 4.60 -3.33 11.42
C ASN A 34 3.40 -3.64 10.54
N GLN A 35 2.61 -2.63 10.20
CA GLN A 35 1.47 -2.82 9.31
C GLN A 35 1.93 -3.21 7.92
N MET A 36 2.93 -2.49 7.42
CA MET A 36 3.47 -2.78 6.11
C MET A 36 4.65 -3.74 6.22
N GLY A 37 4.76 -4.39 7.37
CA GLY A 37 5.60 -5.56 7.49
C GLY A 37 4.74 -6.80 7.55
N LYS A 38 3.56 -6.63 8.13
CA LYS A 38 2.55 -7.67 8.18
C LYS A 38 2.11 -8.06 6.78
N VAL A 39 1.53 -7.11 6.06
CA VAL A 39 1.01 -7.40 4.74
C VAL A 39 2.05 -7.04 3.66
N ASN A 40 3.23 -7.58 3.85
CA ASN A 40 4.36 -7.20 3.02
C ASN A 40 5.13 -8.41 2.54
N ASP A 41 5.09 -9.47 3.32
CA ASP A 41 5.96 -10.61 3.07
C ASP A 41 5.43 -11.50 1.96
N THR A 42 4.11 -11.57 1.83
CA THR A 42 3.50 -12.37 0.77
C THR A 42 2.52 -11.52 -0.07
N PRO A 43 3.03 -10.48 -0.75
CA PRO A 43 2.20 -9.53 -1.47
C PRO A 43 2.09 -9.83 -2.98
N GLU A 44 2.64 -10.98 -3.38
CA GLU A 44 2.72 -11.38 -4.80
C GLU A 44 3.74 -10.55 -5.58
N GLU A 45 3.75 -9.25 -5.35
CA GLU A 45 4.67 -8.36 -6.04
C GLU A 45 6.14 -8.64 -5.62
N GLU A 46 6.59 -8.02 -4.54
CA GLU A 46 7.96 -8.23 -4.07
C GLU A 46 7.98 -8.40 -2.55
N GLY A 47 8.04 -7.28 -1.86
CA GLY A 47 8.01 -7.28 -0.41
C GLY A 47 8.56 -5.98 0.14
N MET A 48 9.72 -6.06 0.75
CA MET A 48 10.40 -4.91 1.32
C MET A 48 10.55 -3.76 0.30
N PRO A 49 11.06 -4.02 -0.92
CA PRO A 49 11.25 -2.96 -1.90
C PRO A 49 9.92 -2.40 -2.38
N LEU A 50 8.92 -3.27 -2.51
CA LEU A 50 7.59 -2.83 -2.91
C LEU A 50 7.04 -1.82 -1.91
N ARG A 51 7.21 -2.08 -0.62
CA ARG A 51 6.66 -1.19 0.38
C ARG A 51 7.42 0.11 0.37
N ALA A 52 8.70 0.07 0.02
CA ALA A 52 9.48 1.28 -0.15
C ALA A 52 8.85 2.19 -1.19
N TRP A 53 8.51 1.65 -2.36
CA TRP A 53 7.87 2.47 -3.39
C TRP A 53 6.43 2.79 -3.03
N VAL A 54 5.75 1.83 -2.42
CA VAL A 54 4.35 1.98 -2.02
C VAL A 54 4.20 3.08 -0.97
N ILE A 55 5.03 3.01 0.08
CA ILE A 55 5.02 4.00 1.13
C ILE A 55 5.45 5.36 0.59
N LYS A 56 6.44 5.37 -0.31
CA LYS A 56 6.88 6.59 -0.95
C LYS A 56 5.76 7.19 -1.80
N CYS A 57 5.14 6.36 -2.63
CA CYS A 57 4.09 6.81 -3.53
C CYS A 57 2.89 7.35 -2.76
N ALA A 58 2.46 6.61 -1.75
CA ALA A 58 1.33 7.03 -0.91
C ALA A 58 1.66 8.33 -0.18
N HIS A 59 2.92 8.45 0.22
CA HIS A 59 3.40 9.65 0.92
C HIS A 59 3.29 10.87 0.00
N GLU A 60 3.84 10.75 -1.21
CA GLU A 60 3.83 11.84 -2.17
C GLU A 60 2.40 12.16 -2.60
N ALA A 61 1.59 11.11 -2.76
CA ALA A 61 0.20 11.28 -3.15
C ALA A 61 -0.55 12.14 -2.14
N LEU A 62 -0.31 11.87 -0.87
CA LEU A 62 -0.96 12.59 0.21
C LEU A 62 -0.38 14.00 0.34
N GLU A 63 0.92 14.12 0.33
CA GLU A 63 1.55 15.43 0.40
C GLU A 63 1.12 16.34 -0.76
N LYS A 64 0.73 15.76 -1.88
CA LYS A 64 0.26 16.53 -3.02
C LYS A 64 -1.21 16.87 -2.82
N ASN A 65 -1.95 15.86 -2.43
CA ASN A 65 -3.35 16.02 -2.08
C ASN A 65 -3.65 15.18 -0.85
N PRO A 66 -3.71 15.82 0.32
CA PRO A 66 -3.89 15.12 1.58
C PRO A 66 -5.35 15.12 2.02
N LYS A 67 -6.24 15.23 1.05
CA LYS A 67 -7.67 15.24 1.31
C LYS A 67 -8.29 13.92 0.88
N ILE A 68 -7.44 12.96 0.52
CA ILE A 68 -7.91 11.63 0.13
C ILE A 68 -8.30 10.80 1.33
N ARG A 69 -8.99 9.71 1.04
CA ARG A 69 -9.45 8.79 2.06
C ARG A 69 -8.60 7.53 1.98
N GLU A 70 -8.51 7.01 0.77
CA GLU A 70 -7.69 5.87 0.45
C GLU A 70 -7.32 5.91 -1.03
N VAL A 71 -6.16 5.37 -1.38
CA VAL A 71 -5.65 5.48 -2.75
C VAL A 71 -5.47 4.09 -3.36
N TYR A 72 -5.49 4.03 -4.68
CA TYR A 72 -5.42 2.77 -5.40
C TYR A 72 -4.10 2.66 -6.13
N LEU A 73 -3.30 1.69 -5.72
CA LEU A 73 -1.98 1.48 -6.31
C LEU A 73 -1.93 0.18 -7.10
N LYS A 74 -1.32 0.23 -8.27
CA LYS A 74 -1.11 -0.97 -9.05
C LYS A 74 0.39 -1.26 -9.14
N PRO A 75 0.80 -2.43 -8.63
CA PRO A 75 2.19 -2.93 -8.66
C PRO A 75 2.95 -2.60 -9.93
N ARG A 76 4.26 -2.38 -9.77
CA ARG A 76 5.15 -2.04 -10.86
C ARG A 76 5.15 -3.15 -11.89
N ALA A 77 5.16 -4.38 -11.39
CA ALA A 77 5.11 -5.55 -12.25
C ALA A 77 3.69 -5.75 -12.78
N VAL A 78 3.40 -5.06 -13.87
CA VAL A 78 2.12 -5.20 -14.55
C VAL A 78 1.90 -6.66 -14.95
N LYS A 79 3.00 -7.40 -15.06
CA LYS A 79 2.96 -8.83 -15.37
C LYS A 79 2.13 -9.59 -14.34
N ASN A 80 2.09 -9.10 -13.10
CA ASN A 80 1.36 -9.78 -12.05
C ASN A 80 -0.13 -9.82 -12.36
N SER A 81 -0.63 -8.71 -12.92
CA SER A 81 -2.02 -8.57 -13.33
C SER A 81 -2.99 -8.59 -12.14
N SER A 82 -2.94 -9.66 -11.36
CA SER A 82 -3.96 -9.97 -10.36
C SER A 82 -3.84 -9.12 -9.10
N VAL A 83 -2.62 -8.83 -8.66
CA VAL A 83 -2.43 -8.16 -7.38
C VAL A 83 -2.49 -6.64 -7.53
N GLN A 84 -3.12 -5.99 -6.57
CA GLN A 84 -3.19 -4.53 -6.51
C GLN A 84 -3.18 -4.06 -5.06
N PHE A 85 -2.70 -2.85 -4.83
CA PHE A 85 -2.56 -2.35 -3.48
C PHE A 85 -3.59 -1.27 -3.19
N HIS A 86 -4.32 -1.46 -2.10
CA HIS A 86 -5.29 -0.50 -1.66
C HIS A 86 -4.77 0.17 -0.39
N VAL A 87 -4.27 1.37 -0.51
CA VAL A 87 -3.68 2.06 0.63
C VAL A 87 -4.74 2.91 1.31
N ILE A 88 -5.06 2.55 2.54
CA ILE A 88 -6.11 3.20 3.28
C ILE A 88 -5.53 4.12 4.34
N PHE A 89 -6.06 5.33 4.40
CA PHE A 89 -5.56 6.32 5.33
C PHE A 89 -6.49 6.45 6.53
N ASP A 90 -6.03 5.99 7.68
CA ASP A 90 -6.81 6.10 8.91
C ASP A 90 -6.30 7.29 9.70
N GLU A 91 -7.17 8.15 10.19
CA GLU A 91 -6.69 9.29 10.94
C GLU A 91 -6.51 8.94 12.40
N GLU A 92 -5.24 8.84 12.79
CA GLU A 92 -4.80 8.68 14.16
C GLU A 92 -3.29 8.67 14.20
N GLY A 1 -11.76 -12.21 5.81
CA GLY A 1 -12.50 -12.43 4.55
C GLY A 1 -12.75 -13.90 4.28
N SER A 2 -13.93 -14.23 3.77
CA SER A 2 -14.27 -15.61 3.47
C SER A 2 -15.02 -15.70 2.15
N ALA A 3 -14.76 -16.77 1.39
CA ALA A 3 -15.33 -16.96 0.06
C ALA A 3 -14.91 -15.83 -0.86
N MET A 4 -13.67 -15.41 -0.73
CA MET A 4 -13.13 -14.32 -1.52
C MET A 4 -11.96 -14.85 -2.36
N GLY A 5 -12.13 -14.83 -3.68
CA GLY A 5 -11.11 -15.35 -4.56
C GLY A 5 -9.98 -14.37 -4.76
N HIS A 6 -9.19 -14.17 -3.73
CA HIS A 6 -8.07 -13.22 -3.77
C HIS A 6 -6.83 -13.85 -4.40
N MET A 7 -7.06 -14.84 -5.26
CA MET A 7 -5.96 -15.47 -5.99
C MET A 7 -6.00 -15.08 -7.46
N PRO A 8 -7.14 -15.29 -8.19
CA PRO A 8 -7.26 -14.80 -9.56
C PRO A 8 -7.24 -13.27 -9.61
N ALA A 9 -7.79 -12.65 -8.58
CA ALA A 9 -7.68 -11.23 -8.39
C ALA A 9 -7.10 -10.96 -7.01
N VAL A 10 -5.86 -10.50 -6.97
CA VAL A 10 -5.17 -10.31 -5.71
C VAL A 10 -5.34 -8.87 -5.22
N ASP A 11 -5.94 -8.71 -4.06
CA ASP A 11 -6.15 -7.40 -3.47
C ASP A 11 -5.60 -7.36 -2.06
N VAL A 12 -4.65 -6.48 -1.83
CA VAL A 12 -4.05 -6.31 -0.51
C VAL A 12 -4.30 -4.88 -0.04
N GLU A 13 -4.79 -4.72 1.18
CA GLU A 13 -5.09 -3.39 1.68
C GLU A 13 -4.08 -2.98 2.74
N ILE A 14 -3.49 -1.83 2.55
CA ILE A 14 -2.49 -1.32 3.46
C ILE A 14 -2.99 -0.04 4.11
N HIS A 15 -2.92 0.03 5.42
CA HIS A 15 -3.39 1.20 6.13
C HIS A 15 -2.22 2.06 6.56
N PHE A 16 -2.39 3.37 6.44
CA PHE A 16 -1.37 4.30 6.88
C PHE A 16 -1.99 5.40 7.71
N PRO A 17 -1.45 5.62 8.92
CA PRO A 17 -1.85 6.75 9.74
C PRO A 17 -1.51 8.06 9.05
N LEU A 18 -2.56 8.78 8.64
CA LEU A 18 -2.45 9.97 7.80
C LEU A 18 -1.43 10.96 8.36
N LYS A 19 -1.35 11.04 9.68
CA LYS A 19 -0.44 11.98 10.34
C LYS A 19 1.03 11.60 10.11
N ARG A 20 1.33 10.30 10.18
CA ARG A 20 2.72 9.84 10.11
C ARG A 20 3.17 9.75 8.67
N ILE A 21 2.27 9.33 7.81
CA ILE A 21 2.58 9.11 6.40
C ILE A 21 2.73 10.44 5.67
N ALA A 22 2.46 11.53 6.40
CA ALA A 22 2.60 12.87 5.85
C ALA A 22 3.89 13.53 6.35
N ALA A 23 4.58 12.86 7.25
CA ALA A 23 5.78 13.42 7.86
C ALA A 23 7.04 12.89 7.18
N GLU A 24 8.19 13.48 7.48
CA GLU A 24 9.44 13.05 6.89
C GLU A 24 9.90 11.74 7.52
N GLY A 25 9.80 11.68 8.84
CA GLY A 25 10.23 10.49 9.57
C GLY A 25 9.10 9.50 9.74
N TYR A 26 8.42 9.19 8.64
CA TYR A 26 7.31 8.25 8.65
C TYR A 26 7.79 6.83 8.97
N ALA A 27 8.98 6.49 8.49
CA ALA A 27 9.52 5.14 8.65
C ALA A 27 9.96 4.90 10.09
N GLU A 28 9.87 5.95 10.90
CA GLU A 28 10.18 5.84 12.31
C GLU A 28 8.91 5.60 13.12
N ASP A 29 7.79 5.49 12.43
CA ASP A 29 6.52 5.18 13.07
C ASP A 29 6.32 3.68 13.13
N GLU A 30 6.13 3.18 14.34
CA GLU A 30 6.19 1.75 14.61
C GLU A 30 5.09 1.02 13.87
N LEU A 31 3.96 1.68 13.70
CA LEU A 31 2.84 1.08 13.04
C LEU A 31 3.14 0.94 11.57
N LEU A 32 3.73 1.98 11.00
CA LEU A 32 4.05 1.99 9.59
C LEU A 32 4.94 0.80 9.25
N LEU A 33 5.92 0.58 10.11
CA LEU A 33 6.90 -0.47 9.88
C LEU A 33 6.31 -1.86 10.03
N ASN A 34 5.60 -2.11 11.12
CA ASN A 34 5.07 -3.46 11.36
C ASN A 34 3.88 -3.73 10.45
N GLN A 35 3.16 -2.66 10.07
CA GLN A 35 2.03 -2.78 9.17
C GLN A 35 2.51 -3.22 7.80
N MET A 36 3.58 -2.58 7.33
CA MET A 36 4.18 -2.88 6.04
C MET A 36 5.28 -3.93 6.18
N GLY A 37 5.41 -4.48 7.38
CA GLY A 37 6.21 -5.67 7.55
C GLY A 37 5.34 -6.90 7.60
N LYS A 38 4.11 -6.69 8.04
CA LYS A 38 3.14 -7.77 8.15
C LYS A 38 2.50 -8.10 6.81
N VAL A 39 1.73 -7.15 6.27
CA VAL A 39 0.94 -7.41 5.07
C VAL A 39 1.81 -7.15 3.83
N ASN A 40 3.05 -7.59 3.93
CA ASN A 40 4.07 -7.30 2.95
C ASN A 40 5.04 -8.47 2.79
N ASP A 41 4.86 -9.49 3.61
CA ASP A 41 5.70 -10.68 3.51
C ASP A 41 5.33 -11.46 2.25
N THR A 42 4.07 -11.37 1.87
CA THR A 42 3.58 -12.02 0.67
C THR A 42 2.79 -11.03 -0.19
N PRO A 43 3.48 -10.01 -0.75
CA PRO A 43 2.84 -8.95 -1.52
C PRO A 43 2.84 -9.21 -3.03
N GLU A 44 2.90 -10.49 -3.40
CA GLU A 44 2.90 -10.93 -4.81
C GLU A 44 4.22 -10.57 -5.51
N GLU A 45 4.58 -9.30 -5.49
CA GLU A 45 5.82 -8.85 -6.14
C GLU A 45 7.05 -9.27 -5.34
N GLU A 46 7.68 -8.28 -4.72
CA GLU A 46 8.86 -8.52 -3.91
C GLU A 46 8.45 -8.69 -2.46
N GLY A 47 9.04 -7.88 -1.59
CA GLY A 47 8.55 -7.78 -0.24
C GLY A 47 8.87 -6.43 0.35
N MET A 48 10.03 -6.34 0.96
CA MET A 48 10.48 -5.11 1.58
C MET A 48 10.58 -3.93 0.59
N PRO A 49 11.03 -4.12 -0.68
CA PRO A 49 11.13 -3.01 -1.61
C PRO A 49 9.75 -2.66 -2.17
N LEU A 50 8.87 -3.66 -2.15
CA LEU A 50 7.47 -3.46 -2.47
C LEU A 50 6.88 -2.42 -1.52
N ARG A 51 7.19 -2.58 -0.23
CA ARG A 51 6.69 -1.69 0.78
C ARG A 51 7.31 -0.31 0.62
N ALA A 52 8.59 -0.29 0.28
CA ALA A 52 9.32 0.96 0.10
C ALA A 52 8.67 1.84 -0.98
N TRP A 53 8.37 1.27 -2.14
CA TRP A 53 7.79 2.07 -3.21
C TRP A 53 6.33 2.43 -2.90
N VAL A 54 5.63 1.49 -2.29
CA VAL A 54 4.24 1.71 -1.91
C VAL A 54 4.13 2.85 -0.90
N ILE A 55 4.93 2.78 0.16
CA ILE A 55 4.95 3.82 1.18
C ILE A 55 5.34 5.16 0.58
N LYS A 56 6.33 5.14 -0.31
CA LYS A 56 6.77 6.36 -0.98
C LYS A 56 5.64 6.96 -1.81
N CYS A 57 5.00 6.13 -2.62
CA CYS A 57 3.91 6.58 -3.47
C CYS A 57 2.76 7.14 -2.63
N ALA A 58 2.40 6.42 -1.58
CA ALA A 58 1.33 6.86 -0.68
C ALA A 58 1.69 8.18 0.00
N HIS A 59 2.96 8.31 0.36
CA HIS A 59 3.47 9.53 0.99
C HIS A 59 3.23 10.73 0.09
N GLU A 60 3.77 10.66 -1.12
CA GLU A 60 3.63 11.75 -2.09
C GLU A 60 2.17 11.93 -2.48
N ALA A 61 1.48 10.83 -2.69
CA ALA A 61 0.07 10.86 -3.11
C ALA A 61 -0.78 11.60 -2.10
N LEU A 62 -0.44 11.48 -0.82
CA LEU A 62 -1.19 12.16 0.22
C LEU A 62 -0.84 13.64 0.27
N GLU A 63 0.44 13.96 0.26
CA GLU A 63 0.88 15.35 0.44
C GLU A 63 0.50 16.23 -0.74
N LYS A 64 0.39 15.64 -1.93
CA LYS A 64 0.01 16.40 -3.11
C LYS A 64 -1.46 16.84 -3.02
N ASN A 65 -2.25 16.04 -2.32
CA ASN A 65 -3.66 16.32 -2.12
C ASN A 65 -4.13 15.78 -0.76
N PRO A 66 -3.73 16.45 0.33
CA PRO A 66 -3.90 15.92 1.70
C PRO A 66 -5.33 16.06 2.22
N LYS A 67 -6.29 15.78 1.34
CA LYS A 67 -7.71 15.88 1.67
C LYS A 67 -8.42 14.62 1.17
N ILE A 68 -7.67 13.54 1.06
CA ILE A 68 -8.22 12.29 0.55
C ILE A 68 -8.47 11.28 1.66
N ARG A 69 -8.82 10.07 1.26
CA ARG A 69 -9.17 9.02 2.20
C ARG A 69 -8.35 7.77 1.92
N GLU A 70 -8.23 7.42 0.66
CA GLU A 70 -7.48 6.24 0.27
C GLU A 70 -7.18 6.27 -1.23
N VAL A 71 -6.10 5.62 -1.61
CA VAL A 71 -5.68 5.56 -3.00
C VAL A 71 -5.58 4.12 -3.46
N TYR A 72 -5.68 3.91 -4.76
CA TYR A 72 -5.67 2.57 -5.31
C TYR A 72 -4.39 2.35 -6.08
N LEU A 73 -3.59 1.41 -5.61
CA LEU A 73 -2.27 1.17 -6.19
C LEU A 73 -2.26 -0.09 -7.03
N LYS A 74 -1.51 -0.05 -8.10
CA LYS A 74 -1.36 -1.19 -8.98
C LYS A 74 0.13 -1.52 -9.12
N PRO A 75 0.52 -2.71 -8.63
CA PRO A 75 1.91 -3.21 -8.69
C PRO A 75 2.55 -3.03 -10.07
N ARG A 76 3.82 -2.62 -10.04
CA ARG A 76 4.59 -2.32 -11.23
C ARG A 76 4.64 -3.51 -12.17
N ALA A 77 4.56 -4.70 -11.59
CA ALA A 77 4.55 -5.94 -12.35
C ALA A 77 3.34 -6.00 -13.26
N VAL A 78 3.55 -5.64 -14.52
CA VAL A 78 2.51 -5.73 -15.54
C VAL A 78 2.09 -7.18 -15.74
N LYS A 79 3.02 -8.08 -15.50
CA LYS A 79 2.79 -9.51 -15.68
C LYS A 79 1.68 -10.03 -14.75
N ASN A 80 1.51 -9.39 -13.60
CA ASN A 80 0.51 -9.84 -12.64
C ASN A 80 -0.90 -9.50 -13.12
N SER A 81 -1.04 -8.31 -13.70
CA SER A 81 -2.31 -7.83 -14.24
C SER A 81 -3.38 -7.63 -13.15
N SER A 82 -3.89 -8.74 -12.62
CA SER A 82 -5.02 -8.71 -11.69
C SER A 82 -4.54 -8.64 -10.24
N VAL A 83 -3.79 -7.61 -9.91
CA VAL A 83 -3.33 -7.40 -8.55
C VAL A 83 -3.38 -5.91 -8.21
N GLN A 84 -3.86 -5.59 -7.01
CA GLN A 84 -3.98 -4.20 -6.58
C GLN A 84 -3.63 -4.06 -5.10
N PHE A 85 -3.31 -2.83 -4.72
CA PHE A 85 -3.12 -2.48 -3.34
C PHE A 85 -4.10 -1.38 -2.94
N HIS A 86 -4.89 -1.64 -1.93
CA HIS A 86 -5.79 -0.65 -1.39
C HIS A 86 -5.10 0.11 -0.27
N VAL A 87 -4.63 1.30 -0.57
CA VAL A 87 -3.92 2.09 0.42
C VAL A 87 -4.88 3.04 1.10
N ILE A 88 -5.14 2.80 2.36
CA ILE A 88 -6.14 3.55 3.10
C ILE A 88 -5.49 4.43 4.14
N PHE A 89 -5.99 5.64 4.28
CA PHE A 89 -5.43 6.59 5.21
C PHE A 89 -6.32 6.73 6.44
N ASP A 90 -5.82 6.24 7.56
CA ASP A 90 -6.55 6.31 8.82
C ASP A 90 -6.03 7.48 9.65
N GLU A 91 -6.92 8.29 10.18
CA GLU A 91 -6.50 9.42 11.00
C GLU A 91 -6.52 9.04 12.49
N GLU A 92 -5.37 9.15 13.11
CA GLU A 92 -5.26 8.91 14.55
C GLU A 92 -4.52 10.08 15.18
N GLY A 1 -21.80 -19.29 -14.36
CA GLY A 1 -21.16 -18.88 -15.62
C GLY A 1 -19.72 -19.35 -15.71
N SER A 2 -19.03 -18.97 -16.78
CA SER A 2 -17.64 -19.35 -16.97
C SER A 2 -16.74 -18.58 -15.99
N ALA A 3 -17.14 -17.37 -15.68
CA ALA A 3 -16.39 -16.55 -14.74
C ALA A 3 -17.13 -16.43 -13.42
N MET A 4 -16.96 -17.44 -12.56
CA MET A 4 -17.58 -17.43 -11.24
C MET A 4 -17.12 -16.21 -10.46
N GLY A 5 -15.82 -15.97 -10.50
CA GLY A 5 -15.25 -14.82 -9.83
C GLY A 5 -13.82 -14.59 -10.26
N HIS A 6 -13.21 -13.55 -9.73
CA HIS A 6 -11.83 -13.24 -10.04
C HIS A 6 -10.90 -14.16 -9.25
N MET A 7 -10.56 -15.29 -9.86
CA MET A 7 -9.72 -16.29 -9.20
C MET A 7 -8.32 -15.76 -8.89
N PRO A 8 -7.58 -15.23 -9.89
CA PRO A 8 -6.20 -14.77 -9.67
C PRO A 8 -6.12 -13.29 -9.31
N ALA A 9 -7.09 -12.83 -8.53
CA ALA A 9 -7.13 -11.44 -8.12
C ALA A 9 -6.76 -11.31 -6.66
N VAL A 10 -5.93 -10.32 -6.35
CA VAL A 10 -5.52 -10.07 -4.99
C VAL A 10 -5.71 -8.60 -4.64
N ASP A 11 -6.55 -8.33 -3.66
CA ASP A 11 -6.69 -6.99 -3.12
C ASP A 11 -6.07 -6.95 -1.73
N VAL A 12 -5.04 -6.14 -1.57
CA VAL A 12 -4.36 -6.05 -0.30
C VAL A 12 -4.71 -4.76 0.42
N GLU A 13 -4.89 -4.82 1.73
CA GLU A 13 -5.30 -3.66 2.51
C GLU A 13 -4.11 -3.10 3.26
N ILE A 14 -3.69 -1.91 2.87
CA ILE A 14 -2.62 -1.22 3.56
C ILE A 14 -3.20 0.01 4.25
N HIS A 15 -2.72 0.33 5.43
CA HIS A 15 -3.22 1.48 6.16
C HIS A 15 -2.09 2.42 6.55
N PHE A 16 -2.17 3.64 6.06
CA PHE A 16 -1.25 4.68 6.42
C PHE A 16 -1.99 5.81 7.11
N PRO A 17 -1.84 5.95 8.43
CA PRO A 17 -2.48 7.03 9.16
C PRO A 17 -2.04 8.39 8.64
N LEU A 18 -3.01 9.22 8.24
CA LEU A 18 -2.76 10.45 7.50
C LEU A 18 -1.64 11.30 8.10
N LYS A 19 -1.70 11.53 9.40
CA LYS A 19 -0.81 12.51 10.03
C LYS A 19 0.64 12.05 10.03
N ARG A 20 0.87 10.75 10.07
CA ARG A 20 2.23 10.24 10.12
C ARG A 20 2.76 9.91 8.73
N ILE A 21 1.89 9.56 7.80
CA ILE A 21 2.31 9.26 6.42
C ILE A 21 2.69 10.56 5.71
N ALA A 22 2.11 11.67 6.15
CA ALA A 22 2.43 12.97 5.60
C ALA A 22 3.72 13.53 6.21
N ALA A 23 4.16 12.88 7.27
CA ALA A 23 5.30 13.35 8.04
C ALA A 23 6.60 12.73 7.56
N GLU A 24 7.69 13.16 8.18
CA GLU A 24 8.98 12.57 7.95
C GLU A 24 9.33 11.74 9.17
N GLY A 25 10.13 10.71 8.99
CA GLY A 25 10.35 9.77 10.05
C GLY A 25 9.27 8.72 10.02
N TYR A 26 8.64 8.58 8.86
CA TYR A 26 7.57 7.62 8.65
C TYR A 26 8.06 6.19 8.88
N ALA A 27 9.34 5.97 8.57
CA ALA A 27 9.96 4.67 8.78
C ALA A 27 10.22 4.44 10.27
N GLU A 28 10.35 5.53 11.00
CA GLU A 28 10.56 5.47 12.44
C GLU A 28 9.23 5.16 13.13
N ASP A 29 8.14 5.56 12.47
CA ASP A 29 6.79 5.22 12.92
C ASP A 29 6.57 3.72 12.83
N GLU A 30 6.64 3.06 13.98
CA GLU A 30 6.64 1.60 14.02
C GLU A 30 5.33 1.04 13.47
N LEU A 31 4.25 1.79 13.64
CA LEU A 31 2.95 1.36 13.15
C LEU A 31 3.00 1.17 11.65
N LEU A 32 3.64 2.11 10.97
CA LEU A 32 3.74 2.10 9.53
C LEU A 32 4.60 0.93 9.09
N LEU A 33 5.68 0.72 9.81
CA LEU A 33 6.63 -0.34 9.50
C LEU A 33 6.00 -1.71 9.73
N ASN A 34 5.33 -1.87 10.87
CA ASN A 34 4.70 -3.14 11.22
C ASN A 34 3.67 -3.53 10.17
N GLN A 35 2.87 -2.56 9.74
CA GLN A 35 1.84 -2.83 8.74
C GLN A 35 2.48 -3.24 7.42
N MET A 36 3.53 -2.54 7.01
CA MET A 36 4.21 -2.83 5.75
C MET A 36 5.29 -3.89 5.92
N GLY A 37 5.33 -4.50 7.08
CA GLY A 37 6.11 -5.72 7.25
C GLY A 37 5.19 -6.93 7.34
N LYS A 38 4.00 -6.69 7.84
CA LYS A 38 2.98 -7.71 8.00
C LYS A 38 2.37 -8.12 6.68
N VAL A 39 1.74 -7.17 6.00
CA VAL A 39 0.96 -7.46 4.80
C VAL A 39 1.83 -7.30 3.55
N ASN A 40 3.11 -7.57 3.74
CA ASN A 40 4.11 -7.28 2.74
C ASN A 40 5.16 -8.39 2.68
N ASP A 41 4.97 -9.41 3.52
CA ASP A 41 5.89 -10.54 3.55
C ASP A 41 5.83 -11.33 2.25
N THR A 42 4.62 -11.59 1.80
CA THR A 42 4.41 -12.29 0.54
C THR A 42 3.40 -11.53 -0.32
N PRO A 43 3.83 -10.38 -0.88
CA PRO A 43 2.94 -9.46 -1.59
C PRO A 43 2.89 -9.71 -3.09
N GLU A 44 3.23 -10.94 -3.50
CA GLU A 44 3.17 -11.37 -4.91
C GLU A 44 4.28 -10.72 -5.75
N GLU A 45 4.32 -9.39 -5.76
CA GLU A 45 5.25 -8.62 -6.56
C GLU A 45 6.70 -8.81 -6.07
N GLU A 46 7.10 -8.10 -5.03
CA GLU A 46 8.45 -8.24 -4.48
C GLU A 46 8.38 -8.49 -2.97
N GLY A 47 8.44 -7.41 -2.20
CA GLY A 47 8.40 -7.51 -0.76
C GLY A 47 8.71 -6.19 -0.09
N MET A 48 9.82 -6.13 0.63
CA MET A 48 10.24 -4.92 1.31
C MET A 48 10.39 -3.75 0.32
N PRO A 49 10.94 -3.97 -0.90
CA PRO A 49 10.92 -2.95 -1.95
C PRO A 49 9.51 -2.39 -2.20
N LEU A 50 8.51 -3.26 -2.12
CA LEU A 50 7.12 -2.82 -2.24
C LEU A 50 6.78 -1.83 -1.17
N ARG A 51 7.18 -2.17 0.04
CA ARG A 51 6.97 -1.30 1.18
C ARG A 51 7.58 0.07 0.92
N ALA A 52 8.76 0.08 0.33
CA ALA A 52 9.41 1.32 -0.05
C ALA A 52 8.63 2.08 -1.13
N TRP A 53 8.23 1.39 -2.22
CA TRP A 53 7.57 2.08 -3.32
C TRP A 53 6.16 2.48 -2.94
N VAL A 54 5.46 1.61 -2.23
CA VAL A 54 4.08 1.83 -1.89
C VAL A 54 3.95 2.95 -0.85
N ILE A 55 4.83 2.96 0.16
CA ILE A 55 4.83 4.03 1.14
C ILE A 55 5.19 5.36 0.50
N LYS A 56 6.20 5.35 -0.37
CA LYS A 56 6.67 6.58 -1.01
C LYS A 56 5.60 7.19 -1.90
N CYS A 57 5.00 6.36 -2.76
CA CYS A 57 4.00 6.84 -3.70
C CYS A 57 2.74 7.31 -2.97
N ALA A 58 2.35 6.57 -1.93
CA ALA A 58 1.21 6.95 -1.11
C ALA A 58 1.52 8.24 -0.35
N HIS A 59 2.74 8.31 0.16
CA HIS A 59 3.22 9.48 0.90
C HIS A 59 3.03 10.75 0.07
N GLU A 60 3.58 10.75 -1.15
CA GLU A 60 3.51 11.92 -1.99
C GLU A 60 2.07 12.20 -2.44
N ALA A 61 1.30 11.15 -2.69
CA ALA A 61 -0.09 11.32 -3.10
C ALA A 61 -0.92 11.92 -1.97
N LEU A 62 -0.56 11.58 -0.74
CA LEU A 62 -1.26 12.06 0.45
C LEU A 62 -0.76 13.44 0.85
N GLU A 63 0.53 13.66 0.78
CA GLU A 63 1.11 14.91 1.26
C GLU A 63 0.94 16.04 0.24
N LYS A 64 0.88 15.68 -1.04
CA LYS A 64 0.74 16.68 -2.10
C LYS A 64 -0.74 16.91 -2.36
N ASN A 65 -1.55 16.00 -1.85
CA ASN A 65 -2.98 16.06 -1.99
C ASN A 65 -3.61 15.52 -0.71
N PRO A 66 -3.47 16.26 0.40
CA PRO A 66 -3.84 15.77 1.73
C PRO A 66 -5.33 15.94 2.02
N LYS A 67 -6.14 15.72 1.00
CA LYS A 67 -7.59 15.83 1.13
C LYS A 67 -8.23 14.45 1.02
N ILE A 68 -7.49 13.48 0.50
CA ILE A 68 -8.04 12.15 0.26
C ILE A 68 -8.05 11.31 1.53
N ARG A 69 -8.41 10.04 1.36
CA ARG A 69 -8.57 9.13 2.47
C ARG A 69 -8.04 7.75 2.12
N GLU A 70 -7.85 7.49 0.83
CA GLU A 70 -7.22 6.27 0.37
C GLU A 70 -6.81 6.42 -1.10
N VAL A 71 -5.92 5.55 -1.56
CA VAL A 71 -5.45 5.58 -2.93
C VAL A 71 -5.45 4.18 -3.53
N TYR A 72 -5.58 4.12 -4.84
CA TYR A 72 -5.67 2.85 -5.55
C TYR A 72 -4.39 2.64 -6.34
N LEU A 73 -3.62 1.64 -5.95
CA LEU A 73 -2.32 1.41 -6.55
C LEU A 73 -2.23 0.01 -7.15
N LYS A 74 -1.53 -0.10 -8.27
CA LYS A 74 -1.19 -1.40 -8.81
C LYS A 74 0.32 -1.60 -8.83
N PRO A 75 0.77 -2.75 -8.33
CA PRO A 75 2.18 -3.16 -8.40
C PRO A 75 2.75 -3.08 -9.81
N ARG A 76 4.06 -2.86 -9.87
CA ARG A 76 4.76 -2.50 -11.09
C ARG A 76 4.69 -3.61 -12.13
N ALA A 77 4.66 -4.85 -11.65
CA ALA A 77 4.67 -6.01 -12.53
C ALA A 77 3.39 -6.07 -13.34
N VAL A 78 3.55 -5.89 -14.63
CA VAL A 78 2.47 -6.07 -15.59
C VAL A 78 2.00 -7.51 -15.57
N LYS A 79 2.95 -8.41 -15.33
CA LYS A 79 2.68 -9.85 -15.32
C LYS A 79 1.75 -10.24 -14.17
N ASN A 80 1.74 -9.45 -13.11
CA ASN A 80 0.89 -9.75 -11.96
C ASN A 80 -0.58 -9.67 -12.34
N SER A 81 -0.88 -8.83 -13.32
CA SER A 81 -2.21 -8.72 -13.90
C SER A 81 -3.25 -8.18 -12.92
N SER A 82 -3.79 -9.05 -12.07
CA SER A 82 -4.95 -8.70 -11.25
C SER A 82 -4.60 -8.55 -9.78
N VAL A 83 -3.44 -7.97 -9.50
CA VAL A 83 -3.08 -7.65 -8.13
C VAL A 83 -3.31 -6.15 -7.91
N GLN A 84 -4.01 -5.82 -6.84
CA GLN A 84 -4.32 -4.43 -6.56
C GLN A 84 -3.98 -4.10 -5.12
N PHE A 85 -3.36 -2.94 -4.93
CA PHE A 85 -3.01 -2.48 -3.61
C PHE A 85 -3.95 -1.37 -3.20
N HIS A 86 -4.60 -1.56 -2.06
CA HIS A 86 -5.48 -0.55 -1.52
C HIS A 86 -4.79 0.15 -0.38
N VAL A 87 -4.28 1.35 -0.63
CA VAL A 87 -3.65 2.09 0.44
C VAL A 87 -4.67 3.02 1.05
N ILE A 88 -5.04 2.72 2.26
CA ILE A 88 -6.03 3.49 2.97
C ILE A 88 -5.36 4.38 3.98
N PHE A 89 -5.84 5.58 4.12
CA PHE A 89 -5.25 6.53 5.03
C PHE A 89 -6.08 6.60 6.29
N ASP A 90 -5.53 6.05 7.36
CA ASP A 90 -6.27 5.85 8.58
C ASP A 90 -6.29 7.09 9.45
N GLU A 91 -7.45 7.42 9.98
CA GLU A 91 -7.57 8.56 10.88
C GLU A 91 -7.36 8.11 12.32
N GLU A 92 -6.28 8.58 12.91
CA GLU A 92 -5.93 8.22 14.27
C GLU A 92 -5.03 9.28 14.87
N GLY A 1 -16.80 -11.16 -13.86
CA GLY A 1 -18.24 -10.89 -13.68
C GLY A 1 -19.11 -11.92 -14.36
N SER A 2 -20.16 -11.47 -15.02
CA SER A 2 -21.09 -12.37 -15.70
C SER A 2 -20.49 -12.91 -16.99
N ALA A 3 -19.63 -12.12 -17.62
CA ALA A 3 -19.03 -12.50 -18.89
C ALA A 3 -17.78 -13.33 -18.68
N MET A 4 -17.96 -14.52 -18.08
CA MET A 4 -16.89 -15.49 -17.81
C MET A 4 -15.70 -14.87 -17.09
N GLY A 5 -14.63 -15.64 -16.96
CA GLY A 5 -13.42 -15.14 -16.36
C GLY A 5 -13.22 -15.61 -14.93
N HIS A 6 -12.08 -16.23 -14.69
CA HIS A 6 -11.69 -16.61 -13.34
C HIS A 6 -10.40 -15.88 -12.97
N MET A 7 -10.55 -14.77 -12.27
CA MET A 7 -9.43 -13.90 -11.97
C MET A 7 -8.95 -14.10 -10.54
N PRO A 8 -7.75 -14.67 -10.36
CA PRO A 8 -7.15 -14.86 -9.05
C PRO A 8 -6.50 -13.58 -8.53
N ALA A 9 -7.33 -12.61 -8.19
CA ALA A 9 -6.85 -11.30 -7.82
C ALA A 9 -6.47 -11.24 -6.36
N VAL A 10 -5.21 -10.94 -6.11
CA VAL A 10 -4.70 -10.73 -4.76
C VAL A 10 -4.80 -9.26 -4.42
N ASP A 11 -5.55 -8.94 -3.38
CA ASP A 11 -5.76 -7.56 -2.99
C ASP A 11 -5.21 -7.31 -1.61
N VAL A 12 -4.25 -6.42 -1.51
CA VAL A 12 -3.60 -6.11 -0.25
C VAL A 12 -4.09 -4.79 0.30
N GLU A 13 -4.50 -4.76 1.56
CA GLU A 13 -5.01 -3.55 2.17
C GLU A 13 -4.01 -3.00 3.18
N ILE A 14 -3.53 -1.81 2.90
CA ILE A 14 -2.55 -1.15 3.75
C ILE A 14 -3.16 0.11 4.33
N HIS A 15 -3.01 0.32 5.64
CA HIS A 15 -3.62 1.46 6.29
C HIS A 15 -2.57 2.34 6.94
N PHE A 16 -2.33 3.49 6.33
CA PHE A 16 -1.33 4.42 6.84
C PHE A 16 -1.99 5.49 7.67
N PRO A 17 -1.47 5.78 8.86
CA PRO A 17 -1.96 6.87 9.67
C PRO A 17 -1.67 8.20 8.99
N LEU A 18 -2.73 8.94 8.71
CA LEU A 18 -2.71 10.10 7.83
C LEU A 18 -1.64 11.13 8.24
N LYS A 19 -1.52 11.39 9.52
CA LYS A 19 -0.58 12.39 10.00
C LYS A 19 0.85 11.85 10.05
N ARG A 20 0.98 10.53 10.15
CA ARG A 20 2.29 9.91 10.17
C ARG A 20 2.86 9.75 8.76
N ILE A 21 1.99 9.42 7.81
CA ILE A 21 2.44 9.19 6.44
C ILE A 21 2.84 10.51 5.79
N ALA A 22 2.26 11.61 6.28
CA ALA A 22 2.62 12.93 5.80
C ALA A 22 4.02 13.31 6.27
N ALA A 23 4.40 12.77 7.42
CA ALA A 23 5.68 13.09 8.03
C ALA A 23 6.82 12.39 7.29
N GLU A 24 8.02 12.93 7.44
CA GLU A 24 9.19 12.39 6.77
C GLU A 24 9.80 11.27 7.59
N GLY A 25 9.50 11.26 8.88
CA GLY A 25 9.94 10.19 9.75
C GLY A 25 8.91 9.08 9.81
N TYR A 26 8.30 8.80 8.66
CA TYR A 26 7.23 7.81 8.58
C TYR A 26 7.75 6.39 8.87
N ALA A 27 8.97 6.10 8.44
CA ALA A 27 9.55 4.76 8.61
C ALA A 27 9.83 4.48 10.07
N GLU A 28 9.71 5.50 10.90
CA GLU A 28 9.94 5.36 12.33
C GLU A 28 8.62 5.11 13.06
N ASP A 29 7.51 5.11 12.33
CA ASP A 29 6.21 4.87 12.93
C ASP A 29 5.96 3.38 13.08
N GLU A 30 5.67 2.97 14.30
CA GLU A 30 5.59 1.56 14.67
C GLU A 30 4.47 0.86 13.93
N LEU A 31 3.44 1.63 13.59
CA LEU A 31 2.28 1.09 12.93
C LEU A 31 2.63 0.86 11.46
N LEU A 32 3.41 1.77 10.90
CA LEU A 32 3.88 1.67 9.53
C LEU A 32 4.80 0.47 9.39
N LEU A 33 5.64 0.28 10.40
CA LEU A 33 6.63 -0.78 10.37
C LEU A 33 5.97 -2.15 10.44
N ASN A 34 5.06 -2.34 11.38
CA ASN A 34 4.47 -3.66 11.56
C ASN A 34 3.49 -3.98 10.43
N GLN A 35 2.80 -2.97 9.93
CA GLN A 35 1.84 -3.20 8.86
C GLN A 35 2.56 -3.60 7.57
N MET A 36 3.68 -2.92 7.31
CA MET A 36 4.47 -3.21 6.12
C MET A 36 5.52 -4.27 6.40
N GLY A 37 5.47 -4.82 7.61
CA GLY A 37 6.18 -6.06 7.87
C GLY A 37 5.26 -7.25 7.68
N LYS A 38 3.97 -7.01 7.89
CA LYS A 38 2.94 -8.05 7.74
C LYS A 38 2.61 -8.31 6.28
N VAL A 39 1.90 -7.37 5.66
CA VAL A 39 1.39 -7.57 4.31
C VAL A 39 2.45 -7.23 3.27
N ASN A 40 3.63 -7.80 3.47
CA ASN A 40 4.78 -7.41 2.69
C ASN A 40 5.68 -8.60 2.34
N ASP A 41 5.62 -9.66 3.15
CA ASP A 41 6.47 -10.81 2.89
C ASP A 41 5.78 -11.76 1.92
N THR A 42 4.48 -11.60 1.78
CA THR A 42 3.69 -12.40 0.84
C THR A 42 2.75 -11.52 0.01
N PRO A 43 3.30 -10.52 -0.71
CA PRO A 43 2.51 -9.55 -1.45
C PRO A 43 2.43 -9.82 -2.95
N GLU A 44 2.63 -11.09 -3.34
CA GLU A 44 2.57 -11.52 -4.73
C GLU A 44 3.77 -11.01 -5.55
N GLU A 45 3.95 -9.69 -5.58
CA GLU A 45 4.96 -9.07 -6.43
C GLU A 45 6.37 -9.30 -5.89
N GLU A 46 6.83 -8.44 -4.98
CA GLU A 46 8.14 -8.60 -4.37
C GLU A 46 8.04 -8.57 -2.86
N GLY A 47 8.27 -7.40 -2.28
CA GLY A 47 8.13 -7.26 -0.84
C GLY A 47 8.82 -6.02 -0.30
N MET A 48 10.11 -6.11 -0.06
CA MET A 48 10.86 -4.99 0.47
C MET A 48 10.72 -3.72 -0.38
N PRO A 49 10.90 -3.79 -1.71
CA PRO A 49 10.78 -2.62 -2.56
C PRO A 49 9.33 -2.17 -2.61
N LEU A 50 8.44 -3.13 -2.43
CA LEU A 50 7.01 -2.89 -2.36
C LEU A 50 6.69 -1.91 -1.25
N ARG A 51 7.27 -2.15 -0.09
CA ARG A 51 7.10 -1.27 1.04
C ARG A 51 7.66 0.10 0.75
N ALA A 52 8.87 0.12 0.21
CA ALA A 52 9.52 1.38 -0.13
C ALA A 52 8.71 2.17 -1.16
N TRP A 53 8.31 1.53 -2.26
CA TRP A 53 7.60 2.26 -3.32
C TRP A 53 6.18 2.60 -2.93
N VAL A 54 5.48 1.65 -2.30
CA VAL A 54 4.11 1.87 -1.87
C VAL A 54 4.03 3.03 -0.88
N ILE A 55 4.85 2.97 0.16
CA ILE A 55 4.90 4.05 1.14
C ILE A 55 5.31 5.38 0.48
N LYS A 56 6.28 5.31 -0.43
CA LYS A 56 6.77 6.51 -1.10
C LYS A 56 5.65 7.13 -1.94
N CYS A 57 5.00 6.32 -2.76
CA CYS A 57 3.92 6.80 -3.64
C CYS A 57 2.75 7.32 -2.81
N ALA A 58 2.42 6.59 -1.75
CA ALA A 58 1.35 7.02 -0.85
C ALA A 58 1.69 8.34 -0.20
N HIS A 59 2.95 8.49 0.18
CA HIS A 59 3.44 9.73 0.79
C HIS A 59 3.29 10.89 -0.19
N GLU A 60 3.75 10.68 -1.42
CA GLU A 60 3.68 11.71 -2.45
C GLU A 60 2.23 12.08 -2.74
N ALA A 61 1.38 11.08 -2.90
CA ALA A 61 -0.03 11.31 -3.21
C ALA A 61 -0.72 12.05 -2.06
N LEU A 62 -0.45 11.62 -0.84
CA LEU A 62 -1.05 12.22 0.35
C LEU A 62 -0.67 13.69 0.46
N GLU A 63 0.60 13.99 0.27
CA GLU A 63 1.08 15.37 0.39
C GLU A 63 0.73 16.20 -0.85
N LYS A 64 0.60 15.55 -2.00
CA LYS A 64 0.20 16.24 -3.22
C LYS A 64 -1.21 16.81 -3.07
N ASN A 65 -2.12 15.97 -2.63
CA ASN A 65 -3.50 16.40 -2.38
C ASN A 65 -3.93 15.93 -0.99
N PRO A 66 -3.46 16.62 0.06
CA PRO A 66 -3.68 16.22 1.46
C PRO A 66 -5.10 16.47 1.93
N LYS A 67 -6.05 16.14 1.07
CA LYS A 67 -7.47 16.23 1.38
C LYS A 67 -8.13 14.87 1.13
N ILE A 68 -7.32 13.92 0.67
CA ILE A 68 -7.80 12.59 0.33
C ILE A 68 -7.90 11.71 1.56
N ARG A 69 -8.23 10.45 1.33
CA ARG A 69 -8.40 9.49 2.41
C ARG A 69 -7.89 8.11 2.03
N GLU A 70 -7.74 7.85 0.73
CA GLU A 70 -7.19 6.59 0.27
C GLU A 70 -6.79 6.68 -1.21
N VAL A 71 -5.89 5.79 -1.62
CA VAL A 71 -5.44 5.73 -3.01
C VAL A 71 -5.39 4.28 -3.47
N TYR A 72 -5.50 4.09 -4.78
CA TYR A 72 -5.56 2.76 -5.33
C TYR A 72 -4.30 2.45 -6.13
N LEU A 73 -3.56 1.45 -5.67
CA LEU A 73 -2.26 1.15 -6.26
C LEU A 73 -2.28 -0.15 -7.06
N LYS A 74 -1.59 -0.10 -8.18
CA LYS A 74 -1.38 -1.25 -9.03
C LYS A 74 0.12 -1.51 -9.15
N PRO A 75 0.57 -2.68 -8.66
CA PRO A 75 1.97 -3.13 -8.71
C PRO A 75 2.74 -2.67 -9.94
N ARG A 76 4.02 -2.35 -9.71
CA ARG A 76 4.92 -1.95 -10.79
C ARG A 76 5.06 -3.09 -11.78
N ALA A 77 4.99 -4.31 -11.26
CA ALA A 77 4.95 -5.50 -12.10
C ALA A 77 3.52 -5.70 -12.59
N VAL A 78 3.09 -4.81 -13.48
CA VAL A 78 1.73 -4.81 -14.02
C VAL A 78 1.43 -6.14 -14.71
N LYS A 79 2.49 -6.83 -15.13
CA LYS A 79 2.37 -8.12 -15.81
C LYS A 79 1.63 -9.14 -14.93
N ASN A 80 1.65 -8.92 -13.62
CA ASN A 80 0.96 -9.82 -12.69
C ASN A 80 -0.53 -9.81 -12.98
N SER A 81 -1.04 -8.64 -13.35
CA SER A 81 -2.43 -8.44 -13.74
C SER A 81 -3.40 -8.52 -12.54
N SER A 82 -3.36 -9.64 -11.83
CA SER A 82 -4.33 -9.91 -10.77
C SER A 82 -3.80 -9.54 -9.39
N VAL A 83 -3.35 -8.29 -9.24
CA VAL A 83 -2.94 -7.78 -7.94
C VAL A 83 -3.40 -6.35 -7.79
N GLN A 84 -3.97 -6.02 -6.66
CA GLN A 84 -4.30 -4.64 -6.35
C GLN A 84 -3.90 -4.31 -4.93
N PHE A 85 -3.44 -3.10 -4.73
CA PHE A 85 -3.09 -2.62 -3.40
C PHE A 85 -3.99 -1.46 -3.01
N HIS A 86 -4.65 -1.61 -1.88
CA HIS A 86 -5.53 -0.57 -1.37
C HIS A 86 -4.83 0.18 -0.26
N VAL A 87 -4.36 1.38 -0.57
CA VAL A 87 -3.70 2.20 0.43
C VAL A 87 -4.70 3.17 1.03
N ILE A 88 -5.01 2.98 2.28
CA ILE A 88 -6.01 3.76 2.95
C ILE A 88 -5.37 4.60 4.04
N PHE A 89 -5.85 5.82 4.19
CA PHE A 89 -5.30 6.74 5.15
C PHE A 89 -6.18 6.79 6.39
N ASP A 90 -5.65 6.26 7.48
CA ASP A 90 -6.38 6.15 8.72
C ASP A 90 -6.44 7.49 9.44
N GLU A 91 -7.62 7.86 9.90
CA GLU A 91 -7.81 9.13 10.58
C GLU A 91 -7.42 8.98 12.05
N GLU A 92 -6.39 9.72 12.43
CA GLU A 92 -5.80 9.58 13.75
C GLU A 92 -6.03 10.84 14.59
N GLY A 1 -20.33 -30.75 -11.86
CA GLY A 1 -20.17 -29.28 -11.90
C GLY A 1 -18.82 -28.88 -12.42
N SER A 2 -18.70 -27.64 -12.88
CA SER A 2 -17.46 -27.14 -13.43
C SER A 2 -16.86 -26.07 -12.53
N ALA A 3 -15.56 -25.89 -12.62
CA ALA A 3 -14.87 -24.87 -11.85
C ALA A 3 -15.21 -23.49 -12.41
N MET A 4 -15.32 -22.51 -11.53
CA MET A 4 -15.71 -21.16 -11.93
C MET A 4 -14.49 -20.38 -12.45
N GLY A 5 -13.89 -20.90 -13.50
CA GLY A 5 -12.72 -20.27 -14.08
C GLY A 5 -11.50 -20.39 -13.19
N HIS A 6 -10.39 -19.85 -13.64
CA HIS A 6 -9.16 -19.85 -12.87
C HIS A 6 -8.46 -18.52 -13.02
N MET A 7 -9.17 -17.46 -12.69
CA MET A 7 -8.63 -16.11 -12.78
C MET A 7 -8.51 -15.52 -11.38
N PRO A 8 -7.36 -15.75 -10.72
CA PRO A 8 -7.13 -15.29 -9.36
C PRO A 8 -6.91 -13.78 -9.29
N ALA A 9 -7.49 -13.15 -8.30
CA ALA A 9 -7.34 -11.72 -8.09
C ALA A 9 -6.79 -11.44 -6.70
N VAL A 10 -5.58 -10.94 -6.64
CA VAL A 10 -4.94 -10.66 -5.38
C VAL A 10 -5.23 -9.24 -4.94
N ASP A 11 -5.89 -9.09 -3.81
CA ASP A 11 -6.29 -7.78 -3.32
C ASP A 11 -5.81 -7.61 -1.87
N VAL A 12 -4.95 -6.62 -1.66
CA VAL A 12 -4.35 -6.39 -0.35
C VAL A 12 -4.69 -4.99 0.15
N GLU A 13 -5.00 -4.86 1.43
CA GLU A 13 -5.32 -3.57 2.02
C GLU A 13 -4.19 -3.09 2.90
N ILE A 14 -3.75 -1.87 2.67
CA ILE A 14 -2.70 -1.26 3.45
C ILE A 14 -3.24 -0.04 4.17
N HIS A 15 -2.71 0.28 5.33
CA HIS A 15 -3.18 1.42 6.10
C HIS A 15 -2.03 2.37 6.44
N PHE A 16 -2.17 3.62 6.03
CA PHE A 16 -1.20 4.66 6.32
C PHE A 16 -1.89 5.84 6.98
N PRO A 17 -1.69 6.07 8.30
CA PRO A 17 -2.27 7.21 8.99
C PRO A 17 -1.87 8.53 8.34
N LEU A 18 -2.87 9.33 7.96
CA LEU A 18 -2.65 10.53 7.14
C LEU A 18 -1.46 11.37 7.61
N LYS A 19 -1.40 11.69 8.89
CA LYS A 19 -0.36 12.59 9.38
C LYS A 19 1.00 11.90 9.51
N ARG A 20 0.98 10.59 9.75
CA ARG A 20 2.22 9.84 9.94
C ARG A 20 2.87 9.51 8.60
N ILE A 21 2.03 9.27 7.60
CA ILE A 21 2.55 9.01 6.26
C ILE A 21 3.06 10.29 5.63
N ALA A 22 2.69 11.42 6.23
CA ALA A 22 3.14 12.72 5.75
C ALA A 22 4.46 13.13 6.41
N ALA A 23 4.90 12.36 7.39
CA ALA A 23 6.13 12.65 8.10
C ALA A 23 7.34 12.12 7.34
N GLU A 24 8.47 12.81 7.48
CA GLU A 24 9.70 12.39 6.83
C GLU A 24 10.36 11.27 7.63
N GLY A 25 10.31 11.40 8.94
CA GLY A 25 10.84 10.36 9.81
C GLY A 25 9.79 9.35 10.20
N TYR A 26 9.01 8.92 9.21
CA TYR A 26 7.91 7.98 9.43
C TYR A 26 8.43 6.59 9.78
N ALA A 27 9.73 6.38 9.61
CA ALA A 27 10.35 5.11 9.95
C ALA A 27 10.29 4.86 11.44
N GLU A 28 10.13 5.93 12.20
CA GLU A 28 10.00 5.84 13.65
C GLU A 28 8.60 5.45 14.05
N ASP A 29 7.66 5.60 13.13
CA ASP A 29 6.28 5.23 13.36
C ASP A 29 6.11 3.73 13.16
N GLU A 30 6.19 2.99 14.26
CA GLU A 30 6.19 1.53 14.21
C GLU A 30 4.90 1.02 13.59
N LEU A 31 3.82 1.76 13.79
CA LEU A 31 2.52 1.38 13.25
C LEU A 31 2.62 1.22 11.74
N LEU A 32 3.32 2.16 11.11
CA LEU A 32 3.52 2.16 9.67
C LEU A 32 4.34 0.94 9.26
N LEU A 33 5.38 0.66 10.05
CA LEU A 33 6.28 -0.45 9.78
C LEU A 33 5.56 -1.79 9.98
N ASN A 34 4.81 -1.89 11.06
CA ASN A 34 4.07 -3.12 11.39
C ASN A 34 3.15 -3.49 10.25
N GLN A 35 2.42 -2.51 9.73
CA GLN A 35 1.49 -2.76 8.65
C GLN A 35 2.22 -3.19 7.39
N MET A 36 3.31 -2.50 7.08
CA MET A 36 4.08 -2.82 5.88
C MET A 36 5.20 -3.81 6.19
N GLY A 37 5.07 -4.50 7.30
CA GLY A 37 5.84 -5.69 7.53
C GLY A 37 4.95 -6.90 7.49
N LYS A 38 3.70 -6.70 7.91
CA LYS A 38 2.69 -7.74 7.93
C LYS A 38 2.26 -8.12 6.52
N VAL A 39 1.66 -7.18 5.81
CA VAL A 39 1.12 -7.45 4.48
C VAL A 39 2.18 -7.17 3.42
N ASN A 40 3.40 -7.58 3.71
CA ASN A 40 4.54 -7.18 2.92
C ASN A 40 5.50 -8.34 2.65
N ASP A 41 5.45 -9.36 3.49
CA ASP A 41 6.39 -10.46 3.40
C ASP A 41 6.22 -11.21 2.08
N THR A 42 4.98 -11.46 1.71
CA THR A 42 4.68 -12.08 0.43
C THR A 42 3.52 -11.36 -0.25
N PRO A 43 3.82 -10.21 -0.88
CA PRO A 43 2.83 -9.40 -1.56
C PRO A 43 2.70 -9.76 -3.05
N GLU A 44 3.24 -10.93 -3.41
CA GLU A 44 3.22 -11.45 -4.78
C GLU A 44 4.18 -10.66 -5.69
N GLU A 45 4.11 -9.34 -5.62
CA GLU A 45 5.04 -8.47 -6.32
C GLU A 45 6.49 -8.80 -5.95
N GLU A 46 6.90 -8.31 -4.79
CA GLU A 46 8.25 -8.48 -4.30
C GLU A 46 8.24 -8.61 -2.79
N GLY A 47 8.53 -7.51 -2.11
CA GLY A 47 8.30 -7.44 -0.68
C GLY A 47 8.85 -6.15 -0.13
N MET A 48 10.14 -6.13 0.15
CA MET A 48 10.81 -4.95 0.64
C MET A 48 10.57 -3.73 -0.29
N PRO A 49 10.72 -3.88 -1.62
CA PRO A 49 10.53 -2.75 -2.54
C PRO A 49 9.07 -2.38 -2.66
N LEU A 50 8.21 -3.38 -2.45
CA LEU A 50 6.76 -3.16 -2.44
C LEU A 50 6.43 -2.12 -1.37
N ARG A 51 7.05 -2.28 -0.21
CA ARG A 51 6.86 -1.35 0.90
C ARG A 51 7.44 0.01 0.56
N ALA A 52 8.67 0.03 0.10
CA ALA A 52 9.36 1.26 -0.21
C ALA A 52 8.59 2.10 -1.24
N TRP A 53 8.17 1.47 -2.34
CA TRP A 53 7.49 2.21 -3.39
C TRP A 53 6.08 2.58 -2.96
N VAL A 54 5.40 1.67 -2.26
CA VAL A 54 4.01 1.91 -1.88
C VAL A 54 3.92 2.99 -0.81
N ILE A 55 4.82 2.95 0.17
CA ILE A 55 4.91 4.01 1.17
C ILE A 55 5.28 5.33 0.52
N LYS A 56 6.20 5.28 -0.43
CA LYS A 56 6.64 6.49 -1.13
C LYS A 56 5.50 7.08 -1.96
N CYS A 57 4.78 6.22 -2.68
CA CYS A 57 3.70 6.68 -3.54
C CYS A 57 2.58 7.30 -2.71
N ALA A 58 2.22 6.65 -1.62
CA ALA A 58 1.21 7.17 -0.71
C ALA A 58 1.68 8.48 -0.09
N HIS A 59 2.97 8.55 0.20
CA HIS A 59 3.58 9.75 0.78
C HIS A 59 3.41 10.94 -0.15
N GLU A 60 3.77 10.75 -1.42
CA GLU A 60 3.70 11.81 -2.40
C GLU A 60 2.25 12.16 -2.74
N ALA A 61 1.38 11.15 -2.73
CA ALA A 61 -0.03 11.36 -3.01
C ALA A 61 -0.71 12.15 -1.90
N LEU A 62 -0.38 11.79 -0.66
CA LEU A 62 -1.03 12.36 0.50
C LEU A 62 -0.61 13.81 0.73
N GLU A 63 0.68 14.10 0.67
CA GLU A 63 1.13 15.47 0.96
C GLU A 63 0.76 16.43 -0.16
N LYS A 64 0.68 15.93 -1.38
CA LYS A 64 0.41 16.76 -2.54
C LYS A 64 -1.09 16.94 -2.70
N ASN A 65 -1.81 16.10 -1.96
CA ASN A 65 -3.25 16.08 -2.00
C ASN A 65 -3.75 15.53 -0.67
N PRO A 66 -3.65 16.35 0.40
CA PRO A 66 -3.89 15.89 1.76
C PRO A 66 -5.37 15.93 2.15
N LYS A 67 -6.22 15.66 1.17
CA LYS A 67 -7.66 15.63 1.38
C LYS A 67 -8.20 14.22 1.19
N ILE A 68 -7.33 13.29 0.81
CA ILE A 68 -7.74 11.91 0.61
C ILE A 68 -7.71 11.14 1.91
N ARG A 69 -8.31 9.97 1.87
CA ARG A 69 -8.32 9.07 3.01
C ARG A 69 -8.09 7.65 2.53
N GLU A 70 -8.03 7.48 1.22
CA GLU A 70 -7.65 6.22 0.61
C GLU A 70 -7.36 6.41 -0.88
N VAL A 71 -6.46 5.60 -1.42
CA VAL A 71 -6.18 5.57 -2.87
C VAL A 71 -6.04 4.12 -3.34
N TYR A 72 -6.27 3.89 -4.62
CA TYR A 72 -6.19 2.55 -5.18
C TYR A 72 -4.97 2.44 -6.09
N LEU A 73 -4.05 1.56 -5.73
CA LEU A 73 -2.79 1.44 -6.44
C LEU A 73 -2.67 0.14 -7.19
N LYS A 74 -2.10 0.21 -8.38
CA LYS A 74 -1.74 -0.96 -9.14
C LYS A 74 -0.21 -1.09 -9.13
N PRO A 75 0.31 -2.22 -8.64
CA PRO A 75 1.73 -2.39 -8.40
C PRO A 75 2.58 -2.50 -9.67
N ARG A 76 3.88 -2.66 -9.48
CA ARG A 76 4.85 -2.51 -10.57
C ARG A 76 4.66 -3.58 -11.64
N ALA A 77 4.68 -4.84 -11.21
CA ALA A 77 4.71 -5.98 -12.13
C ALA A 77 3.49 -5.99 -13.04
N VAL A 78 3.74 -5.67 -14.30
CA VAL A 78 2.70 -5.65 -15.31
C VAL A 78 2.21 -7.08 -15.59
N LYS A 79 3.12 -8.02 -15.59
CA LYS A 79 2.79 -9.43 -15.86
C LYS A 79 2.00 -10.03 -14.70
N ASN A 80 2.18 -9.47 -13.50
CA ASN A 80 1.45 -9.94 -12.33
C ASN A 80 -0.05 -9.69 -12.50
N SER A 81 -0.37 -8.57 -13.13
CA SER A 81 -1.71 -8.32 -13.67
C SER A 81 -2.79 -8.18 -12.60
N SER A 82 -3.41 -9.31 -12.24
CA SER A 82 -4.58 -9.29 -11.37
C SER A 82 -4.19 -9.15 -9.91
N VAL A 83 -3.60 -8.01 -9.59
CA VAL A 83 -3.21 -7.69 -8.24
C VAL A 83 -3.50 -6.23 -7.94
N GLN A 84 -4.18 -5.98 -6.84
CA GLN A 84 -4.56 -4.63 -6.47
C GLN A 84 -4.12 -4.33 -5.04
N PHE A 85 -3.58 -3.14 -4.83
CA PHE A 85 -3.23 -2.71 -3.50
C PHE A 85 -4.07 -1.50 -3.10
N HIS A 86 -4.78 -1.66 -2.01
CA HIS A 86 -5.61 -0.59 -1.49
C HIS A 86 -4.83 0.16 -0.43
N VAL A 87 -4.43 1.38 -0.73
CA VAL A 87 -3.79 2.18 0.28
C VAL A 87 -4.84 3.03 0.96
N ILE A 88 -5.12 2.68 2.20
CA ILE A 88 -6.06 3.40 3.00
C ILE A 88 -5.30 4.33 3.92
N PHE A 89 -5.82 5.51 4.11
CA PHE A 89 -5.21 6.45 4.99
C PHE A 89 -5.96 6.44 6.31
N ASP A 90 -5.29 5.94 7.34
CA ASP A 90 -5.91 5.72 8.63
C ASP A 90 -6.10 7.05 9.33
N GLU A 91 -7.20 7.19 10.04
CA GLU A 91 -7.62 8.50 10.52
C GLU A 91 -6.81 8.85 11.76
N GLU A 92 -5.98 9.87 11.60
CA GLU A 92 -5.01 10.28 12.59
C GLU A 92 -4.58 11.71 12.32
N GLY A 1 -9.86 -14.50 -21.10
CA GLY A 1 -10.38 -14.71 -19.72
C GLY A 1 -10.21 -13.48 -18.87
N SER A 2 -10.29 -13.64 -17.56
CA SER A 2 -10.14 -12.54 -16.62
C SER A 2 -8.72 -12.00 -16.66
N ALA A 3 -7.76 -12.86 -16.36
CA ALA A 3 -6.36 -12.49 -16.37
C ALA A 3 -5.47 -13.71 -16.44
N MET A 4 -4.53 -13.71 -17.37
CA MET A 4 -3.60 -14.81 -17.53
C MET A 4 -2.59 -14.82 -16.39
N GLY A 5 -2.47 -15.97 -15.72
CA GLY A 5 -1.54 -16.10 -14.61
C GLY A 5 -2.22 -15.89 -13.28
N HIS A 6 -3.19 -14.98 -13.25
CA HIS A 6 -3.91 -14.66 -12.02
C HIS A 6 -5.37 -14.39 -12.31
N MET A 7 -6.16 -15.45 -12.46
CA MET A 7 -7.59 -15.31 -12.67
C MET A 7 -8.30 -14.69 -11.46
N PRO A 8 -8.04 -15.17 -10.21
CA PRO A 8 -8.61 -14.55 -9.03
C PRO A 8 -8.03 -13.17 -8.75
N ALA A 9 -8.90 -12.21 -8.50
CA ALA A 9 -8.46 -10.85 -8.22
C ALA A 9 -8.15 -10.68 -6.74
N VAL A 10 -6.93 -10.27 -6.44
CA VAL A 10 -6.49 -10.10 -5.06
C VAL A 10 -5.94 -8.71 -4.84
N ASP A 11 -6.48 -8.01 -3.85
CA ASP A 11 -5.98 -6.70 -3.48
C ASP A 11 -5.51 -6.70 -2.04
N VAL A 12 -4.34 -6.16 -1.82
CA VAL A 12 -3.78 -6.06 -0.48
C VAL A 12 -4.08 -4.68 0.09
N GLU A 13 -4.80 -4.64 1.19
CA GLU A 13 -5.24 -3.37 1.76
C GLU A 13 -4.37 -2.97 2.93
N ILE A 14 -3.63 -1.90 2.76
CA ILE A 14 -2.77 -1.39 3.81
C ILE A 14 -3.40 -0.14 4.41
N HIS A 15 -3.27 0.04 5.71
CA HIS A 15 -3.83 1.20 6.37
C HIS A 15 -2.72 2.11 6.91
N PHE A 16 -2.61 3.28 6.31
CA PHE A 16 -1.58 4.23 6.70
C PHE A 16 -2.19 5.35 7.53
N PRO A 17 -1.72 5.55 8.77
CA PRO A 17 -2.14 6.67 9.60
C PRO A 17 -1.83 8.01 8.92
N LEU A 18 -2.90 8.73 8.62
CA LEU A 18 -2.87 9.99 7.84
C LEU A 18 -1.78 10.92 8.34
N LYS A 19 -1.66 11.03 9.65
CA LYS A 19 -0.79 12.00 10.28
C LYS A 19 0.68 11.65 10.08
N ARG A 20 1.00 10.37 10.13
CA ARG A 20 2.40 9.95 10.09
C ARG A 20 2.89 9.76 8.65
N ILE A 21 1.97 9.39 7.75
CA ILE A 21 2.36 9.20 6.36
C ILE A 21 2.58 10.57 5.69
N ALA A 22 1.92 11.58 6.24
CA ALA A 22 2.08 12.95 5.77
C ALA A 22 3.28 13.60 6.44
N ALA A 23 4.08 12.80 7.11
CA ALA A 23 5.23 13.31 7.85
C ALA A 23 6.51 12.66 7.36
N GLU A 24 7.63 13.15 7.88
CA GLU A 24 8.93 12.60 7.57
C GLU A 24 9.52 12.02 8.83
N GLY A 25 10.25 10.93 8.69
CA GLY A 25 10.66 10.15 9.83
C GLY A 25 9.70 9.00 10.02
N TYR A 26 9.03 8.63 8.93
CA TYR A 26 8.03 7.56 8.94
C TYR A 26 8.64 6.23 9.38
N ALA A 27 9.96 6.13 9.31
CA ALA A 27 10.66 4.91 9.71
C ALA A 27 10.51 4.66 11.21
N GLU A 28 10.17 5.71 11.94
CA GLU A 28 9.99 5.62 13.38
C GLU A 28 8.54 5.29 13.74
N ASP A 29 7.70 5.15 12.72
CA ASP A 29 6.31 4.76 12.94
C ASP A 29 6.22 3.24 13.03
N GLU A 30 6.06 2.74 14.25
CA GLU A 30 6.05 1.30 14.47
C GLU A 30 4.84 0.70 13.78
N LEU A 31 3.80 1.49 13.64
CA LEU A 31 2.59 1.07 12.97
C LEU A 31 2.89 0.74 11.52
N LEU A 32 3.70 1.57 10.89
CA LEU A 32 4.03 1.42 9.51
C LEU A 32 4.95 0.23 9.29
N LEU A 33 5.90 0.07 10.18
CA LEU A 33 6.89 -0.99 10.07
C LEU A 33 6.27 -2.37 10.25
N ASN A 34 5.45 -2.54 11.27
CA ASN A 34 4.84 -3.85 11.51
C ASN A 34 3.77 -4.13 10.47
N GLN A 35 3.11 -3.08 10.00
CA GLN A 35 2.10 -3.19 8.96
C GLN A 35 2.74 -3.64 7.66
N MET A 36 3.86 -3.01 7.31
CA MET A 36 4.61 -3.36 6.11
C MET A 36 5.65 -4.41 6.42
N GLY A 37 5.54 -5.00 7.60
CA GLY A 37 6.19 -6.25 7.87
C GLY A 37 5.25 -7.41 7.64
N LYS A 38 3.97 -7.15 7.92
CA LYS A 38 2.91 -8.15 7.73
C LYS A 38 2.61 -8.35 6.26
N VAL A 39 1.91 -7.40 5.66
CA VAL A 39 1.44 -7.54 4.28
C VAL A 39 2.53 -7.11 3.32
N ASN A 40 3.65 -7.81 3.40
CA ASN A 40 4.85 -7.41 2.70
C ASN A 40 5.83 -8.56 2.58
N ASP A 41 5.71 -9.53 3.48
CA ASP A 41 6.60 -10.70 3.46
C ASP A 41 6.26 -11.61 2.28
N THR A 42 4.97 -11.77 2.02
CA THR A 42 4.51 -12.59 0.91
C THR A 42 3.41 -11.88 0.12
N PRO A 43 3.75 -10.74 -0.50
CA PRO A 43 2.80 -9.87 -1.17
C PRO A 43 2.72 -10.10 -2.68
N GLU A 44 3.12 -11.30 -3.11
CA GLU A 44 3.05 -11.70 -4.52
C GLU A 44 4.12 -11.00 -5.38
N GLU A 45 4.10 -9.66 -5.35
CA GLU A 45 5.00 -8.86 -6.18
C GLU A 45 6.46 -9.04 -5.76
N GLU A 46 6.85 -8.41 -4.66
CA GLU A 46 8.20 -8.53 -4.13
C GLU A 46 8.18 -8.53 -2.60
N GLY A 47 8.31 -7.34 -2.02
CA GLY A 47 8.24 -7.22 -0.57
C GLY A 47 8.87 -5.93 -0.07
N MET A 48 10.14 -5.97 0.24
CA MET A 48 10.83 -4.80 0.81
C MET A 48 10.72 -3.58 -0.13
N PRO A 49 10.99 -3.71 -1.44
CA PRO A 49 10.88 -2.58 -2.36
C PRO A 49 9.44 -2.17 -2.54
N LEU A 50 8.55 -3.15 -2.29
CA LEU A 50 7.12 -2.93 -2.34
C LEU A 50 6.70 -1.86 -1.37
N ARG A 51 7.18 -1.96 -0.14
CA ARG A 51 6.83 -0.99 0.87
C ARG A 51 7.56 0.31 0.61
N ALA A 52 8.77 0.21 0.08
CA ALA A 52 9.52 1.39 -0.30
C ALA A 52 8.77 2.23 -1.34
N TRP A 53 8.30 1.58 -2.42
CA TRP A 53 7.58 2.32 -3.45
C TRP A 53 6.19 2.68 -2.99
N VAL A 54 5.50 1.76 -2.33
CA VAL A 54 4.14 1.98 -1.84
C VAL A 54 4.11 3.16 -0.86
N ILE A 55 4.98 3.13 0.12
CA ILE A 55 5.03 4.18 1.13
C ILE A 55 5.41 5.51 0.50
N LYS A 56 6.38 5.50 -0.42
CA LYS A 56 6.81 6.73 -1.05
C LYS A 56 5.74 7.28 -1.98
N CYS A 57 5.09 6.40 -2.74
CA CYS A 57 4.04 6.82 -3.66
C CYS A 57 2.82 7.33 -2.89
N ALA A 58 2.47 6.65 -1.81
CA ALA A 58 1.37 7.10 -0.96
C ALA A 58 1.71 8.44 -0.34
N HIS A 59 2.99 8.60 0.00
CA HIS A 59 3.50 9.84 0.56
C HIS A 59 3.32 10.97 -0.46
N GLU A 60 3.83 10.74 -1.67
CA GLU A 60 3.74 11.71 -2.76
C GLU A 60 2.29 12.04 -3.08
N ALA A 61 1.47 11.01 -3.20
CA ALA A 61 0.07 11.15 -3.58
C ALA A 61 -0.70 11.96 -2.56
N LEU A 62 -0.45 11.67 -1.29
CA LEU A 62 -1.19 12.32 -0.21
C LEU A 62 -0.84 13.80 -0.10
N GLU A 63 0.44 14.13 -0.15
CA GLU A 63 0.88 15.50 0.07
C GLU A 63 0.40 16.44 -1.03
N LYS A 64 0.28 15.93 -2.25
CA LYS A 64 -0.09 16.79 -3.38
C LYS A 64 -1.58 17.05 -3.41
N ASN A 65 -2.34 16.21 -2.73
CA ASN A 65 -3.76 16.40 -2.55
C ASN A 65 -4.20 15.90 -1.18
N PRO A 66 -3.78 16.61 -0.12
CA PRO A 66 -3.92 16.14 1.27
C PRO A 66 -5.34 16.31 1.81
N LYS A 67 -6.30 15.93 0.99
CA LYS A 67 -7.71 15.99 1.36
C LYS A 67 -8.36 14.62 1.14
N ILE A 68 -7.55 13.68 0.65
CA ILE A 68 -8.03 12.33 0.39
C ILE A 68 -7.94 11.47 1.63
N ARG A 69 -8.20 10.18 1.47
CA ARG A 69 -8.18 9.26 2.59
C ARG A 69 -7.85 7.83 2.16
N GLU A 70 -7.65 7.61 0.87
CA GLU A 70 -7.16 6.33 0.38
C GLU A 70 -6.71 6.45 -1.08
N VAL A 71 -5.84 5.54 -1.50
CA VAL A 71 -5.36 5.50 -2.87
C VAL A 71 -5.41 4.09 -3.44
N TYR A 72 -5.47 4.00 -4.76
CA TYR A 72 -5.55 2.72 -5.45
C TYR A 72 -4.23 2.47 -6.18
N LEU A 73 -3.50 1.46 -5.74
CA LEU A 73 -2.16 1.24 -6.23
C LEU A 73 -2.01 -0.03 -7.05
N LYS A 74 -1.33 0.13 -8.17
CA LYS A 74 -0.90 -0.98 -9.01
C LYS A 74 0.62 -1.04 -9.00
N PRO A 75 1.23 -2.20 -8.69
CA PRO A 75 2.68 -2.34 -8.62
C PRO A 75 3.34 -2.22 -9.99
N ARG A 76 4.64 -2.48 -10.05
CA ARG A 76 5.38 -2.29 -11.28
C ARG A 76 5.19 -3.47 -12.22
N ALA A 77 5.15 -4.67 -11.65
CA ALA A 77 4.92 -5.87 -12.44
C ALA A 77 3.45 -5.97 -12.82
N VAL A 78 3.06 -5.20 -13.82
CA VAL A 78 1.70 -5.24 -14.37
C VAL A 78 1.38 -6.65 -14.87
N LYS A 79 2.43 -7.45 -15.08
CA LYS A 79 2.28 -8.85 -15.50
C LYS A 79 1.44 -9.63 -14.49
N ASN A 80 1.39 -9.18 -13.24
CA ASN A 80 0.59 -9.84 -12.21
C ASN A 80 -0.87 -9.78 -12.58
N SER A 81 -1.22 -8.73 -13.34
CA SER A 81 -2.57 -8.48 -13.81
C SER A 81 -3.53 -8.14 -12.66
N SER A 82 -3.94 -9.15 -11.92
CA SER A 82 -5.02 -8.97 -10.95
C SER A 82 -4.54 -8.88 -9.51
N VAL A 83 -3.34 -8.37 -9.29
CA VAL A 83 -2.94 -8.03 -7.93
C VAL A 83 -3.07 -6.52 -7.75
N GLN A 84 -3.62 -6.10 -6.62
CA GLN A 84 -3.78 -4.69 -6.35
C GLN A 84 -3.30 -4.35 -4.95
N PHE A 85 -3.03 -3.09 -4.73
CA PHE A 85 -2.74 -2.59 -3.39
C PHE A 85 -3.65 -1.43 -3.07
N HIS A 86 -4.43 -1.60 -2.02
CA HIS A 86 -5.41 -0.61 -1.65
C HIS A 86 -4.97 0.06 -0.35
N VAL A 87 -4.45 1.26 -0.47
CA VAL A 87 -3.91 1.96 0.69
C VAL A 87 -4.95 2.91 1.24
N ILE A 88 -5.42 2.61 2.45
CA ILE A 88 -6.38 3.47 3.12
C ILE A 88 -5.66 4.30 4.16
N PHE A 89 -6.08 5.53 4.30
CA PHE A 89 -5.45 6.44 5.24
C PHE A 89 -6.31 6.60 6.48
N ASP A 90 -5.80 6.15 7.61
CA ASP A 90 -6.51 6.27 8.87
C ASP A 90 -6.43 7.70 9.38
N GLU A 91 -7.56 8.36 9.45
CA GLU A 91 -7.63 9.76 9.84
C GLU A 91 -7.85 9.88 11.34
N GLU A 92 -6.87 10.44 12.02
CA GLU A 92 -6.89 10.50 13.47
C GLU A 92 -6.88 11.95 13.92
N GLY A 1 -21.74 -7.84 -14.91
CA GLY A 1 -21.36 -9.26 -15.06
C GLY A 1 -22.43 -10.19 -14.49
N SER A 2 -22.01 -11.09 -13.63
CA SER A 2 -22.92 -12.01 -12.98
C SER A 2 -22.60 -12.08 -11.48
N ALA A 3 -21.83 -11.09 -11.03
CA ALA A 3 -21.37 -11.02 -9.64
C ALA A 3 -20.41 -12.16 -9.31
N MET A 4 -20.00 -12.22 -8.05
CA MET A 4 -19.06 -13.23 -7.56
C MET A 4 -17.66 -13.02 -8.14
N GLY A 5 -17.49 -11.93 -8.87
CA GLY A 5 -16.21 -11.64 -9.47
C GLY A 5 -16.06 -12.26 -10.85
N HIS A 6 -15.84 -11.43 -11.85
CA HIS A 6 -15.63 -11.92 -13.21
C HIS A 6 -14.22 -12.48 -13.35
N MET A 7 -13.26 -11.76 -12.79
CA MET A 7 -11.88 -12.22 -12.74
C MET A 7 -11.47 -12.39 -11.28
N PRO A 8 -10.68 -13.43 -10.96
CA PRO A 8 -10.20 -13.66 -9.61
C PRO A 8 -9.10 -12.68 -9.22
N ALA A 9 -9.50 -11.44 -8.98
CA ALA A 9 -8.55 -10.40 -8.61
C ALA A 9 -8.36 -10.34 -7.11
N VAL A 10 -7.12 -10.29 -6.69
CA VAL A 10 -6.79 -10.23 -5.28
C VAL A 10 -6.44 -8.81 -4.87
N ASP A 11 -6.95 -8.41 -3.72
CA ASP A 11 -6.70 -7.08 -3.19
C ASP A 11 -5.89 -7.17 -1.91
N VAL A 12 -4.93 -6.28 -1.76
CA VAL A 12 -4.15 -6.23 -0.53
C VAL A 12 -4.42 -4.92 0.19
N GLU A 13 -4.51 -4.98 1.51
CA GLU A 13 -4.87 -3.82 2.29
C GLU A 13 -3.64 -3.24 2.99
N ILE A 14 -3.31 -2.01 2.65
CA ILE A 14 -2.24 -1.33 3.32
C ILE A 14 -2.79 -0.14 4.07
N HIS A 15 -2.55 -0.09 5.37
CA HIS A 15 -3.09 1.00 6.17
C HIS A 15 -1.98 1.91 6.65
N PHE A 16 -1.99 3.13 6.14
CA PHE A 16 -1.05 4.14 6.56
C PHE A 16 -1.77 5.16 7.42
N PRO A 17 -1.39 5.27 8.68
CA PRO A 17 -1.95 6.27 9.58
C PRO A 17 -1.72 7.67 9.03
N LEU A 18 -2.82 8.37 8.81
CA LEU A 18 -2.85 9.62 8.07
C LEU A 18 -1.83 10.64 8.60
N LYS A 19 -1.68 10.72 9.91
CA LYS A 19 -0.77 11.71 10.48
C LYS A 19 0.70 11.27 10.41
N ARG A 20 0.97 9.97 10.42
CA ARG A 20 2.35 9.52 10.41
C ARG A 20 2.91 9.54 8.99
N ILE A 21 2.07 9.15 8.02
CA ILE A 21 2.50 9.01 6.64
C ILE A 21 2.78 10.38 6.02
N ALA A 22 2.10 11.40 6.51
CA ALA A 22 2.28 12.76 6.01
C ALA A 22 3.60 13.34 6.51
N ALA A 23 4.10 12.78 7.60
CA ALA A 23 5.32 13.28 8.22
C ALA A 23 6.55 12.63 7.61
N GLU A 24 7.72 13.00 8.09
CA GLU A 24 8.96 12.45 7.56
C GLU A 24 9.68 11.65 8.65
N GLY A 25 8.92 11.28 9.65
CA GLY A 25 9.38 10.33 10.65
C GLY A 25 8.57 9.06 10.56
N TYR A 26 8.04 8.84 9.38
CA TYR A 26 7.09 7.76 9.13
C TYR A 26 7.78 6.39 9.17
N ALA A 27 9.02 6.33 8.70
CA ALA A 27 9.76 5.08 8.65
C ALA A 27 10.25 4.70 10.05
N GLU A 28 10.26 5.69 10.92
CA GLU A 28 10.59 5.47 12.33
C GLU A 28 9.33 5.16 13.12
N ASP A 29 8.20 5.19 12.43
CA ASP A 29 6.91 4.93 13.07
C ASP A 29 6.57 3.45 12.98
N GLU A 30 6.48 2.83 14.15
CA GLU A 30 6.26 1.40 14.28
C GLU A 30 4.98 0.97 13.58
N LEU A 31 4.01 1.88 13.50
CA LEU A 31 2.72 1.56 12.96
C LEU A 31 2.86 1.35 11.46
N LEU A 32 3.61 2.25 10.81
CA LEU A 32 3.84 2.15 9.39
C LEU A 32 4.62 0.88 9.09
N LEU A 33 5.57 0.59 9.97
CA LEU A 33 6.40 -0.59 9.87
C LEU A 33 5.57 -1.87 10.03
N ASN A 34 4.66 -1.86 10.98
CA ASN A 34 3.81 -3.02 11.24
C ASN A 34 2.99 -3.36 10.01
N GLN A 35 2.34 -2.36 9.43
CA GLN A 35 1.47 -2.60 8.28
C GLN A 35 2.27 -3.09 7.07
N MET A 36 3.39 -2.43 6.82
CA MET A 36 4.22 -2.78 5.68
C MET A 36 5.37 -3.69 6.11
N GLY A 37 5.19 -4.33 7.25
CA GLY A 37 6.00 -5.48 7.61
C GLY A 37 5.21 -6.74 7.39
N LYS A 38 3.90 -6.65 7.62
CA LYS A 38 2.97 -7.71 7.28
C LYS A 38 2.87 -7.85 5.78
N VAL A 39 2.30 -6.83 5.15
CA VAL A 39 2.20 -6.76 3.70
C VAL A 39 3.56 -6.38 3.14
N ASN A 40 4.46 -7.34 3.12
CA ASN A 40 5.83 -7.08 2.78
C ASN A 40 6.62 -8.36 2.68
N ASP A 41 6.37 -9.27 3.59
CA ASP A 41 7.08 -10.53 3.60
C ASP A 41 6.63 -11.38 2.41
N THR A 42 5.34 -11.35 2.13
CA THR A 42 4.78 -12.04 0.97
C THR A 42 3.65 -11.22 0.33
N PRO A 43 3.99 -10.07 -0.27
CA PRO A 43 3.00 -9.19 -0.88
C PRO A 43 2.76 -9.51 -2.35
N GLU A 44 2.96 -10.78 -2.70
CA GLU A 44 2.75 -11.30 -4.05
C GLU A 44 3.84 -10.83 -5.01
N GLU A 45 4.09 -9.53 -5.02
CA GLU A 45 5.04 -8.93 -5.94
C GLU A 45 6.48 -9.20 -5.50
N GLU A 46 6.99 -8.41 -4.57
CA GLU A 46 8.36 -8.58 -4.08
C GLU A 46 8.37 -8.57 -2.57
N GLY A 47 8.46 -7.38 -1.98
CA GLY A 47 8.50 -7.27 -0.54
C GLY A 47 9.03 -5.95 -0.06
N MET A 48 10.28 -5.94 0.36
CA MET A 48 10.91 -4.73 0.87
C MET A 48 10.84 -3.55 -0.12
N PRO A 49 11.13 -3.78 -1.42
CA PRO A 49 11.00 -2.72 -2.45
C PRO A 49 9.56 -2.24 -2.55
N LEU A 50 8.63 -3.16 -2.34
CA LEU A 50 7.21 -2.84 -2.34
C LEU A 50 6.91 -1.79 -1.30
N ARG A 51 7.47 -1.98 -0.13
CA ARG A 51 7.29 -1.04 0.95
C ARG A 51 7.88 0.31 0.61
N ALA A 52 9.10 0.32 0.10
CA ALA A 52 9.75 1.56 -0.28
C ALA A 52 8.94 2.31 -1.35
N TRP A 53 8.51 1.60 -2.40
CA TRP A 53 7.82 2.24 -3.49
C TRP A 53 6.41 2.66 -3.08
N VAL A 54 5.71 1.77 -2.40
CA VAL A 54 4.32 2.00 -2.06
C VAL A 54 4.19 3.10 -1.00
N ILE A 55 5.08 3.08 -0.01
CA ILE A 55 5.08 4.13 1.02
C ILE A 55 5.42 5.48 0.39
N LYS A 56 6.45 5.53 -0.45
CA LYS A 56 6.85 6.78 -1.06
C LYS A 56 5.76 7.33 -1.98
N CYS A 57 5.22 6.48 -2.84
CA CYS A 57 4.19 6.91 -3.78
C CYS A 57 2.95 7.41 -3.05
N ALA A 58 2.54 6.70 -2.00
CA ALA A 58 1.41 7.11 -1.20
C ALA A 58 1.71 8.42 -0.47
N HIS A 59 2.94 8.55 0.00
CA HIS A 59 3.40 9.75 0.69
C HIS A 59 3.31 10.94 -0.25
N GLU A 60 3.88 10.79 -1.44
CA GLU A 60 3.86 11.84 -2.45
C GLU A 60 2.43 12.19 -2.85
N ALA A 61 1.62 11.15 -3.06
CA ALA A 61 0.23 11.34 -3.48
C ALA A 61 -0.56 12.10 -2.43
N LEU A 62 -0.37 11.73 -1.16
CA LEU A 62 -1.15 12.31 -0.08
C LEU A 62 -0.74 13.76 0.19
N GLU A 63 0.55 14.03 0.24
CA GLU A 63 1.01 15.40 0.55
C GLU A 63 0.59 16.39 -0.52
N LYS A 64 0.39 15.90 -1.74
CA LYS A 64 0.04 16.77 -2.85
C LYS A 64 -1.46 16.74 -3.07
N ASN A 65 -2.12 15.93 -2.26
CA ASN A 65 -3.56 15.78 -2.30
C ASN A 65 -4.07 15.45 -0.90
N PRO A 66 -3.74 16.31 0.09
CA PRO A 66 -3.94 15.99 1.51
C PRO A 66 -5.38 16.24 1.95
N LYS A 67 -6.31 15.73 1.17
CA LYS A 67 -7.74 15.83 1.48
C LYS A 67 -8.36 14.46 1.47
N ILE A 68 -7.62 13.47 0.97
CA ILE A 68 -8.16 12.15 0.75
C ILE A 68 -7.95 11.22 1.92
N ARG A 69 -8.29 9.96 1.71
CA ARG A 69 -8.37 8.99 2.79
C ARG A 69 -7.89 7.61 2.33
N GLU A 70 -7.74 7.45 1.03
CA GLU A 70 -7.23 6.22 0.45
C GLU A 70 -6.85 6.44 -1.01
N VAL A 71 -5.86 5.68 -1.48
CA VAL A 71 -5.44 5.73 -2.88
C VAL A 71 -5.34 4.33 -3.46
N TYR A 72 -5.46 4.22 -4.77
CA TYR A 72 -5.48 2.93 -5.43
C TYR A 72 -4.22 2.74 -6.26
N LEU A 73 -3.43 1.75 -5.89
CA LEU A 73 -2.15 1.52 -6.52
C LEU A 73 -2.05 0.14 -7.14
N LYS A 74 -1.35 0.08 -8.27
CA LYS A 74 -1.06 -1.18 -8.92
C LYS A 74 0.45 -1.37 -8.95
N PRO A 75 0.95 -2.45 -8.35
CA PRO A 75 2.39 -2.75 -8.29
C PRO A 75 3.02 -2.92 -9.67
N ARG A 76 4.35 -2.78 -9.68
CA ARG A 76 5.14 -2.75 -10.90
C ARG A 76 4.97 -4.01 -11.73
N ALA A 77 4.67 -5.12 -11.07
CA ALA A 77 4.44 -6.37 -11.78
C ALA A 77 3.12 -6.33 -12.53
N VAL A 78 3.17 -5.82 -13.74
CA VAL A 78 2.02 -5.78 -14.62
C VAL A 78 1.57 -7.20 -14.99
N LYS A 79 2.52 -8.14 -14.99
CA LYS A 79 2.24 -9.51 -15.39
C LYS A 79 1.25 -10.19 -14.44
N ASN A 80 1.17 -9.71 -13.20
CA ASN A 80 0.26 -10.28 -12.21
C ASN A 80 -1.18 -10.08 -12.65
N SER A 81 -1.43 -8.98 -13.34
CA SER A 81 -2.74 -8.64 -13.88
C SER A 81 -3.77 -8.36 -12.78
N SER A 82 -4.24 -9.41 -12.12
CA SER A 82 -5.36 -9.30 -11.21
C SER A 82 -4.91 -9.18 -9.76
N VAL A 83 -4.04 -8.21 -9.50
CA VAL A 83 -3.66 -7.89 -8.12
C VAL A 83 -3.68 -6.37 -7.95
N GLN A 84 -4.33 -5.91 -6.88
CA GLN A 84 -4.49 -4.48 -6.65
C GLN A 84 -4.15 -4.13 -5.22
N PHE A 85 -3.43 -3.04 -5.05
CA PHE A 85 -3.05 -2.58 -3.72
C PHE A 85 -3.93 -1.42 -3.30
N HIS A 86 -4.58 -1.59 -2.15
CA HIS A 86 -5.42 -0.54 -1.62
C HIS A 86 -4.70 0.14 -0.48
N VAL A 87 -4.19 1.33 -0.75
CA VAL A 87 -3.50 2.06 0.27
C VAL A 87 -4.47 2.98 0.97
N ILE A 88 -4.76 2.65 2.20
CA ILE A 88 -5.78 3.34 2.95
C ILE A 88 -5.14 4.18 4.05
N PHE A 89 -5.68 5.35 4.22
CA PHE A 89 -5.16 6.28 5.20
C PHE A 89 -6.05 6.28 6.42
N ASP A 90 -5.53 5.72 7.52
CA ASP A 90 -6.28 5.66 8.76
C ASP A 90 -6.29 7.02 9.41
N GLU A 91 -7.47 7.59 9.54
CA GLU A 91 -7.61 8.92 10.09
C GLU A 91 -7.58 8.86 11.60
N GLU A 92 -6.55 9.45 12.16
CA GLU A 92 -6.35 9.45 13.60
C GLU A 92 -6.58 10.85 14.15
N GLY A 1 -17.30 -9.20 -7.65
CA GLY A 1 -16.15 -8.79 -6.83
C GLY A 1 -14.93 -9.63 -7.09
N SER A 2 -13.86 -9.38 -6.36
CA SER A 2 -12.61 -10.10 -6.56
C SER A 2 -12.56 -11.36 -5.68
N ALA A 3 -13.73 -11.91 -5.39
CA ALA A 3 -13.81 -13.12 -4.57
C ALA A 3 -14.61 -14.20 -5.30
N MET A 4 -14.97 -13.93 -6.54
CA MET A 4 -15.69 -14.91 -7.35
C MET A 4 -14.73 -16.00 -7.84
N GLY A 5 -15.21 -17.23 -7.87
CA GLY A 5 -14.34 -18.36 -8.13
C GLY A 5 -13.49 -18.68 -6.92
N HIS A 6 -12.38 -17.97 -6.80
CA HIS A 6 -11.55 -18.03 -5.60
C HIS A 6 -11.08 -16.63 -5.25
N MET A 7 -10.26 -16.07 -6.13
CA MET A 7 -9.78 -14.69 -6.01
C MET A 7 -8.91 -14.34 -7.22
N PRO A 8 -9.56 -14.01 -8.35
CA PRO A 8 -8.86 -13.70 -9.60
C PRO A 8 -7.93 -12.51 -9.44
N ALA A 9 -8.46 -11.43 -8.92
CA ALA A 9 -7.65 -10.25 -8.62
C ALA A 9 -7.24 -10.28 -7.17
N VAL A 10 -5.95 -10.06 -6.93
CA VAL A 10 -5.45 -10.06 -5.58
C VAL A 10 -5.53 -8.65 -5.00
N ASP A 11 -6.31 -8.51 -3.95
CA ASP A 11 -6.53 -7.22 -3.33
C ASP A 11 -5.73 -7.12 -2.03
N VAL A 12 -4.81 -6.16 -2.00
CA VAL A 12 -3.96 -5.97 -0.83
C VAL A 12 -4.37 -4.72 -0.07
N GLU A 13 -4.73 -4.88 1.19
CA GLU A 13 -5.16 -3.76 1.99
C GLU A 13 -4.00 -3.27 2.84
N ILE A 14 -3.60 -2.03 2.62
CA ILE A 14 -2.63 -1.40 3.49
C ILE A 14 -3.31 -0.25 4.21
N HIS A 15 -2.96 -0.04 5.47
CA HIS A 15 -3.54 1.05 6.24
C HIS A 15 -2.45 1.94 6.78
N PHE A 16 -2.53 3.23 6.48
CA PHE A 16 -1.57 4.18 6.97
C PHE A 16 -2.25 5.28 7.78
N PRO A 17 -1.72 5.58 8.97
CA PRO A 17 -2.15 6.74 9.76
C PRO A 17 -1.92 8.04 9.00
N LEU A 18 -3.01 8.78 8.80
CA LEU A 18 -3.02 9.99 7.97
C LEU A 18 -1.93 10.98 8.35
N LYS A 19 -1.64 11.10 9.64
CA LYS A 19 -0.62 12.04 10.11
C LYS A 19 0.79 11.52 9.84
N ARG A 20 1.00 10.24 10.01
CA ARG A 20 2.34 9.66 9.97
C ARG A 20 2.83 9.44 8.54
N ILE A 21 1.92 9.19 7.61
CA ILE A 21 2.30 9.04 6.22
C ILE A 21 2.67 10.42 5.66
N ALA A 22 2.27 11.46 6.38
CA ALA A 22 2.62 12.83 6.02
C ALA A 22 3.82 13.29 6.84
N ALA A 23 4.60 12.33 7.30
CA ALA A 23 5.79 12.62 8.10
C ALA A 23 7.04 12.17 7.36
N GLU A 24 8.12 12.92 7.51
CA GLU A 24 9.38 12.57 6.87
C GLU A 24 10.20 11.66 7.77
N GLY A 25 9.77 11.53 9.02
CA GLY A 25 10.40 10.61 9.94
C GLY A 25 9.59 9.34 10.06
N TYR A 26 8.96 8.97 8.96
CA TYR A 26 8.04 7.83 8.89
C TYR A 26 8.75 6.52 9.19
N ALA A 27 10.08 6.49 9.00
CA ALA A 27 10.87 5.30 9.25
C ALA A 27 10.90 4.97 10.74
N GLU A 28 10.55 5.95 11.56
CA GLU A 28 10.51 5.77 13.00
C GLU A 28 9.09 5.49 13.47
N ASP A 29 8.12 5.64 12.57
CA ASP A 29 6.73 5.41 12.91
C ASP A 29 6.41 3.93 12.87
N GLU A 30 6.31 3.36 14.05
CA GLU A 30 6.18 1.92 14.25
C GLU A 30 4.98 1.36 13.51
N LEU A 31 3.89 2.10 13.52
CA LEU A 31 2.66 1.65 12.90
C LEU A 31 2.88 1.42 11.41
N LEU A 32 3.64 2.32 10.80
CA LEU A 32 3.91 2.24 9.39
C LEU A 32 4.79 1.03 9.07
N LEU A 33 5.83 0.86 9.89
CA LEU A 33 6.78 -0.21 9.69
C LEU A 33 6.16 -1.58 9.92
N ASN A 34 5.44 -1.76 11.02
CA ASN A 34 4.87 -3.06 11.33
C ASN A 34 3.76 -3.40 10.35
N GLN A 35 3.03 -2.39 9.88
CA GLN A 35 1.97 -2.62 8.91
C GLN A 35 2.56 -3.14 7.59
N MET A 36 3.66 -2.52 7.18
CA MET A 36 4.37 -2.95 5.99
C MET A 36 5.32 -4.10 6.32
N GLY A 37 5.29 -4.54 7.57
CA GLY A 37 5.89 -5.80 7.93
C GLY A 37 4.87 -6.92 7.89
N LYS A 38 3.62 -6.55 8.15
CA LYS A 38 2.50 -7.48 8.12
C LYS A 38 2.22 -7.96 6.70
N VAL A 39 1.71 -7.06 5.86
CA VAL A 39 1.32 -7.44 4.51
C VAL A 39 2.40 -7.02 3.51
N ASN A 40 3.41 -7.87 3.40
CA ASN A 40 4.59 -7.50 2.66
C ASN A 40 5.54 -8.67 2.50
N ASP A 41 5.49 -9.61 3.45
CA ASP A 41 6.40 -10.74 3.43
C ASP A 41 6.01 -11.74 2.35
N THR A 42 4.71 -11.91 2.14
CA THR A 42 4.19 -12.80 1.11
C THR A 42 3.05 -12.13 0.34
N PRO A 43 3.36 -11.09 -0.44
CA PRO A 43 2.40 -10.30 -1.19
C PRO A 43 2.29 -10.71 -2.65
N GLU A 44 3.05 -11.73 -3.04
CA GLU A 44 3.13 -12.22 -4.41
C GLU A 44 3.93 -11.28 -5.32
N GLU A 45 3.68 -9.98 -5.20
CA GLU A 45 4.42 -8.97 -5.96
C GLU A 45 5.92 -9.02 -5.65
N GLU A 46 6.32 -8.46 -4.51
CA GLU A 46 7.73 -8.48 -4.09
C GLU A 46 7.84 -8.59 -2.57
N GLY A 47 8.12 -7.46 -1.92
CA GLY A 47 8.17 -7.44 -0.47
C GLY A 47 8.77 -6.15 0.07
N MET A 48 9.99 -6.24 0.57
CA MET A 48 10.70 -5.09 1.11
C MET A 48 10.67 -3.90 0.13
N PRO A 49 10.95 -4.11 -1.18
CA PRO A 49 10.83 -3.05 -2.19
C PRO A 49 9.41 -2.47 -2.24
N LEU A 50 8.41 -3.32 -1.99
CA LEU A 50 7.02 -2.86 -1.95
C LEU A 50 6.88 -1.76 -0.93
N ARG A 51 7.42 -2.03 0.24
CA ARG A 51 7.31 -1.09 1.34
C ARG A 51 7.96 0.22 1.00
N ALA A 52 9.17 0.16 0.45
CA ALA A 52 9.87 1.38 0.08
C ALA A 52 9.12 2.16 -1.01
N TRP A 53 8.73 1.50 -2.09
CA TRP A 53 8.08 2.19 -3.19
C TRP A 53 6.64 2.59 -2.84
N VAL A 54 5.95 1.71 -2.11
CA VAL A 54 4.54 1.93 -1.78
C VAL A 54 4.40 3.07 -0.80
N ILE A 55 5.27 3.09 0.22
CA ILE A 55 5.30 4.19 1.17
C ILE A 55 5.71 5.49 0.48
N LYS A 56 6.67 5.39 -0.44
CA LYS A 56 7.12 6.55 -1.20
C LYS A 56 5.98 7.11 -2.04
N CYS A 57 5.31 6.23 -2.78
CA CYS A 57 4.22 6.62 -3.66
C CYS A 57 3.05 7.18 -2.87
N ALA A 58 2.66 6.47 -1.81
CA ALA A 58 1.57 6.91 -0.95
C ALA A 58 1.88 8.25 -0.30
N HIS A 59 3.14 8.45 0.07
CA HIS A 59 3.58 9.70 0.66
C HIS A 59 3.36 10.85 -0.32
N GLU A 60 3.76 10.63 -1.57
CA GLU A 60 3.60 11.63 -2.62
C GLU A 60 2.12 11.92 -2.87
N ALA A 61 1.33 10.86 -3.00
CA ALA A 61 -0.09 11.00 -3.31
C ALA A 61 -0.84 11.72 -2.19
N LEU A 62 -0.50 11.37 -0.96
CA LEU A 62 -1.17 11.95 0.21
C LEU A 62 -0.85 13.43 0.31
N GLU A 63 0.41 13.80 0.16
CA GLU A 63 0.81 15.20 0.29
C GLU A 63 0.35 16.03 -0.90
N LYS A 64 0.20 15.38 -2.05
CA LYS A 64 -0.26 16.05 -3.27
C LYS A 64 -1.71 16.52 -3.11
N ASN A 65 -2.49 15.73 -2.38
CA ASN A 65 -3.88 16.04 -2.12
C ASN A 65 -4.27 15.54 -0.73
N PRO A 66 -3.81 16.24 0.32
CA PRO A 66 -3.90 15.77 1.71
C PRO A 66 -5.30 15.88 2.32
N LYS A 67 -6.32 15.70 1.47
CA LYS A 67 -7.69 15.67 1.93
C LYS A 67 -8.34 14.35 1.52
N ILE A 68 -7.51 13.36 1.20
CA ILE A 68 -8.00 12.04 0.85
C ILE A 68 -7.96 11.11 2.04
N ARG A 69 -8.37 9.89 1.82
CA ARG A 69 -8.38 8.90 2.88
C ARG A 69 -8.05 7.51 2.35
N GLU A 70 -7.97 7.36 1.03
CA GLU A 70 -7.50 6.11 0.43
C GLU A 70 -7.22 6.29 -1.06
N VAL A 71 -6.35 5.44 -1.61
CA VAL A 71 -6.07 5.45 -3.05
C VAL A 71 -5.89 4.01 -3.56
N TYR A 72 -6.05 3.86 -4.86
CA TYR A 72 -5.93 2.55 -5.51
C TYR A 72 -4.65 2.52 -6.30
N LEU A 73 -3.81 1.59 -5.93
CA LEU A 73 -2.45 1.57 -6.39
C LEU A 73 -2.15 0.23 -7.08
N LYS A 74 -1.39 0.28 -8.17
CA LYS A 74 -1.05 -0.92 -8.91
C LYS A 74 0.45 -1.14 -8.84
N PRO A 75 0.91 -2.33 -8.40
CA PRO A 75 2.31 -2.59 -8.22
C PRO A 75 3.05 -2.80 -9.54
N ARG A 76 4.37 -2.91 -9.43
CA ARG A 76 5.29 -2.74 -10.54
C ARG A 76 5.12 -3.82 -11.60
N ALA A 77 4.85 -5.05 -11.17
CA ALA A 77 4.68 -6.17 -12.09
C ALA A 77 3.42 -6.01 -12.92
N VAL A 78 3.58 -5.41 -14.09
CA VAL A 78 2.48 -5.26 -15.04
C VAL A 78 1.96 -6.63 -15.49
N LYS A 79 2.86 -7.60 -15.55
CA LYS A 79 2.51 -8.95 -16.00
C LYS A 79 1.52 -9.62 -15.04
N ASN A 80 1.51 -9.19 -13.78
CA ASN A 80 0.59 -9.74 -12.79
C ASN A 80 -0.86 -9.46 -13.16
N SER A 81 -1.06 -8.30 -13.79
CA SER A 81 -2.38 -7.80 -14.21
C SER A 81 -3.37 -7.68 -13.04
N SER A 82 -3.82 -8.81 -12.53
CA SER A 82 -4.88 -8.84 -11.53
C SER A 82 -4.30 -8.80 -10.11
N VAL A 83 -3.56 -7.75 -9.82
CA VAL A 83 -3.07 -7.51 -8.48
C VAL A 83 -3.14 -6.02 -8.19
N GLN A 84 -3.72 -5.66 -7.06
CA GLN A 84 -3.93 -4.27 -6.73
C GLN A 84 -3.64 -4.00 -5.27
N PHE A 85 -2.98 -2.89 -5.01
CA PHE A 85 -2.73 -2.45 -3.65
C PHE A 85 -3.69 -1.33 -3.30
N HIS A 86 -4.46 -1.55 -2.27
CA HIS A 86 -5.44 -0.58 -1.83
C HIS A 86 -4.96 0.03 -0.53
N VAL A 87 -4.44 1.24 -0.59
CA VAL A 87 -3.91 1.84 0.61
C VAL A 87 -4.94 2.78 1.20
N ILE A 88 -5.27 2.54 2.45
CA ILE A 88 -6.26 3.30 3.15
C ILE A 88 -5.63 4.11 4.25
N PHE A 89 -6.04 5.35 4.33
CA PHE A 89 -5.52 6.27 5.30
C PHE A 89 -6.51 6.47 6.43
N ASP A 90 -6.15 6.02 7.62
CA ASP A 90 -6.97 6.26 8.78
C ASP A 90 -6.76 7.69 9.25
N GLU A 91 -7.85 8.44 9.28
CA GLU A 91 -7.76 9.86 9.57
C GLU A 91 -7.67 10.10 11.07
N GLU A 92 -6.63 10.79 11.47
CA GLU A 92 -6.35 11.06 12.86
C GLU A 92 -5.53 12.33 12.96
N GLY A 1 -20.66 -23.24 -18.74
CA GLY A 1 -20.24 -21.82 -18.85
C GLY A 1 -19.00 -21.67 -19.71
N SER A 2 -18.50 -20.45 -19.80
CA SER A 2 -17.29 -20.17 -20.56
C SER A 2 -16.44 -19.13 -19.85
N ALA A 3 -17.05 -18.01 -19.50
CA ALA A 3 -16.35 -16.94 -18.81
C ALA A 3 -17.31 -16.14 -17.94
N MET A 4 -17.32 -16.44 -16.65
CA MET A 4 -18.20 -15.75 -15.72
C MET A 4 -17.45 -14.64 -14.99
N GLY A 5 -16.15 -14.54 -15.24
CA GLY A 5 -15.34 -13.53 -14.60
C GLY A 5 -14.68 -14.05 -13.34
N HIS A 6 -14.15 -15.27 -13.41
CA HIS A 6 -13.51 -15.90 -12.26
C HIS A 6 -12.03 -15.59 -12.21
N MET A 7 -11.67 -14.38 -12.60
CA MET A 7 -10.28 -13.94 -12.55
C MET A 7 -10.02 -13.23 -11.22
N PRO A 8 -9.30 -13.88 -10.31
CA PRO A 8 -9.06 -13.36 -8.96
C PRO A 8 -8.27 -12.05 -8.96
N ALA A 9 -8.98 -10.96 -8.74
CA ALA A 9 -8.34 -9.67 -8.55
C ALA A 9 -7.95 -9.50 -7.09
N VAL A 10 -6.67 -9.56 -6.82
CA VAL A 10 -6.18 -9.55 -5.45
C VAL A 10 -5.85 -8.13 -5.01
N ASP A 11 -6.39 -7.73 -3.87
CA ASP A 11 -6.11 -6.43 -3.30
C ASP A 11 -5.55 -6.59 -1.89
N VAL A 12 -4.35 -6.09 -1.67
CA VAL A 12 -3.73 -6.14 -0.37
C VAL A 12 -3.91 -4.80 0.34
N GLU A 13 -4.54 -4.81 1.50
CA GLU A 13 -4.89 -3.57 2.16
C GLU A 13 -3.83 -3.15 3.15
N ILE A 14 -3.16 -2.06 2.84
CA ILE A 14 -2.17 -1.49 3.73
C ILE A 14 -2.80 -0.29 4.43
N HIS A 15 -2.48 -0.09 5.70
CA HIS A 15 -3.11 1.01 6.43
C HIS A 15 -2.07 1.99 6.93
N PHE A 16 -2.11 3.18 6.36
CA PHE A 16 -1.17 4.23 6.72
C PHE A 16 -1.89 5.34 7.47
N PRO A 17 -1.52 5.57 8.74
CA PRO A 17 -2.05 6.69 9.51
C PRO A 17 -1.77 8.02 8.83
N LEU A 18 -2.85 8.78 8.64
CA LEU A 18 -2.84 10.04 7.89
C LEU A 18 -1.70 10.95 8.35
N LYS A 19 -1.52 11.08 9.66
CA LYS A 19 -0.50 11.98 10.18
C LYS A 19 0.91 11.40 10.10
N ARG A 20 1.03 10.08 9.95
CA ARG A 20 2.35 9.47 9.89
C ARG A 20 2.85 9.37 8.46
N ILE A 21 1.94 9.08 7.52
CA ILE A 21 2.31 8.95 6.12
C ILE A 21 2.61 10.33 5.53
N ALA A 22 2.20 11.37 6.25
CA ALA A 22 2.46 12.74 5.86
C ALA A 22 3.75 13.24 6.51
N ALA A 23 4.38 12.37 7.29
CA ALA A 23 5.61 12.72 7.99
C ALA A 23 6.82 12.23 7.22
N GLU A 24 7.94 12.90 7.41
CA GLU A 24 9.16 12.57 6.70
C GLU A 24 9.94 11.49 7.45
N GLY A 25 9.68 11.39 8.75
CA GLY A 25 10.29 10.35 9.56
C GLY A 25 9.42 9.11 9.63
N TYR A 26 8.50 9.01 8.69
CA TYR A 26 7.56 7.90 8.62
C TYR A 26 8.25 6.57 8.42
N ALA A 27 9.47 6.61 7.88
CA ALA A 27 10.23 5.40 7.62
C ALA A 27 10.65 4.73 8.92
N GLU A 28 10.52 5.47 10.01
CA GLU A 28 10.86 4.95 11.33
C GLU A 28 9.61 4.91 12.21
N ASP A 29 8.45 5.12 11.59
CA ASP A 29 7.20 5.11 12.32
C ASP A 29 6.67 3.71 12.49
N GLU A 30 6.53 3.31 13.75
CA GLU A 30 6.22 1.93 14.09
C GLU A 30 4.88 1.52 13.49
N LEU A 31 3.94 2.46 13.41
CA LEU A 31 2.65 2.17 12.85
C LEU A 31 2.78 1.78 11.39
N LEU A 32 3.56 2.56 10.67
CA LEU A 32 3.73 2.37 9.27
C LEU A 32 4.44 1.04 9.04
N LEU A 33 5.40 0.77 9.92
CA LEU A 33 6.15 -0.46 9.90
C LEU A 33 5.30 -1.67 10.26
N ASN A 34 4.44 -1.51 11.26
CA ASN A 34 3.61 -2.61 11.74
C ASN A 34 2.62 -3.04 10.69
N GLN A 35 1.90 -2.08 10.12
CA GLN A 35 0.86 -2.40 9.15
C GLN A 35 1.48 -2.96 7.88
N MET A 36 2.52 -2.29 7.40
CA MET A 36 3.17 -2.75 6.20
C MET A 36 3.85 -4.07 6.46
N GLY A 37 4.54 -4.16 7.59
CA GLY A 37 5.22 -5.39 7.98
C GLY A 37 4.29 -6.58 8.01
N LYS A 38 3.04 -6.34 8.40
CA LYS A 38 2.01 -7.35 8.36
C LYS A 38 1.79 -7.85 6.94
N VAL A 39 1.65 -6.92 6.00
CA VAL A 39 1.45 -7.28 4.60
C VAL A 39 2.72 -7.02 3.77
N ASN A 40 3.87 -7.40 4.33
CA ASN A 40 5.15 -7.04 3.73
C ASN A 40 5.95 -8.27 3.32
N ASP A 41 5.84 -9.33 4.09
CA ASP A 41 6.69 -10.49 3.91
C ASP A 41 6.14 -11.38 2.80
N THR A 42 4.83 -11.34 2.63
CA THR A 42 4.17 -12.09 1.59
C THR A 42 3.26 -11.18 0.76
N PRO A 43 3.83 -10.21 0.03
CA PRO A 43 3.07 -9.33 -0.85
C PRO A 43 2.97 -9.89 -2.26
N GLU A 44 3.46 -11.13 -2.41
CA GLU A 44 3.46 -11.85 -3.69
C GLU A 44 4.53 -11.31 -4.64
N GLU A 45 4.55 -9.99 -4.81
CA GLU A 45 5.49 -9.36 -5.73
C GLU A 45 6.93 -9.50 -5.27
N GLU A 46 7.34 -8.67 -4.33
CA GLU A 46 8.74 -8.61 -3.92
C GLU A 46 8.89 -8.73 -2.42
N GLY A 47 8.47 -7.69 -1.72
CA GLY A 47 8.63 -7.63 -0.28
C GLY A 47 9.14 -6.28 0.17
N MET A 48 10.44 -6.18 0.34
CA MET A 48 11.07 -4.96 0.84
C MET A 48 10.92 -3.75 -0.11
N PRO A 49 11.11 -3.91 -1.42
CA PRO A 49 11.09 -2.80 -2.36
C PRO A 49 9.65 -2.43 -2.66
N LEU A 50 8.83 -3.44 -2.50
CA LEU A 50 7.39 -3.35 -2.56
C LEU A 50 6.91 -2.36 -1.51
N ARG A 51 7.46 -2.49 -0.31
CA ARG A 51 7.22 -1.56 0.78
C ARG A 51 7.73 -0.17 0.42
N ALA A 52 8.97 -0.12 -0.04
CA ALA A 52 9.62 1.14 -0.34
C ALA A 52 8.84 1.93 -1.40
N TRP A 53 8.44 1.27 -2.50
CA TRP A 53 7.72 1.96 -3.56
C TRP A 53 6.30 2.28 -3.12
N VAL A 54 5.67 1.35 -2.42
CA VAL A 54 4.27 1.52 -2.04
C VAL A 54 4.12 2.63 -1.01
N ILE A 55 5.03 2.66 -0.03
CA ILE A 55 5.05 3.73 0.95
C ILE A 55 5.44 5.06 0.31
N LYS A 56 6.43 5.02 -0.57
CA LYS A 56 6.90 6.22 -1.26
C LYS A 56 5.78 6.84 -2.09
N CYS A 57 5.14 6.02 -2.91
CA CYS A 57 4.07 6.49 -3.78
C CYS A 57 2.89 6.99 -2.95
N ALA A 58 2.58 6.28 -1.88
CA ALA A 58 1.49 6.68 -0.99
C ALA A 58 1.83 8.00 -0.29
N HIS A 59 3.10 8.17 0.07
CA HIS A 59 3.56 9.39 0.72
C HIS A 59 3.26 10.60 -0.14
N GLU A 60 3.78 10.61 -1.36
CA GLU A 60 3.61 11.75 -2.25
C GLU A 60 2.16 11.89 -2.72
N ALA A 61 1.46 10.76 -2.87
CA ALA A 61 0.05 10.79 -3.24
C ALA A 61 -0.77 11.47 -2.16
N LEU A 62 -0.49 11.10 -0.91
CA LEU A 62 -1.21 11.65 0.24
C LEU A 62 -0.90 13.12 0.42
N GLU A 63 0.38 13.47 0.38
CA GLU A 63 0.80 14.86 0.59
C GLU A 63 0.35 15.78 -0.55
N LYS A 64 0.20 15.22 -1.74
CA LYS A 64 -0.27 16.01 -2.88
C LYS A 64 -1.70 16.50 -2.62
N ASN A 65 -2.53 15.62 -2.11
CA ASN A 65 -3.90 15.97 -1.76
C ASN A 65 -4.25 15.38 -0.39
N PRO A 66 -3.74 16.00 0.69
CA PRO A 66 -3.87 15.47 2.05
C PRO A 66 -5.29 15.64 2.61
N LYS A 67 -6.26 15.44 1.73
CA LYS A 67 -7.66 15.56 2.06
C LYS A 67 -8.40 14.34 1.53
N ILE A 68 -7.66 13.26 1.32
CA ILE A 68 -8.23 12.03 0.78
C ILE A 68 -8.48 11.02 1.87
N ARG A 69 -8.89 9.84 1.45
CA ARG A 69 -9.24 8.77 2.36
C ARG A 69 -8.32 7.58 2.14
N GLU A 70 -8.20 7.17 0.88
CA GLU A 70 -7.42 6.01 0.54
C GLU A 70 -7.11 6.00 -0.95
N VAL A 71 -6.13 5.20 -1.34
CA VAL A 71 -5.70 5.11 -2.72
C VAL A 71 -5.59 3.66 -3.14
N TYR A 72 -5.81 3.38 -4.41
CA TYR A 72 -5.62 2.05 -4.94
C TYR A 72 -4.40 2.03 -5.86
N LEU A 73 -3.42 1.24 -5.49
CA LEU A 73 -2.16 1.20 -6.18
C LEU A 73 -1.99 -0.09 -6.97
N LYS A 74 -1.36 0.01 -8.12
CA LYS A 74 -1.07 -1.14 -8.93
C LYS A 74 0.45 -1.23 -9.14
N PRO A 75 1.06 -2.33 -8.69
CA PRO A 75 2.52 -2.52 -8.70
C PRO A 75 3.14 -2.45 -10.09
N ARG A 76 4.46 -2.23 -10.10
CA ARG A 76 5.22 -2.05 -11.33
C ARG A 76 5.23 -3.31 -12.17
N ALA A 77 4.91 -4.43 -11.52
CA ALA A 77 4.82 -5.71 -12.21
C ALA A 77 3.58 -5.75 -13.09
N VAL A 78 3.75 -5.31 -14.33
CA VAL A 78 2.66 -5.27 -15.31
C VAL A 78 2.15 -6.68 -15.61
N LYS A 79 3.01 -7.66 -15.35
CA LYS A 79 2.71 -9.06 -15.63
C LYS A 79 1.43 -9.54 -14.94
N ASN A 80 1.14 -8.99 -13.76
CA ASN A 80 0.07 -9.50 -12.93
C ASN A 80 -1.31 -9.17 -13.47
N SER A 81 -1.44 -7.95 -14.00
CA SER A 81 -2.71 -7.45 -14.53
C SER A 81 -3.72 -7.16 -13.41
N SER A 82 -4.14 -8.19 -12.69
CA SER A 82 -5.23 -8.06 -11.72
C SER A 82 -4.76 -8.13 -10.26
N VAL A 83 -3.70 -7.39 -9.93
CA VAL A 83 -3.32 -7.24 -8.53
C VAL A 83 -3.25 -5.76 -8.17
N GLN A 84 -3.74 -5.43 -6.99
CA GLN A 84 -3.70 -4.05 -6.50
C GLN A 84 -3.33 -4.00 -5.03
N PHE A 85 -2.70 -2.91 -4.64
CA PHE A 85 -2.44 -2.65 -3.25
C PHE A 85 -3.36 -1.52 -2.79
N HIS A 86 -4.20 -1.84 -1.84
CA HIS A 86 -5.22 -0.93 -1.39
C HIS A 86 -4.72 -0.19 -0.16
N VAL A 87 -4.30 1.05 -0.35
CA VAL A 87 -3.72 1.81 0.74
C VAL A 87 -4.77 2.73 1.35
N ILE A 88 -5.13 2.45 2.59
CA ILE A 88 -6.10 3.25 3.29
C ILE A 88 -5.38 4.18 4.25
N PHE A 89 -5.85 5.41 4.35
CA PHE A 89 -5.24 6.37 5.25
C PHE A 89 -6.08 6.53 6.50
N ASP A 90 -5.56 6.02 7.60
CA ASP A 90 -6.28 6.04 8.85
C ASP A 90 -6.24 7.43 9.47
N GLU A 91 -7.39 8.05 9.58
CA GLU A 91 -7.50 9.34 10.21
C GLU A 91 -7.69 9.14 11.72
N GLU A 92 -6.81 9.72 12.49
CA GLU A 92 -6.80 9.50 13.93
C GLU A 92 -7.14 10.78 14.67
N GLY A 1 -0.27 -15.46 -3.60
CA GLY A 1 0.45 -14.90 -4.77
C GLY A 1 0.20 -15.71 -6.01
N SER A 2 0.35 -15.06 -7.17
CA SER A 2 0.14 -15.68 -8.48
C SER A 2 -1.20 -16.40 -8.55
N ALA A 3 -2.27 -15.65 -8.30
CA ALA A 3 -3.60 -16.20 -8.32
C ALA A 3 -4.29 -15.88 -9.64
N MET A 4 -3.50 -15.38 -10.59
CA MET A 4 -4.00 -15.06 -11.92
C MET A 4 -4.77 -16.25 -12.51
N GLY A 5 -6.01 -16.00 -12.90
CA GLY A 5 -6.86 -17.07 -13.41
C GLY A 5 -7.77 -17.62 -12.34
N HIS A 6 -7.19 -17.92 -11.17
CA HIS A 6 -7.97 -18.44 -10.05
C HIS A 6 -8.82 -17.31 -9.48
N MET A 7 -8.20 -16.16 -9.35
CA MET A 7 -8.86 -14.95 -8.91
C MET A 7 -8.60 -13.84 -9.93
N PRO A 8 -9.66 -13.39 -10.62
CA PRO A 8 -9.57 -12.31 -11.59
C PRO A 8 -8.86 -11.08 -11.02
N ALA A 9 -9.30 -10.66 -9.84
CA ALA A 9 -8.60 -9.63 -9.11
C ALA A 9 -8.29 -10.08 -7.68
N VAL A 10 -7.13 -9.69 -7.19
CA VAL A 10 -6.76 -9.94 -5.80
C VAL A 10 -6.52 -8.61 -5.10
N ASP A 11 -7.31 -8.32 -4.08
CA ASP A 11 -7.23 -7.05 -3.41
C ASP A 11 -6.54 -7.17 -2.06
N VAL A 12 -5.42 -6.49 -1.93
CA VAL A 12 -4.66 -6.45 -0.68
C VAL A 12 -4.59 -5.00 -0.20
N GLU A 13 -4.76 -4.77 1.09
CA GLU A 13 -4.88 -3.41 1.59
C GLU A 13 -3.81 -3.08 2.62
N ILE A 14 -3.15 -1.95 2.42
CA ILE A 14 -2.14 -1.46 3.34
C ILE A 14 -2.71 -0.29 4.12
N HIS A 15 -2.49 -0.25 5.41
CA HIS A 15 -3.02 0.82 6.24
C HIS A 15 -1.91 1.75 6.70
N PHE A 16 -2.10 3.03 6.46
CA PHE A 16 -1.16 4.04 6.88
C PHE A 16 -1.89 5.13 7.66
N PRO A 17 -1.46 5.43 8.90
CA PRO A 17 -2.08 6.48 9.69
C PRO A 17 -1.85 7.86 9.06
N LEU A 18 -2.96 8.52 8.75
CA LEU A 18 -3.00 9.73 7.92
C LEU A 18 -1.88 10.73 8.23
N LYS A 19 -1.65 10.97 9.51
CA LYS A 19 -0.75 12.03 9.93
C LYS A 19 0.71 11.67 9.74
N ARG A 20 1.08 10.42 10.05
CA ARG A 20 2.48 10.05 10.06
C ARG A 20 2.96 9.53 8.71
N ILE A 21 2.04 9.11 7.85
CA ILE A 21 2.42 8.75 6.49
C ILE A 21 2.77 10.01 5.70
N ALA A 22 2.27 11.15 6.19
CA ALA A 22 2.57 12.44 5.59
C ALA A 22 3.91 12.96 6.09
N ALA A 23 4.41 12.34 7.15
CA ALA A 23 5.67 12.76 7.77
C ALA A 23 6.85 12.25 6.94
N GLU A 24 7.96 13.00 7.02
CA GLU A 24 9.15 12.65 6.26
C GLU A 24 9.91 11.53 6.97
N GLY A 25 9.76 11.46 8.28
CA GLY A 25 10.33 10.35 9.03
C GLY A 25 9.36 9.19 9.13
N TYR A 26 8.70 8.92 8.01
CA TYR A 26 7.65 7.91 7.96
C TYR A 26 8.20 6.50 8.20
N ALA A 27 9.38 6.23 7.66
CA ALA A 27 9.92 4.88 7.66
C ALA A 27 10.43 4.46 9.03
N GLU A 28 10.33 5.37 10.00
CA GLU A 28 10.79 5.09 11.35
C GLU A 28 9.60 4.86 12.28
N ASP A 29 8.39 5.09 11.77
CA ASP A 29 7.19 4.92 12.58
C ASP A 29 6.77 3.47 12.64
N GLU A 30 6.71 2.93 13.85
CA GLU A 30 6.50 1.51 14.08
C GLU A 30 5.16 1.06 13.53
N LEU A 31 4.16 1.92 13.62
CA LEU A 31 2.84 1.60 13.14
C LEU A 31 2.86 1.43 11.64
N LEU A 32 3.57 2.32 10.99
CA LEU A 32 3.66 2.31 9.56
C LEU A 32 4.46 1.10 9.10
N LEU A 33 5.53 0.84 9.83
CA LEU A 33 6.43 -0.23 9.54
C LEU A 33 5.78 -1.60 9.73
N ASN A 34 5.13 -1.81 10.86
CA ASN A 34 4.56 -3.12 11.16
C ASN A 34 3.29 -3.35 10.34
N GLN A 35 2.60 -2.28 10.00
CA GLN A 35 1.38 -2.39 9.21
C GLN A 35 1.71 -2.82 7.80
N MET A 36 2.70 -2.18 7.21
CA MET A 36 3.16 -2.55 5.90
C MET A 36 3.90 -3.87 5.97
N GLY A 37 4.76 -4.02 6.99
CA GLY A 37 5.51 -5.26 7.17
C GLY A 37 4.62 -6.48 7.21
N LYS A 38 3.42 -6.29 7.73
CA LYS A 38 2.39 -7.32 7.69
C LYS A 38 1.98 -7.57 6.23
N VAL A 39 1.62 -6.49 5.56
CA VAL A 39 1.23 -6.55 4.15
C VAL A 39 2.49 -6.46 3.24
N ASN A 40 3.56 -7.11 3.65
CA ASN A 40 4.84 -6.91 2.98
C ASN A 40 5.55 -8.21 2.67
N ASP A 41 5.35 -9.21 3.51
CA ASP A 41 6.11 -10.44 3.38
C ASP A 41 5.53 -11.33 2.29
N THR A 42 4.24 -11.18 2.05
CA THR A 42 3.54 -11.95 1.04
C THR A 42 2.88 -11.03 0.01
N PRO A 43 3.66 -10.20 -0.71
CA PRO A 43 3.14 -9.19 -1.62
C PRO A 43 3.12 -9.62 -3.08
N GLU A 44 3.56 -10.86 -3.34
CA GLU A 44 3.65 -11.42 -4.69
C GLU A 44 4.82 -10.83 -5.48
N GLU A 45 4.96 -9.52 -5.46
CA GLU A 45 6.06 -8.85 -6.17
C GLU A 45 7.42 -9.22 -5.58
N GLU A 46 7.87 -8.43 -4.60
CA GLU A 46 9.19 -8.60 -4.02
C GLU A 46 9.09 -8.73 -2.50
N GLY A 47 8.90 -7.59 -1.84
CA GLY A 47 8.85 -7.57 -0.39
C GLY A 47 9.37 -6.27 0.18
N MET A 48 10.62 -6.24 0.56
CA MET A 48 11.22 -5.06 1.12
C MET A 48 11.18 -3.85 0.14
N PRO A 49 11.43 -4.05 -1.16
CA PRO A 49 11.27 -2.99 -2.15
C PRO A 49 9.82 -2.56 -2.25
N LEU A 50 8.92 -3.51 -1.99
CA LEU A 50 7.49 -3.27 -2.02
C LEU A 50 7.09 -2.21 -1.00
N ARG A 51 7.59 -2.35 0.22
CA ARG A 51 7.28 -1.36 1.24
C ARG A 51 7.94 -0.03 0.88
N ALA A 52 9.17 -0.09 0.39
CA ALA A 52 9.85 1.13 0.01
C ALA A 52 9.08 1.89 -1.10
N TRP A 53 8.69 1.18 -2.15
CA TRP A 53 8.03 1.82 -3.28
C TRP A 53 6.61 2.24 -2.93
N VAL A 54 5.88 1.34 -2.29
CA VAL A 54 4.48 1.59 -2.00
C VAL A 54 4.30 2.66 -0.93
N ILE A 55 5.12 2.61 0.11
CA ILE A 55 5.06 3.62 1.16
C ILE A 55 5.42 4.99 0.61
N LYS A 56 6.45 5.05 -0.24
CA LYS A 56 6.80 6.31 -0.84
C LYS A 56 5.69 6.78 -1.77
N CYS A 57 5.18 5.88 -2.61
CA CYS A 57 4.13 6.22 -3.57
C CYS A 57 2.90 6.75 -2.84
N ALA A 58 2.52 6.09 -1.74
CA ALA A 58 1.39 6.54 -0.94
C ALA A 58 1.69 7.90 -0.31
N HIS A 59 2.94 8.05 0.15
CA HIS A 59 3.40 9.30 0.75
C HIS A 59 3.29 10.45 -0.25
N GLU A 60 3.85 10.25 -1.44
CA GLU A 60 3.83 11.26 -2.49
C GLU A 60 2.39 11.61 -2.86
N ALA A 61 1.56 10.59 -2.97
CA ALA A 61 0.17 10.76 -3.37
C ALA A 61 -0.62 11.54 -2.34
N LEU A 62 -0.42 11.21 -1.07
CA LEU A 62 -1.18 11.82 0.01
C LEU A 62 -0.85 13.29 0.16
N GLU A 63 0.43 13.64 0.17
CA GLU A 63 0.82 15.03 0.33
C GLU A 63 0.43 15.87 -0.87
N LYS A 64 0.33 15.23 -2.03
CA LYS A 64 -0.10 15.93 -3.25
C LYS A 64 -1.53 16.42 -3.06
N ASN A 65 -2.39 15.53 -2.59
CA ASN A 65 -3.79 15.86 -2.32
C ASN A 65 -4.19 15.35 -0.93
N PRO A 66 -3.74 16.05 0.13
CA PRO A 66 -3.96 15.62 1.52
C PRO A 66 -5.41 15.81 1.99
N LYS A 67 -6.33 15.45 1.11
CA LYS A 67 -7.75 15.58 1.38
C LYS A 67 -8.45 14.25 1.11
N ILE A 68 -7.67 13.20 0.92
CA ILE A 68 -8.21 11.88 0.65
C ILE A 68 -8.25 11.04 1.92
N ARG A 69 -8.75 9.84 1.78
CA ARG A 69 -8.88 8.92 2.91
C ARG A 69 -8.25 7.58 2.56
N GLU A 70 -8.07 7.36 1.28
CA GLU A 70 -7.43 6.15 0.78
C GLU A 70 -7.04 6.35 -0.68
N VAL A 71 -6.08 5.56 -1.14
CA VAL A 71 -5.64 5.64 -2.51
C VAL A 71 -5.64 4.25 -3.14
N TYR A 72 -5.85 4.19 -4.45
CA TYR A 72 -5.94 2.93 -5.14
C TYR A 72 -4.71 2.73 -5.98
N LEU A 73 -3.94 1.75 -5.59
CA LEU A 73 -2.57 1.61 -6.02
C LEU A 73 -2.34 0.21 -6.60
N LYS A 74 -1.50 0.14 -7.62
CA LYS A 74 -1.23 -1.14 -8.25
C LYS A 74 0.27 -1.41 -8.33
N PRO A 75 0.68 -2.63 -7.91
CA PRO A 75 2.05 -3.13 -7.99
C PRO A 75 2.87 -2.65 -9.18
N ARG A 76 4.14 -2.37 -8.89
CA ARG A 76 5.11 -1.92 -9.86
C ARG A 76 5.26 -2.94 -10.97
N ALA A 77 5.23 -4.21 -10.58
CA ALA A 77 5.19 -5.32 -11.52
C ALA A 77 3.79 -5.46 -12.09
N VAL A 78 3.43 -4.54 -12.97
CA VAL A 78 2.08 -4.47 -13.55
C VAL A 78 1.72 -5.76 -14.27
N LYS A 79 2.73 -6.55 -14.63
CA LYS A 79 2.53 -7.83 -15.31
C LYS A 79 1.70 -8.79 -14.46
N ASN A 80 1.70 -8.60 -13.15
CA ASN A 80 0.93 -9.45 -12.25
C ASN A 80 -0.56 -9.31 -12.55
N SER A 81 -0.95 -8.10 -12.95
CA SER A 81 -2.30 -7.78 -13.40
C SER A 81 -3.33 -7.82 -12.27
N SER A 82 -3.59 -9.00 -11.74
CA SER A 82 -4.71 -9.23 -10.85
C SER A 82 -4.50 -8.64 -9.46
N VAL A 83 -3.25 -8.38 -9.09
CA VAL A 83 -2.97 -7.94 -7.72
C VAL A 83 -3.11 -6.42 -7.61
N GLN A 84 -3.87 -6.00 -6.62
CA GLN A 84 -4.14 -4.58 -6.40
C GLN A 84 -3.89 -4.22 -4.93
N PHE A 85 -3.25 -3.08 -4.69
CA PHE A 85 -3.01 -2.62 -3.33
C PHE A 85 -3.94 -1.45 -3.00
N HIS A 86 -4.66 -1.60 -1.91
CA HIS A 86 -5.54 -0.54 -1.43
C HIS A 86 -4.91 0.13 -0.23
N VAL A 87 -4.38 1.32 -0.40
CA VAL A 87 -3.77 2.01 0.70
C VAL A 87 -4.78 2.90 1.37
N ILE A 88 -5.14 2.55 2.59
CA ILE A 88 -6.15 3.29 3.32
C ILE A 88 -5.50 4.12 4.40
N PHE A 89 -5.98 5.34 4.54
CA PHE A 89 -5.41 6.29 5.45
C PHE A 89 -6.27 6.43 6.70
N ASP A 90 -5.79 5.93 7.82
CA ASP A 90 -6.54 6.02 9.07
C ASP A 90 -6.45 7.42 9.63
N GLU A 91 -7.59 8.09 9.70
CA GLU A 91 -7.64 9.45 10.22
C GLU A 91 -7.77 9.43 11.74
N GLU A 92 -6.97 10.25 12.40
CA GLU A 92 -6.94 10.26 13.86
C GLU A 92 -6.81 11.69 14.37
N GLY A 1 -15.74 -11.27 -1.55
CA GLY A 1 -14.35 -10.78 -1.34
C GLY A 1 -13.41 -11.91 -0.94
N SER A 2 -13.32 -12.17 0.36
CA SER A 2 -12.38 -13.15 0.89
C SER A 2 -12.58 -14.53 0.27
N ALA A 3 -13.83 -14.94 0.12
CA ALA A 3 -14.15 -16.24 -0.44
C ALA A 3 -14.14 -16.20 -1.97
N MET A 4 -13.29 -17.04 -2.56
CA MET A 4 -13.19 -17.18 -4.02
C MET A 4 -12.48 -16.00 -4.67
N GLY A 5 -13.01 -14.79 -4.48
CA GLY A 5 -12.48 -13.62 -5.15
C GLY A 5 -11.05 -13.28 -4.76
N HIS A 6 -10.78 -13.36 -3.46
CA HIS A 6 -9.46 -13.05 -2.94
C HIS A 6 -8.50 -14.22 -3.20
N MET A 7 -8.23 -14.47 -4.47
CA MET A 7 -7.28 -15.51 -4.88
C MET A 7 -6.88 -15.30 -6.35
N PRO A 8 -7.84 -15.30 -7.31
CA PRO A 8 -7.53 -14.94 -8.69
C PRO A 8 -7.20 -13.45 -8.80
N ALA A 9 -7.93 -12.65 -8.03
CA ALA A 9 -7.67 -11.24 -7.93
C ALA A 9 -7.13 -10.93 -6.54
N VAL A 10 -5.89 -10.47 -6.49
CA VAL A 10 -5.23 -10.19 -5.22
C VAL A 10 -5.46 -8.75 -4.83
N ASP A 11 -6.10 -8.54 -3.68
CA ASP A 11 -6.30 -7.21 -3.16
C ASP A 11 -5.72 -7.12 -1.75
N VAL A 12 -4.76 -6.24 -1.58
CA VAL A 12 -4.08 -6.09 -0.31
C VAL A 12 -4.24 -4.67 0.22
N GLU A 13 -4.74 -4.54 1.43
CA GLU A 13 -5.06 -3.24 1.98
C GLU A 13 -4.04 -2.81 3.03
N ILE A 14 -3.28 -1.77 2.69
CA ILE A 14 -2.31 -1.22 3.61
C ILE A 14 -2.90 0.04 4.23
N HIS A 15 -2.90 0.14 5.55
CA HIS A 15 -3.49 1.29 6.23
C HIS A 15 -2.43 2.24 6.73
N PHE A 16 -2.33 3.39 6.10
CA PHE A 16 -1.34 4.39 6.48
C PHE A 16 -2.02 5.56 7.19
N PRO A 17 -1.68 5.80 8.46
CA PRO A 17 -2.20 6.94 9.19
C PRO A 17 -1.80 8.25 8.51
N LEU A 18 -2.83 9.01 8.14
CA LEU A 18 -2.68 10.25 7.36
C LEU A 18 -1.64 11.17 8.02
N LYS A 19 -1.62 11.16 9.34
CA LYS A 19 -0.73 12.03 10.10
C LYS A 19 0.73 11.56 10.02
N ARG A 20 0.95 10.25 9.91
CA ARG A 20 2.30 9.71 9.96
C ARG A 20 2.91 9.58 8.58
N ILE A 21 2.11 9.16 7.62
CA ILE A 21 2.62 8.91 6.29
C ILE A 21 2.92 10.25 5.60
N ALA A 22 2.28 11.30 6.10
CA ALA A 22 2.50 12.65 5.59
C ALA A 22 3.89 13.15 5.96
N ALA A 23 4.42 12.63 7.06
CA ALA A 23 5.70 13.06 7.59
C ALA A 23 6.85 12.37 6.85
N GLU A 24 8.01 13.02 6.86
CA GLU A 24 9.18 12.51 6.16
C GLU A 24 9.89 11.45 6.98
N GLY A 25 9.82 11.59 8.30
CA GLY A 25 10.45 10.63 9.19
C GLY A 25 9.49 9.55 9.61
N TYR A 26 8.79 8.96 8.64
CA TYR A 26 7.76 7.97 8.93
C TYR A 26 8.36 6.64 9.39
N ALA A 27 9.65 6.44 9.09
CA ALA A 27 10.32 5.18 9.41
C ALA A 27 10.46 5.00 10.92
N GLU A 28 10.22 6.07 11.65
CA GLU A 28 10.28 6.02 13.10
C GLU A 28 9.03 5.36 13.66
N ASP A 29 7.94 5.40 12.89
CA ASP A 29 6.65 4.91 13.34
C ASP A 29 6.53 3.40 13.14
N GLU A 30 6.51 2.68 14.26
CA GLU A 30 6.50 1.22 14.26
C GLU A 30 5.22 0.67 13.66
N LEU A 31 4.13 1.45 13.70
CA LEU A 31 2.88 1.03 13.09
C LEU A 31 3.10 0.69 11.63
N LEU A 32 3.90 1.51 11.00
CA LEU A 32 4.13 1.47 9.60
C LEU A 32 5.02 0.27 9.28
N LEU A 33 5.83 -0.12 10.25
CA LEU A 33 6.63 -1.33 10.18
C LEU A 33 5.69 -2.53 10.28
N ASN A 34 4.76 -2.48 11.24
CA ASN A 34 3.78 -3.55 11.41
C ASN A 34 2.92 -3.70 10.17
N GLN A 35 2.58 -2.57 9.55
CA GLN A 35 1.77 -2.56 8.35
C GLN A 35 2.49 -3.26 7.20
N MET A 36 3.76 -2.90 7.01
CA MET A 36 4.56 -3.50 5.96
C MET A 36 5.35 -4.67 6.52
N GLY A 37 4.93 -5.15 7.67
CA GLY A 37 5.35 -6.44 8.15
C GLY A 37 4.25 -7.46 7.99
N LYS A 38 3.03 -6.96 7.95
CA LYS A 38 1.85 -7.79 7.77
C LYS A 38 1.62 -8.11 6.30
N VAL A 39 1.30 -7.07 5.53
CA VAL A 39 0.88 -7.25 4.15
C VAL A 39 2.02 -6.96 3.18
N ASN A 40 3.18 -7.50 3.49
CA ASN A 40 4.38 -7.18 2.75
C ASN A 40 5.25 -8.41 2.52
N ASP A 41 5.01 -9.46 3.29
CA ASP A 41 5.83 -10.66 3.21
C ASP A 41 5.52 -11.42 1.92
N THR A 42 4.25 -11.45 1.54
CA THR A 42 3.83 -12.08 0.30
C THR A 42 2.99 -11.12 -0.55
N PRO A 43 3.63 -10.08 -1.14
CA PRO A 43 2.95 -9.08 -1.94
C PRO A 43 2.95 -9.43 -3.43
N GLU A 44 3.31 -10.68 -3.72
CA GLU A 44 3.36 -11.23 -5.08
C GLU A 44 4.55 -10.70 -5.88
N GLU A 45 4.85 -9.41 -5.74
CA GLU A 45 6.00 -8.82 -6.43
C GLU A 45 7.31 -9.23 -5.77
N GLU A 46 7.65 -8.59 -4.66
CA GLU A 46 8.93 -8.82 -3.99
C GLU A 46 8.75 -8.87 -2.47
N GLY A 47 8.66 -7.68 -1.86
CA GLY A 47 8.53 -7.62 -0.42
C GLY A 47 9.05 -6.32 0.16
N MET A 48 10.30 -6.31 0.56
CA MET A 48 10.88 -5.16 1.21
C MET A 48 10.91 -3.91 0.31
N PRO A 49 11.30 -4.03 -0.98
CA PRO A 49 11.33 -2.88 -1.87
C PRO A 49 9.91 -2.45 -2.19
N LEU A 50 9.01 -3.41 -2.08
CA LEU A 50 7.58 -3.16 -2.17
C LEU A 50 7.14 -2.17 -1.13
N ARG A 51 7.62 -2.38 0.09
CA ARG A 51 7.37 -1.47 1.20
C ARG A 51 7.93 -0.09 0.92
N ALA A 52 9.18 -0.03 0.49
CA ALA A 52 9.83 1.22 0.22
C ALA A 52 9.09 2.02 -0.86
N TRP A 53 8.77 1.37 -1.99
CA TRP A 53 8.12 2.08 -3.08
C TRP A 53 6.65 2.37 -2.75
N VAL A 54 5.99 1.43 -2.09
CA VAL A 54 4.57 1.56 -1.82
C VAL A 54 4.32 2.68 -0.81
N ILE A 55 5.16 2.75 0.20
CA ILE A 55 5.12 3.84 1.16
C ILE A 55 5.48 5.16 0.48
N LYS A 56 6.49 5.13 -0.37
CA LYS A 56 6.89 6.32 -1.13
C LYS A 56 5.76 6.81 -2.04
N CYS A 57 5.20 5.89 -2.82
CA CYS A 57 4.14 6.23 -3.76
C CYS A 57 2.92 6.77 -3.03
N ALA A 58 2.50 6.09 -1.96
CA ALA A 58 1.36 6.52 -1.18
C ALA A 58 1.64 7.88 -0.53
N HIS A 59 2.89 8.08 -0.14
CA HIS A 59 3.32 9.34 0.47
C HIS A 59 3.15 10.48 -0.54
N GLU A 60 3.67 10.28 -1.74
CA GLU A 60 3.58 11.29 -2.79
C GLU A 60 2.13 11.49 -3.22
N ALA A 61 1.36 10.40 -3.20
CA ALA A 61 -0.05 10.45 -3.57
C ALA A 61 -0.85 11.28 -2.56
N LEU A 62 -0.57 11.07 -1.28
CA LEU A 62 -1.27 11.77 -0.21
C LEU A 62 -0.87 13.24 -0.16
N GLU A 63 0.42 13.49 -0.18
CA GLU A 63 0.93 14.85 -0.03
C GLU A 63 0.52 15.74 -1.22
N LYS A 64 0.27 15.11 -2.37
CA LYS A 64 -0.17 15.84 -3.55
C LYS A 64 -1.56 16.44 -3.32
N ASN A 65 -2.37 15.73 -2.55
CA ASN A 65 -3.73 16.14 -2.26
C ASN A 65 -4.16 15.62 -0.90
N PRO A 66 -3.63 16.21 0.18
CA PRO A 66 -3.76 15.67 1.54
C PRO A 66 -5.12 15.93 2.18
N LYS A 67 -6.18 15.82 1.39
CA LYS A 67 -7.54 15.93 1.89
C LYS A 67 -8.36 14.74 1.37
N ILE A 68 -7.70 13.60 1.25
CA ILE A 68 -8.35 12.38 0.78
C ILE A 68 -8.57 11.39 1.91
N ARG A 69 -9.07 10.22 1.56
CA ARG A 69 -9.37 9.19 2.55
C ARG A 69 -8.52 7.96 2.31
N GLU A 70 -8.53 7.48 1.08
CA GLU A 70 -7.80 6.29 0.70
C GLU A 70 -7.51 6.30 -0.79
N VAL A 71 -6.54 5.49 -1.21
CA VAL A 71 -6.14 5.43 -2.60
C VAL A 71 -6.04 3.99 -3.09
N TYR A 72 -6.13 3.83 -4.40
CA TYR A 72 -5.94 2.54 -5.03
C TYR A 72 -4.64 2.53 -5.78
N LEU A 73 -3.74 1.72 -5.28
CA LEU A 73 -2.38 1.68 -5.72
C LEU A 73 -2.12 0.37 -6.48
N LYS A 74 -1.38 0.47 -7.58
CA LYS A 74 -1.15 -0.68 -8.42
C LYS A 74 0.33 -1.04 -8.45
N PRO A 75 0.65 -2.33 -8.21
CA PRO A 75 2.02 -2.86 -8.24
C PRO A 75 2.81 -2.40 -9.46
N ARG A 76 4.12 -2.30 -9.29
CA ARG A 76 5.01 -1.88 -10.36
C ARG A 76 5.03 -2.91 -11.46
N ALA A 77 4.98 -4.17 -11.05
CA ALA A 77 4.85 -5.27 -11.97
C ALA A 77 3.42 -5.35 -12.49
N VAL A 78 3.09 -4.44 -13.39
CA VAL A 78 1.76 -4.39 -13.98
C VAL A 78 1.47 -5.65 -14.79
N LYS A 79 2.51 -6.45 -15.01
CA LYS A 79 2.38 -7.71 -15.72
C LYS A 79 1.56 -8.70 -14.90
N ASN A 80 1.54 -8.50 -13.58
CA ASN A 80 0.75 -9.36 -12.69
C ASN A 80 -0.73 -9.20 -12.99
N SER A 81 -1.12 -7.97 -13.31
CA SER A 81 -2.48 -7.62 -13.71
C SER A 81 -3.48 -7.68 -12.54
N SER A 82 -3.72 -8.87 -12.01
CA SER A 82 -4.85 -9.11 -11.10
C SER A 82 -4.54 -8.71 -9.66
N VAL A 83 -3.39 -8.11 -9.42
CA VAL A 83 -3.02 -7.72 -8.06
C VAL A 83 -3.09 -6.19 -7.89
N GLN A 84 -3.74 -5.76 -6.82
CA GLN A 84 -3.86 -4.34 -6.51
C GLN A 84 -3.68 -4.12 -5.01
N PHE A 85 -3.05 -3.00 -4.65
CA PHE A 85 -2.88 -2.63 -3.26
C PHE A 85 -3.81 -1.46 -2.92
N HIS A 86 -4.63 -1.64 -1.91
CA HIS A 86 -5.55 -0.59 -1.51
C HIS A 86 -5.02 0.09 -0.26
N VAL A 87 -4.51 1.30 -0.43
CA VAL A 87 -3.96 2.04 0.69
C VAL A 87 -5.01 2.95 1.30
N ILE A 88 -5.35 2.68 2.56
CA ILE A 88 -6.30 3.51 3.28
C ILE A 88 -5.54 4.47 4.18
N PHE A 89 -5.97 5.72 4.20
CA PHE A 89 -5.32 6.72 5.01
C PHE A 89 -6.13 7.00 6.27
N ASP A 90 -5.63 6.51 7.39
CA ASP A 90 -6.34 6.65 8.65
C ASP A 90 -6.15 8.03 9.25
N GLU A 91 -7.24 8.79 9.33
CA GLU A 91 -7.21 10.05 10.03
C GLU A 91 -7.76 9.85 11.44
N GLU A 92 -6.94 10.16 12.43
CA GLU A 92 -7.29 9.92 13.81
C GLU A 92 -7.33 11.23 14.58
N GLY A 1 -19.00 -7.39 -5.75
CA GLY A 1 -18.65 -6.48 -4.64
C GLY A 1 -17.16 -6.27 -4.54
N SER A 2 -16.70 -5.70 -3.42
CA SER A 2 -15.29 -5.40 -3.23
C SER A 2 -14.62 -6.45 -2.35
N ALA A 3 -15.03 -7.71 -2.52
CA ALA A 3 -14.42 -8.81 -1.77
C ALA A 3 -13.07 -9.17 -2.37
N MET A 4 -12.07 -8.33 -2.09
CA MET A 4 -10.72 -8.50 -2.63
C MET A 4 -10.73 -8.43 -4.15
N GLY A 5 -10.77 -9.59 -4.78
CA GLY A 5 -10.89 -9.66 -6.21
C GLY A 5 -11.80 -10.78 -6.62
N HIS A 6 -12.68 -11.17 -5.69
CA HIS A 6 -13.62 -12.27 -5.85
C HIS A 6 -12.88 -13.61 -5.84
N MET A 7 -11.96 -13.78 -6.79
CA MET A 7 -11.14 -14.99 -6.87
C MET A 7 -9.95 -14.79 -7.80
N PRO A 8 -10.16 -14.39 -9.08
CA PRO A 8 -9.07 -14.24 -10.05
C PRO A 8 -8.16 -13.03 -9.77
N ALA A 9 -8.73 -12.00 -9.16
CA ALA A 9 -7.98 -10.78 -8.88
C ALA A 9 -7.44 -10.79 -7.46
N VAL A 10 -6.26 -10.21 -7.27
CA VAL A 10 -5.61 -10.16 -5.97
C VAL A 10 -5.69 -8.74 -5.41
N ASP A 11 -6.03 -8.63 -4.15
CA ASP A 11 -6.18 -7.33 -3.51
C ASP A 11 -5.54 -7.34 -2.13
N VAL A 12 -4.79 -6.28 -1.82
CA VAL A 12 -4.09 -6.16 -0.54
C VAL A 12 -4.42 -4.82 0.11
N GLU A 13 -4.64 -4.83 1.42
CA GLU A 13 -4.95 -3.61 2.14
C GLU A 13 -3.76 -3.17 2.98
N ILE A 14 -3.28 -1.97 2.73
CA ILE A 14 -2.23 -1.40 3.55
C ILE A 14 -2.79 -0.16 4.24
N HIS A 15 -2.75 -0.13 5.55
CA HIS A 15 -3.26 1.02 6.27
C HIS A 15 -2.12 1.93 6.69
N PHE A 16 -2.28 3.22 6.43
CA PHE A 16 -1.28 4.22 6.73
C PHE A 16 -1.85 5.24 7.70
N PRO A 17 -1.14 5.53 8.80
CA PRO A 17 -1.50 6.62 9.69
C PRO A 17 -1.36 7.96 8.98
N LEU A 18 -2.51 8.58 8.73
CA LEU A 18 -2.63 9.82 7.95
C LEU A 18 -1.58 10.85 8.35
N LYS A 19 -1.37 11.00 9.65
CA LYS A 19 -0.48 12.04 10.16
C LYS A 19 0.99 11.67 10.02
N ARG A 20 1.32 10.39 10.04
CA ARG A 20 2.72 9.97 9.97
C ARG A 20 3.19 9.77 8.54
N ILE A 21 2.31 9.29 7.66
CA ILE A 21 2.67 9.12 6.26
C ILE A 21 2.92 10.48 5.61
N ALA A 22 2.30 11.51 6.15
CA ALA A 22 2.48 12.87 5.65
C ALA A 22 3.65 13.56 6.33
N ALA A 23 4.45 12.78 7.04
CA ALA A 23 5.56 13.33 7.80
C ALA A 23 6.88 12.71 7.34
N GLU A 24 7.99 13.24 7.85
CA GLU A 24 9.30 12.75 7.47
C GLU A 24 9.74 11.61 8.41
N GLY A 25 9.21 11.63 9.62
CA GLY A 25 9.49 10.57 10.58
C GLY A 25 8.50 9.43 10.43
N TYR A 26 8.28 9.01 9.19
CA TYR A 26 7.27 8.00 8.88
C TYR A 26 7.80 6.59 9.17
N ALA A 27 9.10 6.38 8.96
CA ALA A 27 9.71 5.08 9.17
C ALA A 27 9.92 4.82 10.66
N GLU A 28 9.86 5.90 11.43
CA GLU A 28 9.97 5.80 12.87
C GLU A 28 8.62 5.45 13.48
N ASP A 29 7.58 5.49 12.67
CA ASP A 29 6.24 5.17 13.13
C ASP A 29 6.00 3.67 13.07
N GLU A 30 5.90 3.08 14.25
CA GLU A 30 5.75 1.64 14.39
C GLU A 30 4.52 1.16 13.66
N LEU A 31 3.48 1.97 13.65
CA LEU A 31 2.24 1.62 12.99
C LEU A 31 2.47 1.41 11.51
N LEU A 32 3.18 2.33 10.89
CA LEU A 32 3.36 2.30 9.48
C LEU A 32 4.31 1.18 9.10
N LEU A 33 5.34 1.03 9.91
CA LEU A 33 6.36 0.03 9.67
C LEU A 33 5.80 -1.37 9.80
N ASN A 34 5.03 -1.63 10.86
CA ASN A 34 4.55 -2.98 11.12
C ASN A 34 3.45 -3.37 10.15
N GLN A 35 2.66 -2.39 9.68
CA GLN A 35 1.58 -2.70 8.74
C GLN A 35 2.16 -3.00 7.36
N MET A 36 3.11 -2.18 6.93
CA MET A 36 3.79 -2.40 5.66
C MET A 36 4.79 -3.54 5.78
N GLY A 37 5.12 -3.91 7.01
CA GLY A 37 5.98 -5.05 7.24
C GLY A 37 5.18 -6.34 7.36
N LYS A 38 3.90 -6.21 7.67
CA LYS A 38 3.01 -7.35 7.77
C LYS A 38 2.64 -7.83 6.38
N VAL A 39 2.12 -6.92 5.56
CA VAL A 39 1.82 -7.25 4.16
C VAL A 39 3.07 -7.04 3.30
N ASN A 40 4.12 -7.78 3.64
CA ASN A 40 5.42 -7.52 3.04
C ASN A 40 6.14 -8.81 2.66
N ASP A 41 6.02 -9.82 3.51
CA ASP A 41 6.83 -11.04 3.36
C ASP A 41 6.39 -11.86 2.16
N THR A 42 5.09 -11.96 1.93
CA THR A 42 4.57 -12.73 0.82
C THR A 42 3.37 -12.04 0.17
N PRO A 43 3.58 -10.87 -0.45
CA PRO A 43 2.51 -10.15 -1.15
C PRO A 43 2.04 -10.90 -2.39
N GLU A 44 2.98 -11.05 -3.30
CA GLU A 44 2.78 -11.61 -4.63
C GLU A 44 3.83 -11.01 -5.54
N GLU A 45 4.06 -9.72 -5.31
CA GLU A 45 5.01 -8.95 -6.11
C GLU A 45 6.45 -9.24 -5.71
N GLU A 46 6.94 -8.54 -4.70
CA GLU A 46 8.32 -8.65 -4.27
C GLU A 46 8.39 -8.73 -2.76
N GLY A 47 8.27 -7.57 -2.12
CA GLY A 47 8.24 -7.52 -0.68
C GLY A 47 8.78 -6.21 -0.15
N MET A 48 9.95 -6.27 0.48
CA MET A 48 10.59 -5.10 1.05
C MET A 48 10.70 -3.93 0.05
N PRO A 49 11.16 -4.17 -1.19
CA PRO A 49 11.25 -3.11 -2.20
C PRO A 49 9.88 -2.53 -2.53
N LEU A 50 8.88 -3.40 -2.63
CA LEU A 50 7.54 -2.95 -2.95
C LEU A 50 7.02 -1.98 -1.90
N ARG A 51 7.22 -2.28 -0.62
CA ARG A 51 6.75 -1.38 0.43
C ARG A 51 7.53 -0.08 0.40
N ALA A 52 8.81 -0.15 0.05
CA ALA A 52 9.64 1.04 -0.07
C ALA A 52 9.07 1.99 -1.13
N TRP A 53 8.76 1.45 -2.30
CA TRP A 53 8.23 2.29 -3.38
C TRP A 53 6.79 2.68 -3.06
N VAL A 54 6.05 1.75 -2.48
CA VAL A 54 4.66 1.97 -2.13
C VAL A 54 4.54 3.07 -1.08
N ILE A 55 5.32 2.98 -0.01
CA ILE A 55 5.33 4.01 1.01
C ILE A 55 5.71 5.37 0.41
N LYS A 56 6.72 5.38 -0.45
CA LYS A 56 7.14 6.61 -1.11
C LYS A 56 6.02 7.13 -2.02
N CYS A 57 5.48 6.25 -2.86
CA CYS A 57 4.44 6.63 -3.80
C CYS A 57 3.17 7.07 -3.07
N ALA A 58 2.79 6.33 -2.04
CA ALA A 58 1.63 6.67 -1.24
C ALA A 58 1.86 8.00 -0.53
N HIS A 59 3.09 8.20 -0.08
CA HIS A 59 3.52 9.42 0.61
C HIS A 59 3.30 10.63 -0.29
N GLU A 60 3.94 10.63 -1.45
CA GLU A 60 3.86 11.76 -2.37
C GLU A 60 2.45 11.92 -2.93
N ALA A 61 1.75 10.81 -3.15
CA ALA A 61 0.38 10.86 -3.64
C ALA A 61 -0.53 11.56 -2.63
N LEU A 62 -0.32 11.25 -1.36
CA LEU A 62 -1.11 11.85 -0.30
C LEU A 62 -0.83 13.33 -0.18
N GLU A 63 0.43 13.71 -0.19
CA GLU A 63 0.81 15.11 0.00
C GLU A 63 0.27 15.99 -1.12
N LYS A 64 0.09 15.41 -2.29
CA LYS A 64 -0.46 16.14 -3.43
C LYS A 64 -1.92 16.51 -3.17
N ASN A 65 -2.65 15.59 -2.57
CA ASN A 65 -4.06 15.79 -2.25
C ASN A 65 -4.39 15.19 -0.88
N PRO A 66 -3.91 15.83 0.21
CA PRO A 66 -3.99 15.26 1.56
C PRO A 66 -5.38 15.38 2.18
N LYS A 67 -6.39 15.10 1.38
CA LYS A 67 -7.78 15.18 1.81
C LYS A 67 -8.50 13.89 1.46
N ILE A 68 -7.75 12.87 1.08
CA ILE A 68 -8.33 11.61 0.64
C ILE A 68 -8.55 10.65 1.80
N ARG A 69 -9.11 9.51 1.45
CA ARG A 69 -9.41 8.48 2.42
C ARG A 69 -8.50 7.29 2.21
N GLU A 70 -8.33 6.93 0.95
CA GLU A 70 -7.44 5.84 0.59
C GLU A 70 -7.13 5.92 -0.90
N VAL A 71 -5.96 5.44 -1.27
CA VAL A 71 -5.56 5.43 -2.66
C VAL A 71 -5.38 3.98 -3.13
N TYR A 72 -5.62 3.74 -4.40
CA TYR A 72 -5.50 2.40 -4.95
C TYR A 72 -4.29 2.36 -5.85
N LEU A 73 -3.27 1.64 -5.43
CA LEU A 73 -2.02 1.62 -6.17
C LEU A 73 -1.81 0.27 -6.85
N LYS A 74 -1.44 0.32 -8.12
CA LYS A 74 -1.16 -0.88 -8.89
C LYS A 74 0.34 -1.02 -9.02
N PRO A 75 0.89 -2.17 -8.61
CA PRO A 75 2.32 -2.34 -8.46
C PRO A 75 3.05 -2.61 -9.77
N ARG A 76 4.37 -2.68 -9.65
CA ARG A 76 5.28 -2.80 -10.78
C ARG A 76 5.17 -4.16 -11.45
N ALA A 77 4.53 -5.10 -10.76
CA ALA A 77 4.30 -6.43 -11.30
C ALA A 77 3.18 -6.40 -12.33
N VAL A 78 3.50 -5.87 -13.50
CA VAL A 78 2.54 -5.74 -14.59
C VAL A 78 2.02 -7.12 -15.03
N LYS A 79 2.83 -8.15 -14.77
CA LYS A 79 2.48 -9.52 -15.14
C LYS A 79 1.23 -10.00 -14.39
N ASN A 80 0.98 -9.44 -13.20
CA ASN A 80 -0.16 -9.85 -12.40
C ASN A 80 -1.44 -9.21 -12.92
N SER A 81 -1.29 -7.97 -13.41
CA SER A 81 -2.38 -7.13 -13.93
C SER A 81 -3.47 -6.88 -12.88
N SER A 82 -4.26 -7.89 -12.57
CA SER A 82 -5.37 -7.76 -11.65
C SER A 82 -4.91 -7.91 -10.19
N VAL A 83 -3.99 -7.05 -9.79
CA VAL A 83 -3.57 -6.97 -8.39
C VAL A 83 -3.50 -5.51 -7.97
N GLN A 84 -4.11 -5.19 -6.83
CA GLN A 84 -4.20 -3.81 -6.38
C GLN A 84 -3.93 -3.70 -4.89
N PHE A 85 -3.18 -2.67 -4.53
CA PHE A 85 -2.96 -2.34 -3.14
C PHE A 85 -3.84 -1.18 -2.74
N HIS A 86 -4.58 -1.35 -1.66
CA HIS A 86 -5.37 -0.26 -1.10
C HIS A 86 -4.59 0.38 0.02
N VAL A 87 -4.10 1.58 -0.20
CA VAL A 87 -3.46 2.31 0.87
C VAL A 87 -4.51 3.18 1.54
N ILE A 88 -4.85 2.80 2.75
CA ILE A 88 -5.93 3.45 3.46
C ILE A 88 -5.36 4.39 4.49
N PHE A 89 -5.92 5.57 4.56
CA PHE A 89 -5.39 6.60 5.42
C PHE A 89 -6.22 6.73 6.68
N ASP A 90 -5.65 6.31 7.80
CA ASP A 90 -6.34 6.36 9.08
C ASP A 90 -5.93 7.57 9.88
N GLU A 91 -6.89 8.40 10.27
CA GLU A 91 -6.62 9.50 11.16
C GLU A 91 -6.67 9.01 12.60
N GLU A 92 -5.52 9.03 13.27
CA GLU A 92 -5.43 8.61 14.66
C GLU A 92 -4.40 9.46 15.37
N GLY A 1 -15.05 -28.75 -19.42
CA GLY A 1 -16.44 -28.59 -18.93
C GLY A 1 -16.63 -27.31 -18.15
N SER A 2 -16.06 -27.24 -16.97
CA SER A 2 -16.20 -26.07 -16.12
C SER A 2 -14.94 -25.22 -16.18
N ALA A 3 -15.03 -24.10 -16.90
CA ALA A 3 -13.92 -23.17 -17.00
C ALA A 3 -13.95 -22.19 -15.83
N MET A 4 -13.58 -22.67 -14.65
CA MET A 4 -13.62 -21.87 -13.44
C MET A 4 -12.36 -21.01 -13.34
N GLY A 5 -11.39 -21.26 -14.20
CA GLY A 5 -10.13 -20.57 -14.15
C GLY A 5 -10.19 -19.16 -14.72
N HIS A 6 -10.85 -18.26 -14.00
CA HIS A 6 -10.96 -16.88 -14.43
C HIS A 6 -9.87 -16.04 -13.77
N MET A 7 -9.07 -16.70 -12.92
CA MET A 7 -7.97 -16.08 -12.19
C MET A 7 -8.51 -15.16 -11.09
N PRO A 8 -8.34 -15.55 -9.82
CA PRO A 8 -8.79 -14.75 -8.68
C PRO A 8 -8.11 -13.38 -8.63
N ALA A 9 -8.86 -12.37 -8.26
CA ALA A 9 -8.32 -11.02 -8.15
C ALA A 9 -7.70 -10.83 -6.77
N VAL A 10 -6.42 -10.52 -6.76
CA VAL A 10 -5.69 -10.37 -5.51
C VAL A 10 -5.64 -8.91 -5.10
N ASP A 11 -6.22 -8.62 -3.95
CA ASP A 11 -6.23 -7.26 -3.43
C ASP A 11 -5.68 -7.24 -2.01
N VAL A 12 -4.79 -6.30 -1.74
CA VAL A 12 -4.24 -6.14 -0.41
C VAL A 12 -4.62 -4.78 0.13
N GLU A 13 -4.99 -4.70 1.39
CA GLU A 13 -5.32 -3.43 1.98
C GLU A 13 -4.23 -2.98 2.92
N ILE A 14 -3.52 -1.94 2.54
CA ILE A 14 -2.48 -1.38 3.38
C ILE A 14 -2.99 -0.13 4.05
N HIS A 15 -2.94 -0.09 5.36
CA HIS A 15 -3.40 1.07 6.10
C HIS A 15 -2.22 1.93 6.52
N PHE A 16 -2.29 3.22 6.18
CA PHE A 16 -1.27 4.15 6.59
C PHE A 16 -1.89 5.27 7.42
N PRO A 17 -1.35 5.53 8.62
CA PRO A 17 -1.75 6.70 9.41
C PRO A 17 -1.46 7.99 8.65
N LEU A 18 -2.53 8.73 8.36
CA LEU A 18 -2.48 9.92 7.52
C LEU A 18 -1.47 10.94 8.04
N LYS A 19 -1.37 11.06 9.35
CA LYS A 19 -0.48 12.04 9.97
C LYS A 19 0.98 11.61 9.90
N ARG A 20 1.21 10.30 9.91
CA ARG A 20 2.57 9.78 9.92
C ARG A 20 3.09 9.53 8.50
N ILE A 21 2.20 9.18 7.58
CA ILE A 21 2.61 8.96 6.20
C ILE A 21 3.00 10.29 5.56
N ALA A 22 2.55 11.39 6.16
CA ALA A 22 2.90 12.73 5.69
C ALA A 22 4.18 13.21 6.37
N ALA A 23 4.67 12.43 7.33
CA ALA A 23 5.84 12.80 8.09
C ALA A 23 7.11 12.24 7.43
N GLU A 24 8.21 12.96 7.61
CA GLU A 24 9.49 12.54 7.05
C GLU A 24 10.13 11.49 7.95
N GLY A 25 9.70 11.45 9.20
CA GLY A 25 10.15 10.44 10.13
C GLY A 25 9.17 9.28 10.19
N TYR A 26 8.57 8.98 9.05
CA TYR A 26 7.55 7.95 8.95
C TYR A 26 8.12 6.58 9.30
N ALA A 27 9.42 6.39 9.06
CA ALA A 27 10.07 5.12 9.34
C ALA A 27 10.24 4.91 10.85
N GLU A 28 9.88 5.92 11.62
CA GLU A 28 9.94 5.85 13.07
C GLU A 28 8.56 5.55 13.65
N ASP A 29 7.55 5.49 12.78
CA ASP A 29 6.19 5.21 13.23
C ASP A 29 5.91 3.72 13.24
N GLU A 30 5.63 3.20 14.43
CA GLU A 30 5.47 1.77 14.63
C GLU A 30 4.28 1.27 13.84
N LEU A 31 3.27 2.13 13.71
CA LEU A 31 2.08 1.79 12.98
C LEU A 31 2.41 1.50 11.53
N LEU A 32 3.27 2.32 10.95
CA LEU A 32 3.63 2.19 9.57
C LEU A 32 4.51 0.97 9.40
N LEU A 33 5.37 0.75 10.38
CA LEU A 33 6.31 -0.35 10.37
C LEU A 33 5.62 -1.69 10.58
N ASN A 34 4.72 -1.78 11.54
CA ASN A 34 4.06 -3.04 11.84
C ASN A 34 3.04 -3.38 10.75
N GLN A 35 2.41 -2.36 10.20
CA GLN A 35 1.37 -2.53 9.20
C GLN A 35 1.96 -2.93 7.85
N MET A 36 3.00 -2.21 7.45
CA MET A 36 3.64 -2.46 6.18
C MET A 36 4.84 -3.38 6.37
N GLY A 37 5.04 -3.84 7.59
CA GLY A 37 5.92 -4.94 7.83
C GLY A 37 5.15 -6.24 7.83
N LYS A 38 3.85 -6.10 8.12
CA LYS A 38 2.93 -7.22 8.08
C LYS A 38 2.66 -7.65 6.65
N VAL A 39 1.97 -6.81 5.89
CA VAL A 39 1.57 -7.17 4.53
C VAL A 39 2.68 -6.79 3.54
N ASN A 40 3.81 -7.46 3.67
CA ASN A 40 5.00 -7.05 2.95
C ASN A 40 5.92 -8.21 2.61
N ASP A 41 5.89 -9.27 3.41
CA ASP A 41 6.81 -10.38 3.23
C ASP A 41 6.47 -11.13 1.97
N THR A 42 5.18 -11.37 1.81
CA THR A 42 4.69 -12.13 0.68
C THR A 42 3.64 -11.32 -0.07
N PRO A 43 4.07 -10.27 -0.79
CA PRO A 43 3.17 -9.40 -1.54
C PRO A 43 3.01 -9.86 -2.98
N GLU A 44 3.73 -10.94 -3.35
CA GLU A 44 3.81 -11.44 -4.73
C GLU A 44 4.63 -10.48 -5.60
N GLU A 45 4.39 -9.19 -5.40
CA GLU A 45 5.13 -8.13 -6.06
C GLU A 45 6.64 -8.30 -5.91
N GLU A 46 7.16 -7.87 -4.77
CA GLU A 46 8.59 -7.97 -4.49
C GLU A 46 8.80 -8.27 -3.01
N GLY A 47 8.57 -7.26 -2.20
CA GLY A 47 8.75 -7.37 -0.77
C GLY A 47 9.24 -6.05 -0.20
N MET A 48 10.51 -5.98 0.15
CA MET A 48 11.08 -4.75 0.68
C MET A 48 10.93 -3.56 -0.28
N PRO A 49 11.23 -3.72 -1.59
CA PRO A 49 11.07 -2.64 -2.56
C PRO A 49 9.60 -2.33 -2.79
N LEU A 50 8.79 -3.36 -2.68
CA LEU A 50 7.33 -3.24 -2.74
C LEU A 50 6.84 -2.28 -1.66
N ARG A 51 7.37 -2.44 -0.46
CA ARG A 51 7.09 -1.54 0.64
C ARG A 51 7.64 -0.15 0.37
N ALA A 52 8.87 -0.10 -0.10
CA ALA A 52 9.52 1.17 -0.39
C ALA A 52 8.74 1.98 -1.41
N TRP A 53 8.34 1.37 -2.52
CA TRP A 53 7.65 2.10 -3.57
C TRP A 53 6.24 2.46 -3.14
N VAL A 54 5.56 1.54 -2.45
CA VAL A 54 4.18 1.75 -2.08
C VAL A 54 4.06 2.83 -1.01
N ILE A 55 4.99 2.82 -0.04
CA ILE A 55 5.07 3.88 0.96
C ILE A 55 5.47 5.20 0.31
N LYS A 56 6.42 5.13 -0.63
CA LYS A 56 6.83 6.32 -1.39
C LYS A 56 5.65 6.93 -2.14
N CYS A 57 4.93 6.09 -2.87
CA CYS A 57 3.80 6.56 -3.68
C CYS A 57 2.72 7.16 -2.79
N ALA A 58 2.42 6.49 -1.69
CA ALA A 58 1.43 6.98 -0.75
C ALA A 58 1.88 8.28 -0.11
N HIS A 59 3.17 8.36 0.20
CA HIS A 59 3.75 9.55 0.80
C HIS A 59 3.55 10.76 -0.11
N GLU A 60 3.92 10.59 -1.37
CA GLU A 60 3.80 11.67 -2.36
C GLU A 60 2.34 12.01 -2.62
N ALA A 61 1.51 11.00 -2.80
CA ALA A 61 0.09 11.20 -3.10
C ALA A 61 -0.63 11.90 -1.96
N LEU A 62 -0.32 11.49 -0.74
CA LEU A 62 -0.96 12.04 0.44
C LEU A 62 -0.57 13.51 0.61
N GLU A 63 0.71 13.83 0.50
CA GLU A 63 1.14 15.22 0.68
C GLU A 63 0.64 16.12 -0.46
N LYS A 64 0.47 15.54 -1.64
CA LYS A 64 -0.02 16.27 -2.80
C LYS A 64 -1.44 16.77 -2.54
N ASN A 65 -2.21 15.94 -1.86
CA ASN A 65 -3.59 16.25 -1.53
C ASN A 65 -3.95 15.63 -0.18
N PRO A 66 -3.45 16.25 0.92
CA PRO A 66 -3.54 15.68 2.28
C PRO A 66 -4.94 15.80 2.89
N LYS A 67 -5.94 15.59 2.07
CA LYS A 67 -7.33 15.67 2.49
C LYS A 67 -8.11 14.49 1.91
N ILE A 68 -7.41 13.40 1.63
CA ILE A 68 -8.03 12.23 1.03
C ILE A 68 -8.31 11.14 2.05
N ARG A 69 -8.73 10.00 1.55
CA ARG A 69 -9.13 8.88 2.39
C ARG A 69 -8.33 7.64 2.04
N GLU A 70 -8.23 7.36 0.74
CA GLU A 70 -7.54 6.17 0.27
C GLU A 70 -7.24 6.26 -1.23
N VAL A 71 -6.28 5.47 -1.69
CA VAL A 71 -5.94 5.43 -3.11
C VAL A 71 -5.83 3.98 -3.57
N TYR A 72 -6.02 3.77 -4.86
CA TYR A 72 -5.98 2.43 -5.43
C TYR A 72 -4.79 2.29 -6.36
N LEU A 73 -3.85 1.43 -5.98
CA LEU A 73 -2.58 1.35 -6.68
C LEU A 73 -2.42 0.09 -7.52
N LYS A 74 -1.83 0.27 -8.69
CA LYS A 74 -1.39 -0.82 -9.53
C LYS A 74 0.11 -0.98 -9.35
N PRO A 75 0.59 -2.17 -8.94
CA PRO A 75 1.99 -2.36 -8.58
C PRO A 75 2.92 -2.48 -9.78
N ARG A 76 4.16 -2.84 -9.53
CA ARG A 76 5.18 -2.87 -10.58
C ARG A 76 4.97 -4.05 -11.51
N ALA A 77 4.76 -5.23 -10.92
CA ALA A 77 4.53 -6.45 -11.70
C ALA A 77 3.16 -6.42 -12.38
N VAL A 78 3.06 -5.64 -13.44
CA VAL A 78 1.83 -5.53 -14.21
C VAL A 78 1.52 -6.83 -14.95
N LYS A 79 2.52 -7.69 -15.08
CA LYS A 79 2.35 -9.00 -15.70
C LYS A 79 1.48 -9.89 -14.82
N ASN A 80 1.47 -9.59 -13.53
CA ASN A 80 0.70 -10.35 -12.55
C ASN A 80 -0.80 -10.19 -12.83
N SER A 81 -1.14 -9.08 -13.48
CA SER A 81 -2.49 -8.81 -13.96
C SER A 81 -3.50 -8.60 -12.83
N SER A 82 -3.99 -9.68 -12.25
CA SER A 82 -5.06 -9.61 -11.29
C SER A 82 -4.54 -9.31 -9.88
N VAL A 83 -3.92 -8.16 -9.73
CA VAL A 83 -3.38 -7.72 -8.45
C VAL A 83 -3.63 -6.24 -8.26
N GLN A 84 -4.07 -5.87 -7.06
CA GLN A 84 -4.28 -4.47 -6.73
C GLN A 84 -3.84 -4.20 -5.30
N PHE A 85 -3.16 -3.07 -5.12
CA PHE A 85 -2.77 -2.66 -3.79
C PHE A 85 -3.66 -1.51 -3.35
N HIS A 86 -4.37 -1.73 -2.27
CA HIS A 86 -5.36 -0.80 -1.78
C HIS A 86 -4.79 -0.03 -0.59
N VAL A 87 -4.39 1.21 -0.83
CA VAL A 87 -3.80 2.03 0.21
C VAL A 87 -4.88 2.87 0.89
N ILE A 88 -5.14 2.58 2.14
CA ILE A 88 -6.12 3.32 2.91
C ILE A 88 -5.41 4.20 3.93
N PHE A 89 -5.86 5.44 4.04
CA PHE A 89 -5.26 6.40 4.93
C PHE A 89 -6.09 6.55 6.18
N ASP A 90 -5.60 5.99 7.27
CA ASP A 90 -6.32 6.02 8.53
C ASP A 90 -6.14 7.37 9.19
N GLU A 91 -7.18 7.88 9.83
CA GLU A 91 -7.08 9.18 10.42
C GLU A 91 -6.38 9.09 11.77
N GLU A 92 -5.14 9.56 11.77
CA GLU A 92 -4.26 9.70 12.93
C GLU A 92 -2.82 9.66 12.44
N GLY A 1 1.25 -27.56 -4.20
CA GLY A 1 0.68 -26.19 -4.31
C GLY A 1 -0.64 -26.07 -3.58
N SER A 2 -0.57 -25.89 -2.27
CA SER A 2 -1.77 -25.80 -1.45
C SER A 2 -2.23 -24.35 -1.33
N ALA A 3 -1.28 -23.43 -1.28
CA ALA A 3 -1.60 -22.02 -1.12
C ALA A 3 -1.39 -21.28 -2.43
N MET A 4 -2.33 -21.43 -3.35
CA MET A 4 -2.24 -20.78 -4.65
C MET A 4 -3.10 -19.53 -4.67
N GLY A 5 -2.95 -18.74 -5.73
CA GLY A 5 -3.76 -17.56 -5.89
C GLY A 5 -5.14 -17.87 -6.41
N HIS A 6 -5.99 -18.41 -5.53
CA HIS A 6 -7.34 -18.78 -5.90
C HIS A 6 -8.17 -17.54 -6.24
N MET A 7 -7.83 -16.44 -5.58
CA MET A 7 -8.46 -15.16 -5.86
C MET A 7 -8.09 -14.68 -7.25
N PRO A 8 -9.09 -14.44 -8.12
CA PRO A 8 -8.86 -13.95 -9.48
C PRO A 8 -8.17 -12.59 -9.46
N ALA A 9 -8.55 -11.77 -8.51
CA ALA A 9 -7.88 -10.51 -8.25
C ALA A 9 -7.45 -10.46 -6.80
N VAL A 10 -6.16 -10.29 -6.57
CA VAL A 10 -5.63 -10.29 -5.22
C VAL A 10 -5.63 -8.88 -4.68
N ASP A 11 -6.36 -8.67 -3.59
CA ASP A 11 -6.47 -7.36 -2.98
C ASP A 11 -5.73 -7.34 -1.66
N VAL A 12 -4.72 -6.49 -1.56
CA VAL A 12 -3.95 -6.35 -0.33
C VAL A 12 -4.28 -5.02 0.32
N GLU A 13 -4.47 -5.05 1.63
CA GLU A 13 -4.89 -3.86 2.36
C GLU A 13 -3.71 -3.27 3.13
N ILE A 14 -3.28 -2.09 2.71
CA ILE A 14 -2.22 -1.40 3.42
C ILE A 14 -2.81 -0.19 4.13
N HIS A 15 -2.52 -0.05 5.41
CA HIS A 15 -3.02 1.08 6.17
C HIS A 15 -1.88 1.98 6.61
N PHE A 16 -2.01 3.26 6.31
CA PHE A 16 -1.08 4.26 6.76
C PHE A 16 -1.84 5.36 7.48
N PRO A 17 -1.51 5.62 8.75
CA PRO A 17 -2.11 6.72 9.49
C PRO A 17 -1.81 8.05 8.82
N LEU A 18 -2.87 8.82 8.62
CA LEU A 18 -2.83 10.10 7.90
C LEU A 18 -1.73 11.00 8.44
N LYS A 19 -1.55 10.98 9.76
CA LYS A 19 -0.58 11.83 10.42
C LYS A 19 0.85 11.35 10.21
N ARG A 20 1.04 10.05 10.05
CA ARG A 20 2.39 9.49 9.98
C ARG A 20 2.88 9.44 8.54
N ILE A 21 1.99 9.14 7.61
CA ILE A 21 2.39 9.04 6.21
C ILE A 21 2.64 10.44 5.66
N ALA A 22 2.14 11.45 6.37
CA ALA A 22 2.38 12.84 6.03
C ALA A 22 3.44 13.43 6.93
N ALA A 23 4.22 12.56 7.56
CA ALA A 23 5.28 12.98 8.46
C ALA A 23 6.65 12.71 7.85
N GLU A 24 7.68 13.25 8.49
CA GLU A 24 9.05 13.08 8.01
C GLU A 24 9.63 11.77 8.54
N GLY A 25 9.30 11.47 9.79
CA GLY A 25 9.85 10.29 10.44
C GLY A 25 8.93 9.09 10.34
N TYR A 26 8.35 8.90 9.18
CA TYR A 26 7.38 7.83 8.97
C TYR A 26 8.06 6.47 8.89
N ALA A 27 9.33 6.45 8.49
CA ALA A 27 10.08 5.20 8.37
C ALA A 27 10.49 4.69 9.75
N GLU A 28 10.18 5.48 10.77
CA GLU A 28 10.45 5.10 12.14
C GLU A 28 9.13 4.91 12.90
N ASP A 29 8.04 5.03 12.16
CA ASP A 29 6.70 4.98 12.75
C ASP A 29 6.20 3.55 12.85
N GLU A 30 5.93 3.14 14.10
CA GLU A 30 5.54 1.77 14.43
C GLU A 30 4.32 1.35 13.62
N LEU A 31 3.41 2.29 13.42
CA LEU A 31 2.18 2.03 12.68
C LEU A 31 2.48 1.65 11.24
N LEU A 32 3.36 2.43 10.65
CA LEU A 32 3.72 2.26 9.27
C LEU A 32 4.52 0.98 9.11
N LEU A 33 5.33 0.71 10.12
CA LEU A 33 6.21 -0.44 10.13
C LEU A 33 5.43 -1.75 10.27
N ASN A 34 4.51 -1.82 11.22
CA ASN A 34 3.79 -3.07 11.47
C ASN A 34 2.76 -3.32 10.37
N GLN A 35 2.15 -2.26 9.85
CA GLN A 35 1.13 -2.40 8.84
C GLN A 35 1.74 -2.81 7.51
N MET A 36 2.81 -2.14 7.13
CA MET A 36 3.46 -2.44 5.86
C MET A 36 4.59 -3.44 6.07
N GLY A 37 4.73 -3.92 7.29
CA GLY A 37 5.58 -5.05 7.54
C GLY A 37 4.77 -6.33 7.53
N LYS A 38 3.50 -6.19 7.87
CA LYS A 38 2.57 -7.31 7.85
C LYS A 38 2.21 -7.68 6.43
N VAL A 39 1.64 -6.73 5.69
CA VAL A 39 1.24 -7.00 4.30
C VAL A 39 2.41 -6.77 3.36
N ASN A 40 3.52 -7.41 3.66
CA ASN A 40 4.77 -7.12 2.98
C ASN A 40 5.53 -8.37 2.53
N ASP A 41 5.45 -9.42 3.34
CA ASP A 41 6.28 -10.59 3.13
C ASP A 41 5.83 -11.39 1.92
N THR A 42 4.52 -11.42 1.70
CA THR A 42 3.96 -12.12 0.55
C THR A 42 3.00 -11.21 -0.22
N PRO A 43 3.54 -10.19 -0.91
CA PRO A 43 2.73 -9.22 -1.64
C PRO A 43 2.54 -9.61 -3.09
N GLU A 44 3.00 -10.81 -3.46
CA GLU A 44 2.93 -11.36 -4.81
C GLU A 44 3.89 -10.64 -5.77
N GLU A 45 3.95 -9.32 -5.66
CA GLU A 45 4.84 -8.52 -6.48
C GLU A 45 6.31 -8.79 -6.12
N GLU A 46 6.78 -8.18 -5.03
CA GLU A 46 8.17 -8.36 -4.59
C GLU A 46 8.24 -8.47 -3.07
N GLY A 47 8.39 -7.35 -2.40
CA GLY A 47 8.44 -7.35 -0.94
C GLY A 47 9.04 -6.08 -0.37
N MET A 48 10.34 -6.09 -0.14
CA MET A 48 11.04 -4.96 0.44
C MET A 48 11.01 -3.73 -0.50
N PRO A 49 11.27 -3.89 -1.80
CA PRO A 49 11.13 -2.78 -2.76
C PRO A 49 9.68 -2.36 -2.86
N LEU A 50 8.79 -3.33 -2.68
CA LEU A 50 7.35 -3.12 -2.74
C LEU A 50 6.94 -2.08 -1.70
N ARG A 51 7.43 -2.23 -0.47
CA ARG A 51 7.10 -1.28 0.58
C ARG A 51 7.79 0.06 0.32
N ALA A 52 9.03 0.03 -0.14
CA ALA A 52 9.76 1.27 -0.39
C ALA A 52 9.03 2.13 -1.43
N TRP A 53 8.66 1.53 -2.56
CA TRP A 53 8.00 2.29 -3.61
C TRP A 53 6.55 2.61 -3.22
N VAL A 54 5.89 1.68 -2.55
CA VAL A 54 4.49 1.84 -2.20
C VAL A 54 4.31 2.91 -1.12
N ILE A 55 5.18 2.91 -0.12
CA ILE A 55 5.17 3.93 0.91
C ILE A 55 5.55 5.29 0.33
N LYS A 56 6.52 5.30 -0.58
CA LYS A 56 6.90 6.52 -1.27
C LYS A 56 5.73 7.03 -2.10
N CYS A 57 5.14 6.16 -2.90
CA CYS A 57 4.02 6.53 -3.77
C CYS A 57 2.85 7.05 -2.93
N ALA A 58 2.57 6.37 -1.83
CA ALA A 58 1.52 6.79 -0.91
C ALA A 58 1.86 8.14 -0.30
N HIS A 59 3.12 8.32 0.07
CA HIS A 59 3.59 9.56 0.65
C HIS A 59 3.45 10.71 -0.35
N GLU A 60 3.85 10.47 -1.59
CA GLU A 60 3.77 11.46 -2.64
C GLU A 60 2.33 11.86 -2.91
N ALA A 61 1.45 10.87 -3.03
CA ALA A 61 0.05 11.12 -3.31
C ALA A 61 -0.62 11.85 -2.14
N LEU A 62 -0.34 11.39 -0.94
CA LEU A 62 -0.98 11.92 0.26
C LEU A 62 -0.59 13.37 0.49
N GLU A 63 0.69 13.69 0.40
CA GLU A 63 1.13 15.07 0.64
C GLU A 63 0.71 16.00 -0.49
N LYS A 64 0.57 15.46 -1.69
CA LYS A 64 0.19 16.26 -2.86
C LYS A 64 -1.26 16.71 -2.75
N ASN A 65 -2.09 15.80 -2.26
CA ASN A 65 -3.49 16.09 -2.03
C ASN A 65 -3.91 15.53 -0.67
N PRO A 66 -3.50 16.22 0.41
CA PRO A 66 -3.60 15.72 1.79
C PRO A 66 -5.03 15.77 2.34
N LYS A 67 -6.01 15.67 1.45
CA LYS A 67 -7.40 15.69 1.85
C LYS A 67 -8.11 14.46 1.31
N ILE A 68 -7.35 13.40 1.10
CA ILE A 68 -7.92 12.13 0.68
C ILE A 68 -8.05 11.19 1.85
N ARG A 69 -8.57 10.01 1.55
CA ARG A 69 -8.84 9.00 2.58
C ARG A 69 -8.03 7.76 2.31
N GLU A 70 -7.88 7.44 1.03
CA GLU A 70 -7.15 6.26 0.61
C GLU A 70 -6.82 6.36 -0.88
N VAL A 71 -5.96 5.48 -1.35
CA VAL A 71 -5.58 5.45 -2.74
C VAL A 71 -5.57 4.01 -3.25
N TYR A 72 -5.88 3.82 -4.52
CA TYR A 72 -5.90 2.49 -5.09
C TYR A 72 -4.74 2.34 -6.04
N LEU A 73 -3.87 1.42 -5.69
CA LEU A 73 -2.56 1.36 -6.28
C LEU A 73 -2.22 -0.05 -6.76
N LYS A 74 -1.72 -0.15 -7.98
CA LYS A 74 -1.32 -1.44 -8.54
C LYS A 74 0.20 -1.50 -8.67
N PRO A 75 0.80 -2.62 -8.23
CA PRO A 75 2.25 -2.84 -8.36
C PRO A 75 2.73 -2.83 -9.79
N ARG A 76 4.03 -2.58 -9.91
CA ARG A 76 4.68 -2.22 -11.18
C ARG A 76 4.57 -3.31 -12.21
N ALA A 77 4.78 -4.56 -11.78
CA ALA A 77 4.83 -5.68 -12.69
C ALA A 77 3.48 -5.91 -13.33
N VAL A 78 3.45 -5.75 -14.62
CA VAL A 78 2.27 -6.12 -15.40
C VAL A 78 2.09 -7.64 -15.39
N LYS A 79 3.16 -8.32 -15.01
CA LYS A 79 3.20 -9.78 -14.99
C LYS A 79 2.12 -10.39 -14.09
N ASN A 80 1.87 -9.77 -12.94
CA ASN A 80 0.85 -10.27 -12.02
C ASN A 80 -0.54 -9.95 -12.53
N SER A 81 -0.67 -8.76 -13.13
CA SER A 81 -1.90 -8.31 -13.76
C SER A 81 -2.99 -7.98 -12.74
N SER A 82 -3.44 -8.97 -12.00
CA SER A 82 -4.60 -8.81 -11.12
C SER A 82 -4.22 -8.86 -9.64
N VAL A 83 -3.34 -7.96 -9.23
CA VAL A 83 -3.05 -7.76 -7.81
C VAL A 83 -3.05 -6.26 -7.54
N GLN A 84 -3.74 -5.86 -6.49
CA GLN A 84 -3.89 -4.44 -6.18
C GLN A 84 -3.68 -4.18 -4.70
N PHE A 85 -3.04 -3.06 -4.39
CA PHE A 85 -2.86 -2.64 -3.03
C PHE A 85 -3.81 -1.49 -2.74
N HIS A 86 -4.62 -1.64 -1.73
CA HIS A 86 -5.50 -0.58 -1.30
C HIS A 86 -4.86 0.14 -0.15
N VAL A 87 -4.32 1.31 -0.42
CA VAL A 87 -3.64 2.06 0.63
C VAL A 87 -4.63 2.98 1.30
N ILE A 88 -4.95 2.67 2.53
CA ILE A 88 -5.93 3.41 3.28
C ILE A 88 -5.26 4.30 4.31
N PHE A 89 -5.70 5.53 4.39
CA PHE A 89 -5.11 6.49 5.28
C PHE A 89 -6.00 6.68 6.50
N ASP A 90 -5.58 6.13 7.63
CA ASP A 90 -6.37 6.16 8.85
C ASP A 90 -6.14 7.45 9.63
N GLU A 91 -7.21 8.15 9.94
CA GLU A 91 -7.13 9.35 10.75
C GLU A 91 -7.45 9.02 12.20
N GLU A 92 -6.54 9.40 13.08
CA GLU A 92 -6.73 9.23 14.51
C GLU A 92 -6.47 10.54 15.22
N GLY A 1 -4.17 -14.23 -7.90
CA GLY A 1 -4.64 -15.15 -8.95
C GLY A 1 -6.14 -15.14 -9.09
N SER A 2 -6.67 -15.93 -10.00
CA SER A 2 -8.11 -16.01 -10.21
C SER A 2 -8.72 -17.09 -9.34
N ALA A 3 -9.56 -16.69 -8.40
CA ALA A 3 -10.23 -17.64 -7.52
C ALA A 3 -11.72 -17.34 -7.43
N MET A 4 -12.05 -16.15 -6.95
CA MET A 4 -13.45 -15.75 -6.79
C MET A 4 -13.92 -15.01 -8.04
N GLY A 5 -14.24 -15.77 -9.07
CA GLY A 5 -14.69 -15.20 -10.32
C GLY A 5 -13.90 -15.73 -11.49
N HIS A 6 -14.18 -15.22 -12.68
CA HIS A 6 -13.44 -15.61 -13.86
C HIS A 6 -12.23 -14.72 -14.01
N MET A 7 -12.45 -13.42 -13.89
CA MET A 7 -11.37 -12.45 -13.91
C MET A 7 -11.55 -11.46 -12.75
N PRO A 8 -11.11 -11.86 -11.54
CA PRO A 8 -11.19 -11.04 -10.36
C PRO A 8 -9.96 -10.16 -10.17
N ALA A 9 -9.97 -9.41 -9.08
CA ALA A 9 -8.82 -8.61 -8.71
C ALA A 9 -8.38 -8.95 -7.31
N VAL A 10 -7.08 -9.02 -7.10
CA VAL A 10 -6.52 -9.37 -5.82
C VAL A 10 -6.29 -8.11 -4.99
N ASP A 11 -6.93 -8.07 -3.83
CA ASP A 11 -6.88 -6.88 -2.99
C ASP A 11 -5.97 -7.14 -1.80
N VAL A 12 -4.91 -6.35 -1.70
CA VAL A 12 -4.02 -6.38 -0.55
C VAL A 12 -4.01 -5.01 0.08
N GLU A 13 -4.38 -4.89 1.34
CA GLU A 13 -4.66 -3.58 1.89
C GLU A 13 -3.63 -3.17 2.93
N ILE A 14 -3.17 -1.94 2.77
CA ILE A 14 -2.21 -1.38 3.69
C ILE A 14 -2.85 -0.18 4.39
N HIS A 15 -2.41 0.12 5.59
CA HIS A 15 -3.00 1.22 6.35
C HIS A 15 -1.96 2.27 6.69
N PHE A 16 -2.27 3.51 6.35
CA PHE A 16 -1.36 4.63 6.54
C PHE A 16 -2.03 5.76 7.31
N PRO A 17 -1.69 5.96 8.58
CA PRO A 17 -2.16 7.12 9.34
C PRO A 17 -1.70 8.41 8.68
N LEU A 18 -2.68 9.24 8.29
CA LEU A 18 -2.44 10.42 7.47
C LEU A 18 -1.39 11.35 8.05
N LYS A 19 -1.47 11.55 9.35
CA LYS A 19 -0.60 12.51 10.05
C LYS A 19 0.88 12.13 9.91
N ARG A 20 1.18 10.85 9.84
CA ARG A 20 2.56 10.40 9.80
C ARG A 20 3.04 10.17 8.37
N ILE A 21 2.17 9.68 7.49
CA ILE A 21 2.53 9.48 6.10
C ILE A 21 2.71 10.84 5.41
N ALA A 22 2.01 11.86 5.91
CA ALA A 22 2.13 13.22 5.37
C ALA A 22 3.42 13.88 5.86
N ALA A 23 4.07 13.24 6.81
CA ALA A 23 5.29 13.75 7.40
C ALA A 23 6.50 13.02 6.84
N GLU A 24 7.65 13.24 7.43
CA GLU A 24 8.87 12.58 7.00
C GLU A 24 9.51 11.88 8.18
N GLY A 25 9.99 10.67 7.94
CA GLY A 25 10.43 9.82 9.02
C GLY A 25 9.40 8.75 9.29
N TYR A 26 8.51 8.57 8.32
CA TYR A 26 7.42 7.63 8.42
C TYR A 26 7.93 6.20 8.47
N ALA A 27 9.13 5.98 7.93
CA ALA A 27 9.75 4.66 7.94
C ALA A 27 10.10 4.25 9.37
N GLU A 28 9.98 5.19 10.29
CA GLU A 28 10.21 4.93 11.70
C GLU A 28 8.89 4.81 12.46
N ASP A 29 7.77 4.92 11.74
CA ASP A 29 6.45 4.73 12.34
C ASP A 29 6.27 3.25 12.67
N GLU A 30 6.21 2.95 13.96
CA GLU A 30 6.18 1.59 14.44
C GLU A 30 4.97 0.88 13.88
N LEU A 31 3.85 1.58 13.86
CA LEU A 31 2.63 1.01 13.35
C LEU A 31 2.79 0.60 11.90
N LEU A 32 3.45 1.42 11.10
CA LEU A 32 3.68 1.12 9.71
C LEU A 32 4.56 -0.10 9.59
N LEU A 33 5.55 -0.19 10.45
CA LEU A 33 6.45 -1.32 10.45
C LEU A 33 5.69 -2.62 10.68
N ASN A 34 4.73 -2.58 11.59
CA ASN A 34 3.89 -3.73 11.84
C ASN A 34 2.89 -3.93 10.70
N GLN A 35 2.34 -2.82 10.22
CA GLN A 35 1.29 -2.85 9.20
C GLN A 35 1.84 -3.29 7.84
N MET A 36 2.91 -2.66 7.40
CA MET A 36 3.53 -3.03 6.14
C MET A 36 4.41 -4.26 6.36
N GLY A 37 4.84 -4.48 7.60
CA GLY A 37 5.57 -5.68 7.92
C GLY A 37 4.73 -6.91 7.71
N LYS A 38 3.45 -6.80 8.04
CA LYS A 38 2.49 -7.83 7.73
C LYS A 38 2.37 -8.00 6.23
N VAL A 39 2.04 -6.91 5.56
CA VAL A 39 1.91 -6.93 4.10
C VAL A 39 3.28 -6.71 3.44
N ASN A 40 4.15 -7.70 3.56
CA ASN A 40 5.50 -7.54 3.05
C ASN A 40 6.15 -8.85 2.68
N ASP A 41 5.84 -9.89 3.43
CA ASP A 41 6.58 -11.14 3.29
C ASP A 41 6.05 -11.97 2.13
N THR A 42 4.75 -11.93 1.95
CA THR A 42 4.12 -12.67 0.87
C THR A 42 3.09 -11.79 0.14
N PRO A 43 3.55 -10.72 -0.56
CA PRO A 43 2.67 -9.85 -1.32
C PRO A 43 2.66 -10.20 -2.82
N GLU A 44 3.36 -11.28 -3.19
CA GLU A 44 3.50 -11.74 -4.57
C GLU A 44 4.43 -10.84 -5.40
N GLU A 45 4.32 -9.53 -5.21
CA GLU A 45 5.14 -8.57 -5.94
C GLU A 45 6.62 -8.76 -5.60
N GLU A 46 7.02 -8.21 -4.45
CA GLU A 46 8.38 -8.33 -3.97
C GLU A 46 8.39 -8.46 -2.46
N GLY A 47 8.28 -7.34 -1.77
CA GLY A 47 8.22 -7.35 -0.33
C GLY A 47 8.67 -6.05 0.26
N MET A 48 9.81 -6.07 0.93
CA MET A 48 10.36 -4.88 1.55
C MET A 48 10.62 -3.77 0.51
N PRO A 49 11.16 -4.09 -0.69
CA PRO A 49 11.33 -3.10 -1.75
C PRO A 49 10.00 -2.49 -2.16
N LEU A 50 8.99 -3.34 -2.31
CA LEU A 50 7.66 -2.86 -2.66
C LEU A 50 7.16 -1.90 -1.58
N ARG A 51 7.47 -2.21 -0.32
CA ARG A 51 7.18 -1.32 0.79
C ARG A 51 7.80 0.05 0.57
N ALA A 52 9.07 0.07 0.22
CA ALA A 52 9.79 1.32 0.01
C ALA A 52 9.15 2.17 -1.08
N TRP A 53 8.85 1.57 -2.22
CA TRP A 53 8.27 2.32 -3.33
C TRP A 53 6.83 2.68 -3.02
N VAL A 54 6.11 1.76 -2.41
CA VAL A 54 4.71 1.95 -2.05
C VAL A 54 4.57 3.10 -1.06
N ILE A 55 5.35 3.06 0.01
CA ILE A 55 5.33 4.14 1.00
C ILE A 55 5.73 5.46 0.34
N LYS A 56 6.67 5.39 -0.60
CA LYS A 56 7.11 6.58 -1.32
C LYS A 56 6.00 7.13 -2.21
N CYS A 57 5.36 6.25 -2.99
CA CYS A 57 4.31 6.66 -3.90
C CYS A 57 3.04 7.06 -3.16
N ALA A 58 2.69 6.30 -2.12
CA ALA A 58 1.53 6.63 -1.29
C ALA A 58 1.74 7.98 -0.62
N HIS A 59 3.00 8.21 -0.21
CA HIS A 59 3.43 9.48 0.37
C HIS A 59 3.14 10.62 -0.60
N GLU A 60 3.64 10.47 -1.82
CA GLU A 60 3.47 11.47 -2.87
C GLU A 60 1.99 11.64 -3.23
N ALA A 61 1.25 10.54 -3.26
CA ALA A 61 -0.17 10.57 -3.58
C ALA A 61 -0.94 11.39 -2.58
N LEU A 62 -0.62 11.20 -1.30
CA LEU A 62 -1.30 11.92 -0.23
C LEU A 62 -0.97 13.41 -0.27
N GLU A 63 0.32 13.72 -0.41
CA GLU A 63 0.75 15.12 -0.42
C GLU A 63 0.20 15.85 -1.65
N LYS A 64 -0.04 15.10 -2.72
CA LYS A 64 -0.58 15.67 -3.95
C LYS A 64 -1.99 16.19 -3.71
N ASN A 65 -2.73 15.51 -2.85
CA ASN A 65 -4.09 15.87 -2.50
C ASN A 65 -4.39 15.45 -1.06
N PRO A 66 -3.85 16.21 -0.09
CA PRO A 66 -3.85 15.82 1.33
C PRO A 66 -5.19 16.04 2.01
N LYS A 67 -6.26 15.61 1.35
CA LYS A 67 -7.61 15.72 1.87
C LYS A 67 -8.42 14.49 1.47
N ILE A 68 -7.73 13.36 1.41
CA ILE A 68 -8.34 12.09 1.05
C ILE A 68 -8.42 11.16 2.24
N ARG A 69 -8.70 9.90 1.98
CA ARG A 69 -8.88 8.93 3.07
C ARG A 69 -8.34 7.55 2.67
N GLU A 70 -8.20 7.32 1.37
CA GLU A 70 -7.74 6.03 0.89
C GLU A 70 -7.34 6.11 -0.59
N VAL A 71 -6.38 5.30 -1.01
CA VAL A 71 -5.94 5.24 -2.41
C VAL A 71 -5.70 3.80 -2.84
N TYR A 72 -5.75 3.56 -4.14
CA TYR A 72 -5.52 2.24 -4.69
C TYR A 72 -4.28 2.25 -5.56
N LEU A 73 -3.23 1.55 -5.14
CA LEU A 73 -1.98 1.55 -5.89
C LEU A 73 -1.76 0.19 -6.55
N LYS A 74 -1.35 0.21 -7.80
CA LYS A 74 -1.08 -1.01 -8.55
C LYS A 74 0.43 -1.11 -8.76
N PRO A 75 1.04 -2.27 -8.44
CA PRO A 75 2.50 -2.38 -8.37
C PRO A 75 3.17 -2.50 -9.74
N ARG A 76 4.47 -2.24 -9.73
CA ARG A 76 5.29 -2.13 -10.93
C ARG A 76 5.37 -3.46 -11.67
N ALA A 77 4.97 -4.53 -10.99
CA ALA A 77 4.90 -5.84 -11.60
C ALA A 77 3.76 -5.89 -12.62
N VAL A 78 4.08 -5.51 -13.84
CA VAL A 78 3.09 -5.45 -14.92
C VAL A 78 2.52 -6.83 -15.22
N LYS A 79 3.33 -7.87 -15.06
CA LYS A 79 2.93 -9.23 -15.36
C LYS A 79 1.89 -9.73 -14.35
N ASN A 80 1.94 -9.18 -13.14
CA ASN A 80 0.99 -9.56 -12.11
C ASN A 80 -0.42 -9.14 -12.49
N SER A 81 -0.51 -7.95 -13.08
CA SER A 81 -1.76 -7.40 -13.62
C SER A 81 -2.84 -7.21 -12.54
N SER A 82 -3.50 -8.29 -12.13
CA SER A 82 -4.71 -8.22 -11.34
C SER A 82 -4.43 -8.05 -9.84
N VAL A 83 -3.37 -7.34 -9.49
CA VAL A 83 -3.10 -7.06 -8.09
C VAL A 83 -3.28 -5.58 -7.83
N GLN A 84 -4.01 -5.26 -6.80
CA GLN A 84 -4.10 -3.88 -6.38
C GLN A 84 -3.84 -3.79 -4.88
N PHE A 85 -3.11 -2.78 -4.48
CA PHE A 85 -2.89 -2.52 -3.07
C PHE A 85 -3.86 -1.46 -2.60
N HIS A 86 -4.66 -1.82 -1.64
CA HIS A 86 -5.67 -0.96 -1.12
C HIS A 86 -5.10 -0.20 0.06
N VAL A 87 -4.70 1.04 -0.16
CA VAL A 87 -4.08 1.82 0.90
C VAL A 87 -5.11 2.72 1.54
N ILE A 88 -5.42 2.43 2.79
CA ILE A 88 -6.36 3.25 3.54
C ILE A 88 -5.58 4.19 4.44
N PHE A 89 -6.07 5.40 4.57
CA PHE A 89 -5.42 6.39 5.38
C PHE A 89 -6.15 6.51 6.71
N ASP A 90 -5.52 6.00 7.76
CA ASP A 90 -6.13 5.95 9.08
C ASP A 90 -5.94 7.24 9.83
N GLU A 91 -7.00 7.69 10.48
CA GLU A 91 -6.94 8.88 11.31
C GLU A 91 -7.04 8.50 12.78
N GLU A 92 -6.06 8.94 13.56
CA GLU A 92 -6.04 8.64 14.98
C GLU A 92 -6.04 9.93 15.78
#